data_6V0J
#
_entry.id   6V0J
#
_cell.length_a   1.00
_cell.length_b   1.00
_cell.length_c   1.00
_cell.angle_alpha   90.00
_cell.angle_beta   90.00
_cell.angle_gamma   90.00
#
_symmetry.space_group_name_H-M   'P 1'
#
_entity_poly.entity_id   1
_entity_poly.type   'polypeptide(L)'
_entity_poly.pdbx_seq_one_letter_code
;GNTVTIDFMSADGIVPGRTPVRYQGVEVGTVQDISLSDDLRKIEVKVSIKSDMKDALREETQFWLVTPKASLAGVSGLDA
LVGGNYIGMMPGKGKEQDHFVALDTQPKYRLDNGDLMIHLQAPDLGSLNSGSLVYFRKIPVGKVYDYAINPNKQGVVIDV
LIERRFTDLVKKGSRFWNVSGVDANVSISGAKVKLESLAALVNGAIAFDSPEESKPAEAEDTFGLYEDLAHSQRGVIIKL
ELPSGAGLTADSTPLMYQGLEVGQLTKLDLNPGGKVTGEMTVDPSVVTLLRENTRIELRNPKLSLSDANLSALLTGKTFE
LVPGDGEPRKEFVVVPGEKALLHEPDVLTLTLTAPESYGIDAGQPLILHGVQVGQVIDRKLTSKGVTFTVAIEPQHRELV
KGDSKFVVNSRVDVKVGLDGVEFLGASASEWINGGIRILPGDKGEMKASYPLYANLEKALENSLSDLPTTTVSLSAETLP
DVQAGSVVLYRKFEVGEVITVRPRANAFDIDLHIKPEYRNLLTSNSVFWAEGGAKVQLNGSGLTVQASPLSRALKGAISF
DNLSGASASQRKGDKRILYASETAARAVGGQITLHAFDAGKLAVGMPIRYLGIDIGQIQTLDLITARNEVQAKAVLYPEY
VQTFARGGTRFSVVTPQISAAGVEHLDTILQPYINVEPGRGNPRRDFELQEATITDSRYLDGLSIIVEAPEAGSLGIGTP
VLFRGLEVGTVTGMTLGTLSDRVMIAMRISKRYQHLVRNNSVFWLASGYSLDFGLTGGVVKTGTFNQFIRGGIAFATPPG
TPLAPKAQEGKHFLLQESEPKEWREWGTALPK
;
_entity_poly.pdbx_strand_id   A,B,C,D,E,F
#
# COMPACT_ATOMS: atom_id res chain seq x y z
N GLY A 1 -46.57 -21.59 -21.94
CA GLY A 1 -45.31 -21.87 -22.60
C GLY A 1 -45.21 -21.22 -23.97
N ASN A 2 -44.04 -20.66 -24.28
CA ASN A 2 -43.80 -20.02 -25.56
C ASN A 2 -42.44 -20.46 -26.08
N THR A 3 -42.08 -19.98 -27.27
CA THR A 3 -40.79 -20.30 -27.88
C THR A 3 -40.15 -19.02 -28.36
N VAL A 4 -38.95 -18.73 -27.84
CA VAL A 4 -38.17 -17.56 -28.25
C VAL A 4 -36.73 -18.02 -28.44
N THR A 5 -36.18 -17.77 -29.63
CA THR A 5 -34.79 -18.10 -29.92
C THR A 5 -33.94 -16.84 -29.82
N ILE A 6 -32.81 -16.96 -29.12
CA ILE A 6 -31.89 -15.85 -28.90
C ILE A 6 -30.52 -16.28 -29.36
N ASP A 7 -29.88 -15.46 -30.20
CA ASP A 7 -28.52 -15.72 -30.63
C ASP A 7 -27.54 -15.22 -29.59
N PHE A 8 -26.68 -16.09 -29.10
CA PHE A 8 -25.60 -15.73 -28.21
C PHE A 8 -24.26 -15.86 -28.91
N MET A 9 -23.36 -14.92 -28.59
CA MET A 9 -22.00 -15.04 -29.07
C MET A 9 -21.22 -16.08 -28.28
N SER A 10 -21.45 -16.13 -26.98
CA SER A 10 -20.90 -17.17 -26.13
C SER A 10 -21.82 -17.33 -24.93
N ALA A 11 -22.15 -18.56 -24.59
CA ALA A 11 -23.07 -18.88 -23.52
C ALA A 11 -22.36 -19.76 -22.50
N ASP A 12 -22.14 -19.22 -21.30
CA ASP A 12 -21.31 -19.88 -20.31
C ASP A 12 -22.13 -20.19 -19.07
N GLY A 13 -22.04 -21.43 -18.60
CA GLY A 13 -22.71 -21.82 -17.38
C GLY A 13 -24.21 -21.87 -17.46
N ILE A 14 -24.75 -22.17 -18.64
CA ILE A 14 -26.18 -22.23 -18.86
C ILE A 14 -26.59 -23.70 -18.98
N VAL A 15 -27.50 -24.12 -18.12
CA VAL A 15 -28.01 -25.49 -18.15
C VAL A 15 -29.44 -25.42 -18.67
N PRO A 16 -29.89 -26.37 -19.50
CA PRO A 16 -31.29 -26.37 -19.93
C PRO A 16 -32.29 -26.61 -18.82
N GLY A 17 -31.86 -27.18 -17.70
CA GLY A 17 -32.77 -27.36 -16.59
C GLY A 17 -33.09 -26.07 -15.87
N ARG A 18 -32.09 -25.47 -15.22
CA ARG A 18 -32.30 -24.31 -14.36
C ARG A 18 -31.45 -23.14 -14.84
N THR A 19 -31.99 -22.39 -15.79
CA THR A 19 -31.41 -21.11 -16.18
C THR A 19 -32.57 -20.15 -16.37
N PRO A 20 -32.94 -19.42 -15.33
CA PRO A 20 -34.13 -18.57 -15.40
C PRO A 20 -33.87 -17.30 -16.18
N VAL A 21 -34.95 -16.67 -16.60
CA VAL A 21 -34.90 -15.37 -17.25
C VAL A 21 -35.46 -14.38 -16.25
N ARG A 22 -34.59 -13.56 -15.68
CA ARG A 22 -34.97 -12.66 -14.60
C ARG A 22 -35.13 -11.26 -15.14
N TYR A 23 -36.38 -10.80 -15.25
CA TYR A 23 -36.66 -9.39 -15.46
C TYR A 23 -36.74 -8.71 -14.11
N GLN A 24 -35.81 -7.78 -13.85
CA GLN A 24 -35.68 -7.06 -12.59
C GLN A 24 -35.54 -7.99 -11.38
N GLY A 25 -35.00 -9.18 -11.62
CA GLY A 25 -34.73 -10.14 -10.56
C GLY A 25 -35.85 -11.10 -10.24
N VAL A 26 -36.94 -11.10 -10.98
CA VAL A 26 -38.01 -12.07 -10.77
C VAL A 26 -38.07 -12.98 -11.99
N GLU A 27 -38.27 -14.28 -11.73
CA GLU A 27 -38.22 -15.28 -12.79
C GLU A 27 -39.41 -15.14 -13.72
N VAL A 28 -39.14 -14.90 -15.00
CA VAL A 28 -40.18 -14.62 -15.99
C VAL A 28 -40.13 -15.72 -17.03
N GLY A 29 -38.95 -16.29 -17.26
CA GLY A 29 -38.82 -17.30 -18.28
C GLY A 29 -37.79 -18.34 -17.89
N THR A 30 -37.71 -19.37 -18.72
CA THR A 30 -36.82 -20.50 -18.48
C THR A 30 -36.18 -20.91 -19.79
N VAL A 31 -34.87 -21.14 -19.77
CA VAL A 31 -34.16 -21.65 -20.93
C VAL A 31 -34.62 -23.08 -21.21
N GLN A 32 -35.14 -23.31 -22.41
CA GLN A 32 -35.60 -24.64 -22.78
C GLN A 32 -34.44 -25.52 -23.22
N ASP A 33 -33.76 -25.14 -24.31
CA ASP A 33 -32.72 -25.96 -24.88
C ASP A 33 -31.74 -25.08 -25.62
N ILE A 34 -30.49 -25.52 -25.67
CA ILE A 34 -29.41 -24.79 -26.31
C ILE A 34 -28.90 -25.63 -27.47
N SER A 35 -28.90 -25.05 -28.67
CA SER A 35 -28.33 -25.69 -29.84
C SER A 35 -27.47 -24.68 -30.58
N LEU A 36 -26.55 -25.19 -31.39
CA LEU A 36 -25.72 -24.35 -32.23
C LEU A 36 -26.00 -24.66 -33.69
N SER A 37 -26.10 -23.62 -34.51
CA SER A 37 -26.33 -23.77 -35.94
C SER A 37 -25.00 -23.64 -36.67
N ASP A 38 -24.75 -24.59 -37.58
CA ASP A 38 -23.66 -24.72 -38.56
C ASP A 38 -22.27 -24.31 -38.08
N ASP A 39 -22.04 -24.44 -36.77
CA ASP A 39 -20.72 -24.30 -36.12
C ASP A 39 -20.11 -22.91 -36.36
N LEU A 40 -20.95 -21.89 -36.41
CA LEU A 40 -20.47 -20.53 -36.60
C LEU A 40 -21.05 -19.63 -35.51
N ARG A 41 -20.91 -20.09 -34.26
CA ARG A 41 -21.25 -19.35 -33.04
C ARG A 41 -22.73 -18.97 -32.99
N LYS A 42 -23.57 -19.75 -33.66
CA LYS A 42 -24.99 -19.44 -33.76
C LYS A 42 -25.71 -20.20 -32.66
N ILE A 43 -25.54 -19.72 -31.44
CA ILE A 43 -26.01 -20.44 -30.27
C ILE A 43 -27.51 -20.21 -30.12
N GLU A 44 -28.29 -21.09 -30.73
CA GLU A 44 -29.75 -20.98 -30.67
C GLU A 44 -30.22 -21.46 -29.31
N VAL A 45 -30.81 -20.55 -28.54
CA VAL A 45 -31.27 -20.85 -27.19
C VAL A 45 -32.77 -20.65 -27.14
N LYS A 46 -33.50 -21.73 -26.89
CA LYS A 46 -34.95 -21.68 -26.80
C LYS A 46 -35.36 -21.29 -25.39
N VAL A 47 -36.29 -20.35 -25.29
CA VAL A 47 -36.71 -19.80 -24.01
C VAL A 47 -38.23 -19.81 -23.94
N SER A 48 -38.78 -20.46 -22.92
CA SER A 48 -40.21 -20.42 -22.65
C SER A 48 -40.49 -19.36 -21.62
N ILE A 49 -41.39 -18.45 -21.94
CA ILE A 49 -41.70 -17.28 -21.11
C ILE A 49 -43.14 -17.43 -20.62
N LYS A 50 -43.41 -16.90 -19.42
CA LYS A 50 -44.77 -16.80 -18.92
C LYS A 50 -45.63 -15.96 -19.85
N SER A 51 -46.93 -16.27 -19.86
CA SER A 51 -47.83 -15.74 -20.88
C SER A 51 -48.09 -14.25 -20.73
N ASP A 52 -47.96 -13.72 -19.50
CA ASP A 52 -48.20 -12.30 -19.28
C ASP A 52 -47.13 -11.43 -19.95
N MET A 53 -45.87 -11.86 -19.88
CA MET A 53 -44.81 -11.12 -20.56
C MET A 53 -44.84 -11.35 -22.07
N LYS A 54 -45.40 -12.48 -22.51
CA LYS A 54 -45.51 -12.78 -23.93
C LYS A 54 -46.40 -11.77 -24.65
N ASP A 55 -47.45 -11.30 -23.96
CA ASP A 55 -48.25 -10.22 -24.51
C ASP A 55 -47.47 -8.91 -24.52
N ALA A 56 -46.63 -8.70 -23.52
CA ALA A 56 -45.82 -7.49 -23.44
C ALA A 56 -44.48 -7.62 -24.16
N LEU A 57 -44.19 -8.78 -24.74
CA LEU A 57 -42.96 -8.93 -25.51
C LEU A 57 -43.08 -8.18 -26.83
N ARG A 58 -42.08 -7.38 -27.16
CA ARG A 58 -42.07 -6.59 -28.38
C ARG A 58 -40.70 -6.71 -29.04
N GLU A 59 -40.52 -5.97 -30.13
CA GLU A 59 -39.34 -6.14 -30.97
C GLU A 59 -38.10 -5.51 -30.35
N GLU A 60 -38.25 -4.36 -29.70
CA GLU A 60 -37.12 -3.65 -29.11
C GLU A 60 -36.82 -4.17 -27.70
N THR A 61 -36.61 -5.47 -27.60
CA THR A 61 -36.38 -6.13 -26.32
C THR A 61 -35.00 -6.78 -26.37
N GLN A 62 -34.17 -6.44 -25.39
CA GLN A 62 -32.77 -6.82 -25.38
C GLN A 62 -32.50 -7.84 -24.28
N PHE A 63 -31.67 -8.81 -24.58
CA PHE A 63 -31.30 -9.86 -23.64
C PHE A 63 -29.79 -9.86 -23.43
N TRP A 64 -29.38 -10.27 -22.24
CA TRP A 64 -27.96 -10.31 -21.93
C TRP A 64 -27.71 -11.38 -20.88
N LEU A 65 -26.55 -12.02 -20.97
CA LEU A 65 -26.13 -13.04 -20.01
C LEU A 65 -25.34 -12.37 -18.89
N VAL A 66 -25.70 -12.68 -17.65
CA VAL A 66 -24.93 -12.21 -16.50
C VAL A 66 -24.11 -13.36 -15.94
N THR A 67 -22.85 -13.12 -15.79
CA THR A 67 -21.73 -13.92 -15.32
C THR A 67 -21.20 -13.28 -14.04
N PRO A 68 -20.65 -14.06 -13.11
CA PRO A 68 -19.89 -13.43 -12.03
C PRO A 68 -18.70 -12.66 -12.59
N LYS A 69 -18.84 -11.34 -12.59
CA LYS A 69 -17.82 -10.46 -13.17
C LYS A 69 -16.79 -10.13 -12.09
N ALA A 70 -15.85 -11.06 -11.90
CA ALA A 70 -14.74 -10.83 -10.97
C ALA A 70 -13.48 -10.38 -11.68
N SER A 71 -13.61 -9.69 -12.82
CA SER A 71 -12.47 -9.35 -13.65
C SER A 71 -11.76 -8.10 -13.13
N LEU A 72 -10.95 -7.49 -14.01
CA LEU A 72 -10.18 -6.30 -13.64
C LEU A 72 -11.09 -5.16 -13.18
N ALA A 73 -12.18 -4.92 -13.89
CA ALA A 73 -13.23 -4.04 -13.42
C ALA A 73 -14.51 -4.85 -13.24
N GLY A 74 -14.85 -5.15 -12.00
CA GLY A 74 -16.11 -5.82 -11.75
C GLY A 74 -16.31 -6.32 -10.33
N VAL A 75 -17.50 -6.06 -9.78
CA VAL A 75 -17.98 -6.69 -8.56
C VAL A 75 -19.35 -7.33 -8.75
N SER A 76 -19.97 -7.13 -9.91
CA SER A 76 -21.41 -7.28 -10.10
C SER A 76 -21.88 -8.72 -10.28
N GLY A 77 -21.19 -9.68 -9.70
CA GLY A 77 -21.65 -11.05 -9.78
C GLY A 77 -22.15 -11.59 -8.45
N LEU A 78 -22.78 -10.71 -7.66
CA LEU A 78 -23.24 -11.11 -6.33
C LEU A 78 -24.46 -12.02 -6.43
N ASP A 79 -25.43 -11.65 -7.27
CA ASP A 79 -26.56 -12.54 -7.52
C ASP A 79 -26.12 -13.77 -8.29
N ALA A 80 -25.11 -13.63 -9.14
CA ALA A 80 -24.69 -14.72 -10.00
C ALA A 80 -23.88 -15.77 -9.26
N LEU A 81 -23.26 -15.43 -8.12
CA LEU A 81 -22.61 -16.46 -7.34
C LEU A 81 -23.61 -17.29 -6.55
N VAL A 82 -24.67 -16.66 -6.08
CA VAL A 82 -25.63 -17.36 -5.23
C VAL A 82 -26.55 -18.24 -6.07
N GLY A 83 -27.34 -17.62 -6.94
CA GLY A 83 -28.30 -18.37 -7.73
C GLY A 83 -27.70 -19.11 -8.90
N GLY A 84 -26.63 -18.56 -9.46
CA GLY A 84 -26.05 -19.06 -10.68
C GLY A 84 -26.19 -18.05 -11.80
N ASN A 85 -25.75 -18.47 -12.99
CA ASN A 85 -25.93 -17.64 -14.17
C ASN A 85 -27.40 -17.59 -14.55
N TYR A 86 -27.81 -16.44 -15.10
CA TYR A 86 -29.14 -16.29 -15.65
C TYR A 86 -29.06 -15.27 -16.77
N ILE A 87 -30.21 -14.97 -17.37
CA ILE A 87 -30.27 -13.89 -18.35
C ILE A 87 -31.39 -12.93 -17.96
N GLY A 88 -31.28 -11.71 -18.47
CA GLY A 88 -32.24 -10.67 -18.18
C GLY A 88 -32.86 -10.10 -19.45
N MET A 89 -33.80 -9.20 -19.24
CA MET A 89 -34.53 -8.62 -20.38
C MET A 89 -34.96 -7.20 -20.05
N MET A 90 -35.16 -6.42 -21.10
CA MET A 90 -35.74 -5.09 -21.00
C MET A 90 -36.75 -4.93 -22.14
N PRO A 91 -38.04 -4.87 -21.84
CA PRO A 91 -39.02 -4.70 -22.91
C PRO A 91 -38.97 -3.30 -23.49
N GLY A 92 -39.35 -3.18 -24.75
CA GLY A 92 -39.30 -1.90 -25.43
C GLY A 92 -40.52 -1.63 -26.29
N LYS A 93 -40.44 -0.62 -27.15
CA LYS A 93 -41.58 -0.17 -27.95
C LYS A 93 -41.57 -0.75 -29.36
N GLY A 94 -41.02 -1.95 -29.53
CA GLY A 94 -40.99 -2.57 -30.84
C GLY A 94 -42.34 -3.12 -31.25
N LYS A 95 -42.38 -3.64 -32.48
CA LYS A 95 -43.61 -4.26 -32.97
C LYS A 95 -43.74 -5.71 -32.51
N GLU A 96 -42.84 -6.57 -32.98
CA GLU A 96 -42.88 -8.00 -32.74
C GLU A 96 -41.58 -8.61 -33.22
N GLN A 97 -41.03 -9.52 -32.44
CA GLN A 97 -39.82 -10.24 -32.82
C GLN A 97 -39.78 -11.57 -32.10
N ASP A 98 -39.39 -12.62 -32.82
CA ASP A 98 -39.19 -13.92 -32.23
C ASP A 98 -37.71 -14.27 -32.11
N HIS A 99 -36.92 -13.96 -33.13
CA HIS A 99 -35.50 -14.32 -33.17
C HIS A 99 -34.70 -13.11 -32.72
N PHE A 100 -34.07 -13.21 -31.56
CA PHE A 100 -33.35 -12.09 -30.95
C PHE A 100 -31.85 -12.31 -31.02
N VAL A 101 -31.12 -11.23 -30.83
CA VAL A 101 -29.66 -11.24 -30.72
C VAL A 101 -29.30 -10.69 -29.36
N ALA A 102 -28.55 -11.47 -28.59
CA ALA A 102 -28.23 -11.08 -27.23
C ALA A 102 -27.18 -9.99 -27.20
N LEU A 103 -27.38 -9.02 -26.31
CA LEU A 103 -26.44 -7.93 -26.16
C LEU A 103 -25.24 -8.39 -25.35
N ASP A 104 -24.05 -7.93 -25.73
CA ASP A 104 -22.81 -8.43 -25.16
C ASP A 104 -22.58 -7.99 -23.72
N THR A 105 -23.24 -6.93 -23.27
CA THR A 105 -23.10 -6.46 -21.91
C THR A 105 -24.46 -6.03 -21.40
N GLN A 106 -24.54 -5.83 -20.09
CA GLN A 106 -25.79 -5.38 -19.49
C GLN A 106 -26.00 -3.91 -19.79
N PRO A 107 -27.08 -3.54 -20.47
CA PRO A 107 -27.27 -2.14 -20.86
C PRO A 107 -27.71 -1.28 -19.68
N LYS A 108 -27.73 0.02 -19.92
CA LYS A 108 -28.05 0.99 -18.89
C LYS A 108 -29.56 1.14 -18.77
N TYR A 109 -30.06 1.09 -17.53
CA TYR A 109 -31.49 1.02 -17.27
C TYR A 109 -31.98 2.36 -16.73
N ARG A 110 -32.74 3.08 -17.54
CA ARG A 110 -33.42 4.27 -17.07
C ARG A 110 -34.47 3.92 -16.03
N LEU A 111 -34.54 4.72 -14.97
CA LEU A 111 -35.55 4.52 -13.96
C LEU A 111 -36.78 5.38 -14.27
N ASP A 112 -37.91 4.96 -13.72
CA ASP A 112 -39.18 5.61 -14.02
C ASP A 112 -39.37 6.93 -13.28
N ASN A 113 -38.79 7.06 -12.09
CA ASN A 113 -39.02 8.22 -11.23
C ASN A 113 -38.37 9.47 -11.81
N GLY A 114 -38.87 10.62 -11.37
CA GLY A 114 -38.34 11.88 -11.82
C GLY A 114 -36.98 12.18 -11.25
N ASP A 115 -35.95 12.07 -12.09
CA ASP A 115 -34.58 12.31 -11.71
C ASP A 115 -33.93 13.21 -12.75
N LEU A 116 -33.09 14.12 -12.30
CA LEU A 116 -32.50 15.07 -13.21
C LEU A 116 -31.39 14.42 -14.03
N MET A 117 -31.42 14.66 -15.34
CA MET A 117 -30.57 13.97 -16.29
C MET A 117 -29.90 15.04 -17.15
N ILE A 118 -28.69 15.44 -16.75
CA ILE A 118 -28.02 16.56 -17.41
C ILE A 118 -26.71 16.09 -18.03
N HIS A 119 -26.30 16.80 -19.08
CA HIS A 119 -25.11 16.45 -19.83
C HIS A 119 -23.95 17.35 -19.42
N LEU A 120 -22.74 16.80 -19.46
CA LEU A 120 -21.52 17.55 -19.22
C LEU A 120 -20.64 17.45 -20.45
N GLN A 121 -19.85 18.49 -20.70
CA GLN A 121 -18.87 18.47 -21.78
C GLN A 121 -17.48 18.57 -21.18
N ALA A 122 -16.63 17.64 -21.55
CA ALA A 122 -15.26 17.57 -21.05
C ALA A 122 -14.32 17.35 -22.22
N PRO A 123 -13.09 17.85 -22.14
CA PRO A 123 -12.14 17.59 -23.24
C PRO A 123 -11.69 16.15 -23.29
N ASP A 124 -11.71 15.45 -22.16
CA ASP A 124 -11.52 14.01 -22.12
C ASP A 124 -12.24 13.47 -20.91
N LEU A 125 -12.36 12.15 -20.84
CA LEU A 125 -13.09 11.53 -19.74
C LEU A 125 -12.37 11.67 -18.41
N GLY A 126 -11.04 11.67 -18.43
CA GLY A 126 -10.34 11.71 -17.17
C GLY A 126 -10.40 10.35 -16.50
N SER A 127 -10.35 10.37 -15.17
CA SER A 127 -10.44 9.15 -14.38
C SER A 127 -11.86 8.83 -13.94
N LEU A 128 -12.86 9.21 -14.73
CA LEU A 128 -14.24 8.93 -14.43
C LEU A 128 -14.67 7.63 -15.08
N ASN A 129 -15.49 6.86 -14.38
CA ASN A 129 -16.15 5.71 -14.97
C ASN A 129 -17.63 5.74 -14.61
N SER A 130 -18.40 4.94 -15.32
CA SER A 130 -19.82 4.81 -15.01
C SER A 130 -19.97 4.11 -13.67
N GLY A 131 -20.77 4.70 -12.80
CA GLY A 131 -20.85 4.26 -11.43
C GLY A 131 -20.04 5.09 -10.46
N SER A 132 -19.24 6.03 -10.96
CA SER A 132 -18.58 6.96 -10.06
C SER A 132 -19.58 7.97 -9.52
N LEU A 133 -19.17 8.70 -8.50
CA LEU A 133 -20.09 9.35 -7.59
C LEU A 133 -20.05 10.86 -7.79
N VAL A 134 -21.14 11.53 -7.42
CA VAL A 134 -21.27 12.98 -7.60
C VAL A 134 -21.51 13.61 -6.24
N TYR A 135 -20.64 14.54 -5.85
CA TYR A 135 -20.69 15.15 -4.54
C TYR A 135 -21.23 16.57 -4.58
N PHE A 136 -21.93 16.95 -3.53
CA PHE A 136 -22.27 18.34 -3.24
C PHE A 136 -22.02 18.57 -1.76
N ARG A 137 -21.13 19.52 -1.45
CA ARG A 137 -20.57 19.70 -0.10
C ARG A 137 -19.97 18.40 0.44
N LYS A 138 -19.39 17.62 -0.46
CA LYS A 138 -18.91 16.24 -0.23
C LYS A 138 -20.01 15.33 0.31
N ILE A 139 -21.23 15.48 -0.19
CA ILE A 139 -22.32 14.57 0.07
C ILE A 139 -22.71 13.92 -1.25
N PRO A 140 -22.73 12.59 -1.34
CA PRO A 140 -23.17 11.94 -2.58
C PRO A 140 -24.63 12.17 -2.90
N VAL A 141 -24.89 12.90 -3.98
CA VAL A 141 -26.26 13.23 -4.37
C VAL A 141 -26.50 12.82 -5.81
N GLY A 142 -25.72 11.88 -6.31
CA GLY A 142 -25.94 11.40 -7.65
C GLY A 142 -24.77 10.56 -8.11
N LYS A 143 -24.84 10.14 -9.37
CA LYS A 143 -23.80 9.31 -9.92
C LYS A 143 -23.73 9.50 -11.42
N VAL A 144 -22.60 9.12 -12.00
CA VAL A 144 -22.41 9.24 -13.44
C VAL A 144 -23.16 8.11 -14.12
N TYR A 145 -24.09 8.47 -15.01
CA TYR A 145 -24.92 7.45 -15.64
C TYR A 145 -24.21 6.82 -16.83
N ASP A 146 -23.74 7.64 -17.77
CA ASP A 146 -23.18 7.12 -19.01
C ASP A 146 -22.16 8.11 -19.51
N TYR A 147 -21.49 7.76 -20.61
CA TYR A 147 -20.54 8.65 -21.27
C TYR A 147 -20.48 8.27 -22.74
N ALA A 148 -20.31 9.26 -23.60
CA ALA A 148 -20.34 9.01 -25.03
C ALA A 148 -19.57 10.09 -25.75
N ILE A 149 -18.86 9.69 -26.79
CA ILE A 149 -18.13 10.64 -27.62
C ILE A 149 -19.09 11.32 -28.56
N ASN A 150 -19.07 12.65 -28.57
CA ASN A 150 -19.84 13.43 -29.52
C ASN A 150 -19.31 13.21 -30.94
N PRO A 151 -20.14 13.45 -31.97
CA PRO A 151 -19.69 13.19 -33.35
C PRO A 151 -18.52 14.06 -33.79
N ASN A 152 -18.37 15.26 -33.25
CA ASN A 152 -17.09 15.93 -33.34
C ASN A 152 -16.09 15.18 -32.49
N LYS A 153 -14.95 14.83 -33.06
CA LYS A 153 -14.02 13.92 -32.40
C LYS A 153 -13.21 14.56 -31.28
N GLN A 154 -13.51 15.81 -30.91
CA GLN A 154 -12.68 16.53 -29.96
C GLN A 154 -13.06 16.22 -28.52
N GLY A 155 -14.35 16.26 -28.20
CA GLY A 155 -14.81 16.23 -26.84
C GLY A 155 -15.33 14.89 -26.39
N VAL A 156 -15.82 14.86 -25.17
CA VAL A 156 -16.48 13.70 -24.57
C VAL A 156 -17.70 14.22 -23.81
N VAL A 157 -18.88 13.68 -24.12
CA VAL A 157 -20.10 14.06 -23.43
C VAL A 157 -20.35 13.07 -22.31
N ILE A 158 -20.52 13.58 -21.10
CA ILE A 158 -20.82 12.77 -19.93
C ILE A 158 -22.18 13.22 -19.43
N ASP A 159 -23.10 12.27 -19.26
CA ASP A 159 -24.40 12.59 -18.71
C ASP A 159 -24.57 11.92 -17.35
N VAL A 160 -24.95 12.70 -16.35
CA VAL A 160 -25.02 12.25 -14.97
C VAL A 160 -26.47 12.19 -14.53
N LEU A 161 -26.70 11.76 -13.29
CA LEU A 161 -28.05 11.47 -12.83
C LEU A 161 -28.18 11.92 -11.39
N ILE A 162 -28.84 13.05 -11.18
CA ILE A 162 -29.10 13.57 -9.85
C ILE A 162 -30.28 12.83 -9.25
N GLU A 163 -30.25 12.61 -7.94
CA GLU A 163 -31.34 12.03 -7.19
C GLU A 163 -32.60 12.91 -7.25
N ARG A 164 -33.71 12.33 -6.80
CA ARG A 164 -35.00 13.01 -6.93
C ARG A 164 -35.12 14.20 -5.99
N ARG A 165 -34.70 14.05 -4.74
CA ARG A 165 -34.89 15.11 -3.78
C ARG A 165 -33.84 16.21 -3.86
N PHE A 166 -32.85 16.08 -4.74
CA PHE A 166 -31.79 17.07 -4.85
C PHE A 166 -31.84 17.81 -6.18
N THR A 167 -32.96 17.77 -6.89
CA THR A 167 -33.08 18.50 -8.14
C THR A 167 -33.12 20.00 -7.94
N ASP A 168 -33.41 20.47 -6.72
CA ASP A 168 -33.38 21.89 -6.44
C ASP A 168 -31.95 22.43 -6.43
N LEU A 169 -30.97 21.56 -6.22
CA LEU A 169 -29.59 22.02 -6.04
C LEU A 169 -29.00 22.52 -7.35
N VAL A 170 -29.18 21.77 -8.43
CA VAL A 170 -28.54 22.11 -9.69
C VAL A 170 -29.22 23.33 -10.30
N LYS A 171 -28.51 24.44 -10.31
CA LYS A 171 -29.00 25.70 -10.86
C LYS A 171 -28.44 25.90 -12.25
N LYS A 172 -28.90 26.96 -12.91
CA LYS A 172 -28.38 27.28 -14.23
C LYS A 172 -26.94 27.76 -14.16
N GLY A 173 -26.56 28.41 -13.07
CA GLY A 173 -25.21 28.93 -12.96
C GLY A 173 -24.30 28.07 -12.14
N SER A 174 -24.57 26.77 -12.10
CA SER A 174 -23.72 25.85 -11.36
C SER A 174 -22.51 25.48 -12.19
N ARG A 175 -21.41 25.18 -11.51
CA ARG A 175 -20.18 24.76 -12.15
C ARG A 175 -19.79 23.39 -11.64
N PHE A 176 -19.34 22.53 -12.55
CA PHE A 176 -18.97 21.17 -12.18
C PHE A 176 -17.47 21.02 -12.35
N TRP A 177 -16.78 20.56 -11.31
CA TRP A 177 -15.36 20.35 -11.42
C TRP A 177 -15.00 18.93 -11.08
N ASN A 178 -13.85 18.50 -11.58
CA ASN A 178 -13.40 17.12 -11.46
C ASN A 178 -12.63 16.95 -10.17
N VAL A 179 -12.88 15.82 -9.50
CA VAL A 179 -12.06 15.36 -8.40
C VAL A 179 -11.76 13.88 -8.64
N SER A 180 -10.55 13.57 -9.08
CA SER A 180 -10.15 12.20 -9.37
C SER A 180 -8.64 12.11 -9.34
N GLY A 181 -8.14 10.97 -8.89
CA GLY A 181 -6.71 10.78 -8.75
C GLY A 181 -6.17 11.47 -7.50
N VAL A 182 -4.83 11.49 -7.40
CA VAL A 182 -4.18 12.11 -6.26
C VAL A 182 -2.82 12.62 -6.70
N ASP A 183 -2.33 13.64 -6.00
CA ASP A 183 -1.01 14.21 -6.26
C ASP A 183 -0.36 14.55 -4.92
N ALA A 184 0.69 15.34 -4.97
CA ALA A 184 1.35 15.86 -3.76
C ALA A 184 1.40 17.37 -3.84
N ASN A 185 1.11 18.04 -2.73
CA ASN A 185 1.11 19.50 -2.68
C ASN A 185 2.33 19.94 -1.88
N VAL A 186 3.42 20.21 -2.58
CA VAL A 186 4.65 20.68 -1.95
C VAL A 186 4.72 22.19 -2.14
N SER A 187 4.71 22.93 -1.04
CA SER A 187 4.97 24.35 -1.06
C SER A 187 6.30 24.63 -0.39
N ILE A 188 6.65 25.89 -0.26
CA ILE A 188 7.86 26.27 0.44
C ILE A 188 7.63 26.19 1.94
N SER A 189 8.73 25.97 2.68
CA SER A 189 8.76 25.79 4.13
C SER A 189 7.83 24.65 4.56
N GLY A 190 8.12 23.47 4.05
CA GLY A 190 7.30 22.33 4.41
C GLY A 190 6.24 22.00 3.36
N ALA A 191 5.88 20.72 3.31
CA ALA A 191 4.93 20.19 2.35
C ALA A 191 3.87 19.39 3.08
N LYS A 192 2.61 19.54 2.66
CA LYS A 192 1.54 18.69 3.16
C LYS A 192 0.70 18.18 2.00
N VAL A 193 0.39 16.90 2.05
CA VAL A 193 -0.17 16.18 0.91
C VAL A 193 -1.62 15.83 1.21
N LYS A 194 -2.54 16.58 0.65
CA LYS A 194 -3.96 16.26 0.67
C LYS A 194 -4.56 16.64 -0.67
N LEU A 195 -5.19 15.70 -1.34
CA LEU A 195 -6.00 16.08 -2.48
C LEU A 195 -7.47 15.71 -2.29
N GLU A 196 -7.80 14.43 -2.10
CA GLU A 196 -9.19 13.97 -2.20
C GLU A 196 -9.44 12.89 -1.17
N SER A 197 -10.69 12.41 -1.14
CA SER A 197 -11.12 11.32 -0.27
C SER A 197 -10.76 9.97 -0.90
N LEU A 198 -10.91 8.90 -0.10
CA LEU A 198 -10.48 7.59 -0.56
C LEU A 198 -11.47 6.94 -1.52
N ALA A 199 -12.71 7.40 -1.54
CA ALA A 199 -13.68 6.84 -2.48
C ALA A 199 -13.42 7.33 -3.89
N ALA A 200 -12.92 8.55 -4.02
CA ALA A 200 -12.69 9.15 -5.34
C ALA A 200 -11.46 8.58 -6.04
N LEU A 201 -10.54 7.98 -5.30
CA LEU A 201 -9.27 7.56 -5.88
C LEU A 201 -9.44 6.37 -6.81
N VAL A 202 -10.36 5.46 -6.48
CA VAL A 202 -10.45 4.20 -7.20
C VAL A 202 -11.23 4.36 -8.49
N ASN A 203 -12.35 5.07 -8.43
CA ASN A 203 -13.28 5.09 -9.54
C ASN A 203 -13.57 6.48 -10.09
N GLY A 204 -13.29 7.54 -9.33
CA GLY A 204 -13.50 8.89 -9.82
C GLY A 204 -14.67 9.56 -9.09
N ALA A 205 -14.71 10.89 -9.23
CA ALA A 205 -15.77 11.67 -8.60
C ALA A 205 -15.90 12.99 -9.33
N ILE A 206 -17.03 13.66 -9.09
CA ILE A 206 -17.33 14.97 -9.62
C ILE A 206 -18.02 15.77 -8.52
N ALA A 207 -17.45 16.88 -8.12
CA ALA A 207 -18.14 17.75 -7.18
C ALA A 207 -18.78 18.91 -7.92
N PHE A 208 -19.68 19.60 -7.24
CA PHE A 208 -20.26 20.80 -7.84
C PHE A 208 -20.67 21.80 -6.78
N ASP A 209 -20.96 23.01 -7.25
CA ASP A 209 -21.38 24.12 -6.41
C ASP A 209 -22.75 24.59 -6.84
N SER A 210 -23.50 25.10 -5.88
CA SER A 210 -24.80 25.71 -6.16
C SER A 210 -24.74 27.18 -5.82
N PRO A 211 -24.82 28.08 -6.81
CA PRO A 211 -24.88 29.51 -6.51
C PRO A 211 -26.20 29.88 -5.86
N GLU A 212 -26.22 31.07 -5.26
CA GLU A 212 -27.34 31.43 -4.41
C GLU A 212 -28.54 31.90 -5.21
N GLU A 213 -28.35 32.83 -6.12
CA GLU A 213 -29.44 33.42 -6.90
C GLU A 213 -29.30 32.95 -8.34
N SER A 214 -30.03 31.88 -8.68
CA SER A 214 -30.06 31.37 -10.04
C SER A 214 -31.34 30.55 -10.22
N LYS A 215 -31.79 30.45 -11.45
CA LYS A 215 -32.92 29.58 -11.75
C LYS A 215 -32.48 28.12 -11.66
N PRO A 216 -33.38 27.24 -11.24
CA PRO A 216 -33.02 25.81 -11.18
C PRO A 216 -32.91 25.21 -12.57
N ALA A 217 -31.85 24.46 -12.79
CA ALA A 217 -31.61 23.87 -14.11
C ALA A 217 -32.47 22.62 -14.27
N GLU A 218 -32.70 22.26 -15.54
CA GLU A 218 -33.55 21.12 -15.85
C GLU A 218 -33.27 20.66 -17.27
N ALA A 219 -33.69 19.42 -17.54
CA ALA A 219 -34.01 18.91 -18.88
C ALA A 219 -32.81 18.96 -19.83
N GLU A 220 -31.80 18.16 -19.49
CA GLU A 220 -30.65 17.87 -20.34
C GLU A 220 -29.87 19.13 -20.72
N ASP A 221 -29.68 20.01 -19.75
CA ASP A 221 -28.87 21.19 -19.96
C ASP A 221 -27.39 20.80 -19.94
N THR A 222 -26.60 21.49 -20.75
CA THR A 222 -25.18 21.21 -20.80
C THR A 222 -24.44 22.02 -19.74
N PHE A 223 -23.24 21.53 -19.40
CA PHE A 223 -22.36 22.21 -18.46
C PHE A 223 -20.93 21.90 -18.85
N GLY A 224 -20.04 22.84 -18.56
CA GLY A 224 -18.63 22.58 -18.69
C GLY A 224 -18.09 21.85 -17.48
N LEU A 225 -17.13 20.96 -17.73
CA LEU A 225 -16.46 20.24 -16.65
C LEU A 225 -15.06 20.80 -16.49
N TYR A 226 -14.84 21.50 -15.38
CA TYR A 226 -13.51 22.02 -15.09
C TYR A 226 -12.66 20.90 -14.50
N GLU A 227 -11.36 20.99 -14.69
CA GLU A 227 -10.49 19.90 -14.31
C GLU A 227 -9.95 20.02 -12.90
N ASP A 228 -10.36 21.04 -12.15
CA ASP A 228 -9.87 21.25 -10.80
C ASP A 228 -10.83 22.22 -10.11
N LEU A 229 -10.77 22.23 -8.78
CA LEU A 229 -11.46 23.27 -8.02
C LEU A 229 -10.88 24.64 -8.34
N ALA A 230 -9.56 24.72 -8.53
CA ALA A 230 -8.91 25.98 -8.81
C ALA A 230 -9.31 26.53 -10.18
N HIS A 231 -9.53 25.65 -11.15
CA HIS A 231 -10.03 26.08 -12.44
C HIS A 231 -11.52 26.38 -12.42
N SER A 232 -12.22 26.07 -11.33
CA SER A 232 -13.64 26.33 -11.23
C SER A 232 -13.94 27.62 -10.48
N GLN A 233 -12.94 28.49 -10.33
CA GLN A 233 -13.17 29.75 -9.63
C GLN A 233 -13.97 30.71 -10.50
N ARG A 234 -14.94 31.37 -9.88
CA ARG A 234 -15.65 32.44 -10.55
C ARG A 234 -14.75 33.66 -10.64
N GLY A 235 -15.10 34.57 -11.54
CA GLY A 235 -14.33 35.77 -11.70
C GLY A 235 -14.57 36.40 -13.06
N VAL A 236 -13.80 37.44 -13.33
CA VAL A 236 -13.91 38.21 -14.56
C VAL A 236 -12.63 38.01 -15.35
N ILE A 237 -12.77 37.63 -16.62
CA ILE A 237 -11.62 37.49 -17.49
C ILE A 237 -11.07 38.86 -17.83
N ILE A 238 -9.76 39.04 -17.65
CA ILE A 238 -9.06 40.26 -18.00
C ILE A 238 -7.93 39.89 -18.95
N LYS A 239 -8.00 40.40 -20.18
CA LYS A 239 -6.97 40.11 -21.16
C LYS A 239 -5.75 40.98 -20.92
N LEU A 240 -4.58 40.37 -21.00
CA LEU A 240 -3.31 41.06 -20.82
C LEU A 240 -2.45 40.92 -22.06
N GLU A 241 -1.82 42.02 -22.45
CA GLU A 241 -0.87 42.02 -23.56
C GLU A 241 0.53 42.10 -22.95
N LEU A 242 1.11 40.95 -22.71
CA LEU A 242 2.36 40.84 -21.98
C LEU A 242 3.54 41.19 -22.87
N PRO A 243 4.61 41.74 -22.29
CA PRO A 243 5.80 42.04 -23.10
C PRO A 243 6.52 40.78 -23.57
N SER A 244 6.85 39.88 -22.65
CA SER A 244 7.49 38.61 -22.96
C SER A 244 7.26 37.68 -21.79
N GLY A 245 6.76 36.49 -22.07
CA GLY A 245 6.44 35.56 -21.00
C GLY A 245 7.68 34.85 -20.52
N ALA A 246 8.53 35.53 -19.76
CA ALA A 246 9.86 35.00 -19.45
C ALA A 246 9.78 34.04 -18.28
N GLY A 247 9.27 34.51 -17.15
CA GLY A 247 9.19 33.66 -15.97
C GLY A 247 7.77 33.39 -15.57
N LEU A 248 6.85 33.60 -16.50
CA LEU A 248 5.44 33.47 -16.21
C LEU A 248 4.99 32.02 -16.33
N THR A 249 4.10 31.61 -15.44
CA THR A 249 3.59 30.25 -15.39
C THR A 249 2.11 30.28 -15.73
N ALA A 250 1.62 29.20 -16.31
CA ALA A 250 0.29 29.19 -16.91
C ALA A 250 -0.82 29.31 -15.87
N ASP A 251 -0.65 28.71 -14.69
CA ASP A 251 -1.68 28.74 -13.66
C ASP A 251 -1.13 29.05 -12.28
N SER A 252 0.09 29.58 -12.18
CA SER A 252 0.73 29.76 -10.89
C SER A 252 1.25 31.16 -10.64
N THR A 253 1.14 32.07 -11.60
CA THR A 253 1.64 33.42 -11.42
C THR A 253 0.53 34.30 -10.87
N PRO A 254 0.65 34.80 -9.65
CA PRO A 254 -0.48 35.47 -9.01
C PRO A 254 -0.50 36.97 -9.32
N LEU A 255 -1.57 37.61 -8.90
CA LEU A 255 -1.73 39.05 -8.98
C LEU A 255 -1.81 39.59 -7.55
N MET A 256 -0.73 40.20 -7.11
CA MET A 256 -0.72 40.75 -5.75
C MET A 256 -1.46 42.08 -5.70
N TYR A 257 -1.95 42.39 -4.51
CA TYR A 257 -2.48 43.71 -4.19
C TYR A 257 -2.39 43.85 -2.69
N GLN A 258 -1.61 44.84 -2.23
CA GLN A 258 -1.30 45.07 -0.81
C GLN A 258 -0.69 43.83 -0.16
N GLY A 259 0.05 43.05 -0.93
CA GLY A 259 0.63 41.81 -0.49
C GLY A 259 -0.29 40.61 -0.54
N LEU A 260 -1.57 40.79 -0.82
CA LEU A 260 -2.52 39.69 -0.82
C LEU A 260 -2.80 39.23 -2.24
N GLU A 261 -3.17 37.96 -2.37
CA GLU A 261 -3.47 37.40 -3.67
C GLU A 261 -4.88 37.75 -4.08
N VAL A 262 -5.01 38.38 -5.23
CA VAL A 262 -6.29 38.78 -5.78
C VAL A 262 -6.63 37.96 -7.03
N GLY A 263 -5.73 37.96 -8.01
CA GLY A 263 -5.96 37.28 -9.25
C GLY A 263 -5.00 36.13 -9.45
N GLN A 264 -5.18 35.46 -10.58
CA GLN A 264 -4.38 34.30 -10.93
C GLN A 264 -4.31 34.24 -12.44
N LEU A 265 -3.11 34.23 -12.98
CA LEU A 265 -2.94 34.07 -14.42
C LEU A 265 -3.40 32.68 -14.83
N THR A 266 -4.23 32.61 -15.87
CA THR A 266 -4.86 31.35 -16.23
C THR A 266 -4.48 30.82 -17.60
N LYS A 267 -4.25 31.69 -18.57
CA LYS A 267 -3.92 31.24 -19.91
C LYS A 267 -2.76 32.08 -20.42
N LEU A 268 -1.86 31.44 -21.16
CA LEU A 268 -0.69 32.12 -21.69
C LEU A 268 -0.45 31.63 -23.10
N ASP A 269 -0.41 32.55 -24.06
CA ASP A 269 -0.46 32.21 -25.46
C ASP A 269 0.67 32.89 -26.22
N LEU A 270 1.04 32.29 -27.34
CA LEU A 270 1.98 32.90 -28.28
C LEU A 270 1.21 33.18 -29.55
N ASN A 271 0.77 34.42 -29.72
CA ASN A 271 0.10 34.81 -30.94
C ASN A 271 1.10 34.89 -32.09
N PRO A 272 0.65 34.71 -33.33
CA PRO A 272 1.55 34.94 -34.46
C PRO A 272 1.91 36.41 -34.58
N GLY A 273 3.12 36.66 -35.05
CA GLY A 273 3.69 37.98 -35.01
C GLY A 273 4.54 38.25 -33.80
N GLY A 274 4.73 37.27 -32.92
CA GLY A 274 5.58 37.43 -31.76
C GLY A 274 4.96 38.31 -30.69
N LYS A 275 3.72 38.04 -30.33
CA LYS A 275 3.01 38.81 -29.31
C LYS A 275 2.54 37.84 -28.24
N VAL A 276 3.22 37.84 -27.10
CA VAL A 276 2.83 36.98 -25.99
C VAL A 276 1.67 37.64 -25.27
N THR A 277 0.49 37.07 -25.39
CA THR A 277 -0.70 37.57 -24.73
C THR A 277 -1.28 36.50 -23.82
N GLY A 278 -1.87 36.95 -22.72
CA GLY A 278 -2.51 36.05 -21.78
C GLY A 278 -3.78 36.66 -21.23
N GLU A 279 -4.41 35.93 -20.32
CA GLU A 279 -5.64 36.40 -19.71
C GLU A 279 -5.68 35.92 -18.26
N MET A 280 -6.47 36.61 -17.46
CA MET A 280 -6.42 36.48 -16.02
C MET A 280 -7.81 36.49 -15.42
N THR A 281 -8.03 35.64 -14.43
CA THR A 281 -9.23 35.71 -13.61
C THR A 281 -8.92 36.48 -12.34
N VAL A 282 -9.91 37.22 -11.84
CA VAL A 282 -9.74 38.04 -10.65
C VAL A 282 -10.85 37.70 -9.65
N ASP A 283 -10.64 38.16 -8.42
CA ASP A 283 -11.71 38.15 -7.42
C ASP A 283 -12.79 39.13 -7.85
N PRO A 284 -14.06 38.74 -7.81
CA PRO A 284 -15.14 39.70 -8.13
C PRO A 284 -15.27 40.86 -7.16
N SER A 285 -14.65 40.80 -5.98
CA SER A 285 -14.68 41.94 -5.07
C SER A 285 -13.80 43.08 -5.53
N VAL A 286 -12.84 42.81 -6.41
CA VAL A 286 -11.83 43.80 -6.79
C VAL A 286 -12.10 44.38 -8.19
N VAL A 287 -13.17 43.93 -8.85
CA VAL A 287 -13.53 44.40 -10.19
C VAL A 287 -13.87 45.89 -10.17
N THR A 288 -14.38 46.39 -9.04
CA THR A 288 -14.64 47.82 -8.91
C THR A 288 -13.37 48.66 -8.98
N LEU A 289 -12.23 48.09 -8.59
CA LEU A 289 -10.96 48.79 -8.77
C LEU A 289 -10.47 48.76 -10.20
N LEU A 290 -10.89 47.78 -10.99
CA LEU A 290 -10.46 47.69 -12.38
C LEU A 290 -11.22 48.72 -13.20
N ARG A 291 -10.54 49.81 -13.56
CA ARG A 291 -11.15 50.90 -14.29
C ARG A 291 -10.18 51.34 -15.37
N GLU A 292 -10.45 52.51 -15.96
CA GLU A 292 -9.45 53.18 -16.78
C GLU A 292 -8.28 53.63 -15.91
N ASN A 293 -7.19 53.99 -16.61
CA ASN A 293 -5.83 54.33 -16.10
C ASN A 293 -5.41 53.48 -14.88
N THR A 294 -5.64 52.18 -15.01
CA THR A 294 -5.31 51.19 -13.99
C THR A 294 -4.13 50.37 -14.50
N ARG A 295 -3.03 50.38 -13.76
CA ARG A 295 -1.78 49.82 -14.25
C ARG A 295 -1.49 48.46 -13.63
N ILE A 296 -0.97 47.55 -14.45
CA ILE A 296 -0.51 46.23 -14.02
C ILE A 296 0.94 46.08 -14.48
N GLU A 297 1.87 46.11 -13.54
CA GLU A 297 3.28 45.91 -13.84
C GLU A 297 3.83 44.77 -13.00
N LEU A 298 4.85 44.10 -13.52
CA LEU A 298 5.42 42.93 -12.87
C LEU A 298 6.61 43.30 -11.99
N ARG A 299 6.66 42.70 -10.82
CA ARG A 299 7.75 42.92 -9.87
C ARG A 299 8.68 41.72 -9.86
N ASN A 300 9.97 41.99 -9.85
CA ASN A 300 10.96 40.93 -9.79
C ASN A 300 11.17 40.47 -8.35
N PRO A 301 11.56 39.20 -8.14
CA PRO A 301 11.93 38.76 -6.77
C PRO A 301 13.35 39.20 -6.42
N LYS A 302 13.51 40.49 -6.19
CA LYS A 302 14.83 41.10 -6.04
C LYS A 302 15.42 40.79 -4.68
N LEU A 303 16.75 40.77 -4.62
CA LEU A 303 17.47 40.56 -3.38
C LEU A 303 17.61 41.90 -2.66
N SER A 304 16.79 42.10 -1.64
CA SER A 304 16.80 43.34 -0.86
C SER A 304 17.74 43.18 0.33
N LEU A 305 18.61 44.17 0.51
CA LEU A 305 19.62 44.10 1.56
C LEU A 305 19.01 44.27 2.96
N SER A 306 17.87 44.94 3.06
CA SER A 306 17.23 45.16 4.35
C SER A 306 16.25 44.05 4.70
N ASP A 307 15.42 43.63 3.75
CA ASP A 307 14.43 42.58 3.95
C ASP A 307 14.85 41.38 3.12
N ALA A 308 15.62 40.48 3.71
CA ALA A 308 16.10 39.28 3.03
C ALA A 308 15.07 38.17 3.27
N ASN A 309 14.25 37.92 2.26
CA ASN A 309 13.19 36.92 2.35
C ASN A 309 13.47 35.75 1.42
N LEU A 310 13.41 34.54 1.96
CA LEU A 310 13.65 33.37 1.14
C LEU A 310 12.43 32.97 0.33
N SER A 311 11.24 33.34 0.80
CA SER A 311 10.02 32.85 0.18
C SER A 311 9.75 33.52 -1.16
N ALA A 312 10.08 34.81 -1.27
CA ALA A 312 9.78 35.55 -2.49
C ALA A 312 10.69 35.13 -3.64
N LEU A 313 11.94 34.78 -3.34
CA LEU A 313 12.88 34.42 -4.40
C LEU A 313 12.57 33.05 -5.00
N LEU A 314 11.81 32.21 -4.31
CA LEU A 314 11.38 30.96 -4.93
C LEU A 314 10.19 31.15 -5.87
N THR A 315 9.37 32.18 -5.63
CA THR A 315 8.16 32.34 -6.40
C THR A 315 8.43 32.83 -7.82
N GLY A 316 9.30 33.83 -7.96
CA GLY A 316 9.63 34.34 -9.28
C GLY A 316 8.88 35.61 -9.63
N LYS A 317 8.44 35.71 -10.88
CA LYS A 317 7.74 36.89 -11.35
C LYS A 317 6.41 37.05 -10.64
N THR A 318 5.99 38.30 -10.46
CA THR A 318 4.85 38.61 -9.62
C THR A 318 4.12 39.82 -10.18
N PHE A 319 2.85 39.65 -10.52
CA PHE A 319 2.06 40.75 -11.05
C PHE A 319 1.52 41.61 -9.92
N GLU A 320 1.67 42.92 -10.08
CA GLU A 320 1.24 43.92 -9.11
C GLU A 320 0.11 44.75 -9.70
N LEU A 321 -0.91 45.01 -8.89
CA LEU A 321 -2.05 45.81 -9.30
C LEU A 321 -2.10 47.10 -8.49
N VAL A 322 -2.16 48.24 -9.18
CA VAL A 322 -2.43 49.52 -8.55
C VAL A 322 -3.77 50.04 -9.08
N PRO A 323 -4.62 50.59 -8.23
CA PRO A 323 -5.98 50.95 -8.66
C PRO A 323 -5.99 52.20 -9.53
N GLY A 324 -7.13 52.43 -10.17
CA GLY A 324 -7.34 53.59 -11.00
C GLY A 324 -8.79 54.03 -10.95
N ASP A 325 -9.06 55.15 -11.62
CA ASP A 325 -10.40 55.71 -11.65
C ASP A 325 -10.85 55.90 -13.09
N GLY A 326 -12.17 55.98 -13.27
CA GLY A 326 -12.73 56.21 -14.58
C GLY A 326 -13.68 55.11 -15.02
N GLU A 327 -13.82 54.95 -16.32
CA GLU A 327 -14.71 53.95 -16.86
C GLU A 327 -14.12 52.55 -16.63
N PRO A 328 -14.93 51.56 -16.26
CA PRO A 328 -14.42 50.20 -16.12
C PRO A 328 -14.06 49.60 -17.48
N ARG A 329 -12.79 49.24 -17.64
CA ARG A 329 -12.31 48.53 -18.80
C ARG A 329 -11.90 47.13 -18.40
N LYS A 330 -11.85 46.23 -19.38
CA LYS A 330 -11.65 44.81 -19.10
C LYS A 330 -10.38 44.26 -19.72
N GLU A 331 -9.48 45.13 -20.16
CA GLU A 331 -8.22 44.65 -20.72
C GLU A 331 -7.14 45.67 -20.41
N PHE A 332 -5.90 45.17 -20.31
CA PHE A 332 -4.78 46.03 -19.99
C PHE A 332 -3.57 45.57 -20.80
N VAL A 333 -2.58 46.45 -20.86
CA VAL A 333 -1.32 46.17 -21.55
C VAL A 333 -0.20 46.33 -20.54
N VAL A 334 0.57 45.26 -20.35
CA VAL A 334 1.71 45.29 -19.44
C VAL A 334 2.95 45.69 -20.22
N VAL A 335 3.65 46.70 -19.72
CA VAL A 335 4.87 47.19 -20.36
C VAL A 335 6.10 46.52 -19.74
N GLY B 1 -22.68 -41.27 -30.01
CA GLY B 1 -21.41 -41.51 -29.35
C GLY B 1 -20.27 -41.72 -30.33
N ASN B 2 -19.12 -41.13 -30.02
CA ASN B 2 -17.93 -41.24 -30.86
C ASN B 2 -16.74 -41.52 -29.96
N THR B 3 -15.57 -41.68 -30.58
CA THR B 3 -14.34 -41.94 -29.85
C THR B 3 -13.26 -41.00 -30.38
N VAL B 4 -12.70 -40.18 -29.48
CA VAL B 4 -11.61 -39.27 -29.81
C VAL B 4 -10.58 -39.36 -28.69
N THR B 5 -9.34 -39.66 -29.06
CA THR B 5 -8.24 -39.72 -28.10
C THR B 5 -7.43 -38.44 -28.18
N ILE B 6 -7.14 -37.86 -27.01
CA ILE B 6 -6.39 -36.61 -26.90
C ILE B 6 -5.21 -36.85 -25.98
N ASP B 7 -4.00 -36.49 -26.44
CA ASP B 7 -2.82 -36.58 -25.60
C ASP B 7 -2.74 -35.35 -24.71
N PHE B 8 -2.66 -35.57 -23.40
CA PHE B 8 -2.44 -34.51 -22.43
C PHE B 8 -1.04 -34.64 -21.83
N MET B 9 -0.41 -33.49 -21.59
CA MET B 9 0.84 -33.49 -20.87
C MET B 9 0.61 -33.69 -19.37
N SER B 10 -0.45 -33.09 -18.84
CA SER B 10 -0.87 -33.31 -17.47
C SER B 10 -2.37 -33.03 -17.40
N ALA B 11 -3.11 -33.93 -16.76
CA ALA B 11 -4.56 -33.84 -16.66
C ALA B 11 -4.95 -33.81 -15.20
N ASP B 12 -5.48 -32.68 -14.75
CA ASP B 12 -5.71 -32.44 -13.33
C ASP B 12 -7.20 -32.23 -13.09
N GLY B 13 -7.74 -32.95 -12.11
CA GLY B 13 -9.12 -32.77 -11.72
C GLY B 13 -10.13 -33.25 -12.74
N ILE B 14 -9.78 -34.27 -13.52
CA ILE B 14 -10.66 -34.82 -14.55
C ILE B 14 -11.18 -36.16 -14.07
N VAL B 15 -12.51 -36.28 -14.01
CA VAL B 15 -13.17 -37.51 -13.61
C VAL B 15 -13.79 -38.10 -14.87
N PRO B 16 -13.76 -39.43 -15.04
CA PRO B 16 -14.45 -40.03 -16.19
C PRO B 16 -15.96 -39.88 -16.17
N GLY B 17 -16.55 -39.61 -15.01
CA GLY B 17 -17.98 -39.40 -14.95
C GLY B 17 -18.39 -38.06 -15.52
N ARG B 18 -18.00 -36.97 -14.86
CA ARG B 18 -18.46 -35.63 -15.22
C ARG B 18 -17.26 -34.73 -15.55
N THR B 19 -16.82 -34.79 -16.79
CA THR B 19 -15.87 -33.82 -17.32
C THR B 19 -16.32 -33.46 -18.72
N PRO B 20 -17.12 -32.41 -18.84
CA PRO B 20 -17.70 -32.08 -20.14
C PRO B 20 -16.70 -31.41 -21.05
N VAL B 21 -17.03 -31.42 -22.33
CA VAL B 21 -16.26 -30.72 -23.35
C VAL B 21 -17.09 -29.53 -23.77
N ARG B 22 -16.69 -28.34 -23.36
CA ARG B 22 -17.49 -27.14 -23.57
C ARG B 22 -16.91 -26.35 -24.73
N TYR B 23 -17.60 -26.36 -25.86
CA TYR B 23 -17.33 -25.42 -26.94
C TYR B 23 -18.15 -24.16 -26.70
N GLN B 24 -17.46 -23.04 -26.46
CA GLN B 24 -18.05 -21.75 -26.14
C GLN B 24 -18.99 -21.81 -24.93
N GLY B 25 -18.72 -22.74 -24.02
CA GLY B 25 -19.46 -22.86 -22.79
C GLY B 25 -20.68 -23.76 -22.83
N VAL B 26 -20.95 -24.44 -23.94
CA VAL B 26 -22.06 -25.38 -24.00
C VAL B 26 -21.50 -26.79 -24.15
N GLU B 27 -22.11 -27.73 -23.44
CA GLU B 27 -21.58 -29.10 -23.38
C GLU B 27 -21.76 -29.79 -24.71
N VAL B 28 -20.64 -30.23 -25.30
CA VAL B 28 -20.63 -30.80 -26.64
C VAL B 28 -20.15 -32.24 -26.53
N GLY B 29 -19.30 -32.51 -25.54
CA GLY B 29 -18.74 -33.83 -25.40
C GLY B 29 -18.54 -34.19 -23.95
N THR B 30 -18.15 -35.44 -23.74
CA THR B 30 -17.95 -35.98 -22.40
C THR B 30 -16.72 -36.86 -22.41
N VAL B 31 -15.86 -36.68 -21.40
CA VAL B 31 -14.70 -37.54 -21.22
C VAL B 31 -15.15 -38.95 -20.87
N GLN B 32 -14.76 -39.93 -21.70
CA GLN B 32 -15.14 -41.30 -21.44
C GLN B 32 -14.23 -41.94 -20.40
N ASP B 33 -12.94 -42.05 -20.71
CA ASP B 33 -12.02 -42.75 -19.84
C ASP B 33 -10.61 -42.19 -20.05
N ILE B 34 -9.81 -42.24 -19.00
CA ILE B 34 -8.45 -41.72 -19.01
C ILE B 34 -7.50 -42.89 -18.78
N SER B 35 -6.57 -43.08 -19.71
CA SER B 35 -5.52 -44.07 -19.56
C SER B 35 -4.19 -43.44 -19.91
N LEU B 36 -3.11 -44.04 -19.43
CA LEU B 36 -1.77 -43.61 -19.76
C LEU B 36 -1.04 -44.72 -20.50
N SER B 37 -0.32 -44.35 -21.55
CA SER B 37 0.45 -45.31 -22.33
C SER B 37 1.90 -45.26 -21.90
N ASP B 38 2.47 -46.44 -21.66
CA ASP B 38 3.87 -46.79 -21.35
C ASP B 38 4.61 -45.84 -20.41
N ASP B 39 3.86 -45.19 -19.51
CA ASP B 39 4.37 -44.37 -18.40
C ASP B 39 5.28 -43.24 -18.88
N LEU B 40 4.96 -42.66 -20.04
CA LEU B 40 5.74 -41.54 -20.56
C LEU B 40 4.80 -40.40 -20.91
N ARG B 41 3.95 -40.04 -19.93
CA ARG B 41 3.06 -38.89 -19.97
C ARG B 41 2.07 -38.94 -21.13
N LYS B 42 1.76 -40.15 -21.59
CA LYS B 42 0.90 -40.31 -22.76
C LYS B 42 -0.52 -40.52 -22.27
N ILE B 43 -1.11 -39.43 -21.80
CA ILE B 43 -2.41 -39.49 -21.13
C ILE B 43 -3.50 -39.63 -22.18
N GLU B 44 -3.83 -40.86 -22.53
CA GLU B 44 -4.86 -41.13 -23.53
C GLU B 44 -6.22 -40.89 -22.90
N VAL B 45 -6.96 -39.90 -23.41
CA VAL B 45 -8.25 -39.53 -22.87
C VAL B 45 -9.29 -39.73 -23.95
N LYS B 46 -10.22 -40.64 -23.72
CA LYS B 46 -11.28 -40.94 -24.67
C LYS B 46 -12.44 -39.98 -24.45
N VAL B 47 -12.94 -39.40 -25.53
CA VAL B 47 -13.98 -38.39 -25.48
C VAL B 47 -15.08 -38.76 -26.45
N SER B 48 -16.31 -38.86 -25.95
CA SER B 48 -17.48 -39.06 -26.77
C SER B 48 -18.14 -37.72 -27.04
N ILE B 49 -18.34 -37.40 -28.32
CA ILE B 49 -18.85 -36.10 -28.74
C ILE B 49 -20.23 -36.32 -29.37
N LYS B 50 -21.10 -35.32 -29.25
CA LYS B 50 -22.37 -35.34 -29.96
C LYS B 50 -22.15 -35.38 -31.46
N SER B 51 -23.12 -35.97 -32.17
CA SER B 51 -22.94 -36.34 -33.56
C SER B 51 -22.88 -35.12 -34.48
N ASP B 52 -23.50 -34.00 -34.08
CA ASP B 52 -23.50 -32.81 -34.91
C ASP B 52 -22.10 -32.20 -35.02
N MET B 53 -21.35 -32.18 -33.92
CA MET B 53 -19.98 -31.68 -33.96
C MET B 53 -19.04 -32.68 -34.59
N LYS B 54 -19.39 -33.98 -34.57
CA LYS B 54 -18.56 -35.01 -35.18
C LYS B 54 -18.48 -34.82 -36.69
N ASP B 55 -19.56 -34.35 -37.31
CA ASP B 55 -19.51 -33.99 -38.72
C ASP B 55 -18.65 -32.74 -38.93
N ALA B 56 -18.70 -31.80 -37.99
CA ALA B 56 -17.91 -30.59 -38.07
C ALA B 56 -16.51 -30.74 -37.48
N LEU B 57 -16.18 -31.89 -36.92
CA LEU B 57 -14.83 -32.12 -36.41
C LEU B 57 -13.86 -32.27 -37.58
N ARG B 58 -12.74 -31.54 -37.51
CA ARG B 58 -11.73 -31.57 -38.55
C ARG B 58 -10.35 -31.67 -37.90
N GLU B 59 -9.32 -31.62 -38.73
CA GLU B 59 -7.97 -31.90 -38.26
C GLU B 59 -7.37 -30.73 -37.49
N GLU B 60 -7.65 -29.50 -37.91
CA GLU B 60 -7.10 -28.32 -37.25
C GLU B 60 -7.97 -27.90 -36.06
N THR B 61 -8.18 -28.84 -35.15
CA THR B 61 -9.03 -28.62 -33.99
C THR B 61 -8.20 -28.79 -32.73
N GLN B 62 -8.20 -27.78 -31.88
CA GLN B 62 -7.31 -27.71 -30.73
C GLN B 62 -8.10 -27.86 -29.45
N PHE B 63 -7.54 -28.60 -28.49
CA PHE B 63 -8.16 -28.84 -27.20
C PHE B 63 -7.24 -28.33 -26.10
N TRP B 64 -7.85 -27.89 -24.99
CA TRP B 64 -7.08 -27.40 -23.87
C TRP B 64 -7.86 -27.61 -22.59
N LEU B 65 -7.14 -27.88 -21.51
CA LEU B 65 -7.72 -28.06 -20.18
C LEU B 65 -7.77 -26.73 -19.46
N VAL B 66 -8.94 -26.39 -18.91
CA VAL B 66 -9.06 -25.19 -18.09
C VAL B 66 -9.14 -25.60 -16.62
N THR B 67 -8.29 -24.99 -15.84
CA THR B 67 -8.02 -25.09 -14.43
C THR B 67 -8.37 -23.75 -13.78
N PRO B 68 -8.80 -23.73 -12.52
CA PRO B 68 -8.85 -22.43 -11.81
C PRO B 68 -7.46 -21.82 -11.74
N LYS B 69 -7.25 -20.80 -12.56
CA LYS B 69 -5.95 -20.14 -12.66
C LYS B 69 -5.88 -19.03 -11.62
N ALA B 70 -5.56 -19.41 -10.39
CA ALA B 70 -5.37 -18.45 -9.31
C ALA B 70 -3.90 -18.14 -9.07
N SER B 71 -3.07 -18.24 -10.11
CA SER B 71 -1.62 -18.12 -9.95
C SER B 71 -1.18 -16.66 -9.91
N LEU B 72 0.11 -16.43 -10.14
CA LEU B 72 0.68 -15.08 -10.12
C LEU B 72 -0.01 -14.16 -11.12
N ALA B 73 -0.24 -14.64 -12.33
CA ALA B 73 -1.08 -13.94 -13.29
C ALA B 73 -2.28 -14.83 -13.60
N GLY B 74 -3.44 -14.49 -13.04
CA GLY B 74 -4.64 -15.21 -13.38
C GLY B 74 -5.86 -14.90 -12.53
N VAL B 75 -7.01 -14.71 -13.19
CA VAL B 75 -8.31 -14.67 -12.54
C VAL B 75 -9.28 -15.64 -13.20
N SER B 76 -8.89 -16.28 -14.30
CA SER B 76 -9.81 -16.87 -15.28
C SER B 76 -10.34 -18.24 -14.88
N GLY B 77 -10.47 -18.53 -13.60
CA GLY B 77 -11.06 -19.78 -13.18
C GLY B 77 -12.43 -19.62 -12.56
N LEU B 78 -13.20 -18.65 -13.06
CA LEU B 78 -14.51 -18.38 -12.49
C LEU B 78 -15.51 -19.48 -12.84
N ASP B 79 -15.53 -19.89 -14.11
CA ASP B 79 -16.36 -21.02 -14.50
C ASP B 79 -15.81 -22.31 -13.91
N ALA B 80 -14.50 -22.40 -13.75
CA ALA B 80 -13.87 -23.62 -13.28
C ALA B 80 -14.06 -23.85 -11.79
N LEU B 81 -14.31 -22.81 -11.01
CA LEU B 81 -14.61 -23.03 -9.60
C LEU B 81 -16.04 -23.53 -9.42
N VAL B 82 -16.96 -23.05 -10.24
CA VAL B 82 -18.36 -23.41 -10.07
C VAL B 82 -18.64 -24.80 -10.61
N GLY B 83 -18.47 -24.99 -11.91
CA GLY B 83 -18.78 -26.25 -12.54
C GLY B 83 -17.73 -27.31 -12.31
N GLY B 84 -16.47 -26.91 -12.19
CA GLY B 84 -15.36 -27.81 -12.13
C GLY B 84 -14.47 -27.66 -13.34
N ASN B 85 -13.46 -28.51 -13.41
CA ASN B 85 -12.60 -28.54 -14.58
C ASN B 85 -13.36 -29.08 -15.78
N TYR B 86 -13.00 -28.57 -16.95
CA TYR B 86 -13.53 -29.09 -18.21
C TYR B 86 -12.48 -28.85 -19.29
N ILE B 87 -12.80 -29.24 -20.51
CA ILE B 87 -11.94 -28.92 -21.64
C ILE B 87 -12.76 -28.23 -22.71
N GLY B 88 -12.07 -27.50 -23.58
CA GLY B 88 -12.69 -26.76 -24.65
C GLY B 88 -12.14 -27.16 -26.01
N MET B 89 -12.73 -26.58 -27.04
CA MET B 89 -12.33 -26.90 -28.40
C MET B 89 -12.54 -25.71 -29.31
N MET B 90 -11.79 -25.70 -30.40
CA MET B 90 -11.95 -24.75 -31.48
C MET B 90 -11.84 -25.49 -32.80
N PRO B 91 -12.94 -25.60 -33.55
CA PRO B 91 -12.86 -26.30 -34.83
C PRO B 91 -12.11 -25.48 -35.86
N GLY B 92 -11.50 -26.17 -36.81
CA GLY B 92 -10.72 -25.50 -37.84
C GLY B 92 -10.93 -26.07 -39.22
N LYS B 93 -10.05 -25.70 -40.15
CA LYS B 93 -10.20 -26.07 -41.56
C LYS B 93 -9.39 -27.29 -41.94
N GLY B 94 -9.16 -28.21 -41.00
CA GLY B 94 -8.39 -29.40 -41.29
C GLY B 94 -9.18 -30.41 -42.09
N LYS B 95 -8.51 -31.51 -42.44
CA LYS B 95 -9.18 -32.58 -43.17
C LYS B 95 -9.91 -33.53 -42.21
N GLU B 96 -9.15 -34.24 -41.38
CA GLU B 96 -9.68 -35.27 -40.49
C GLU B 96 -8.58 -35.68 -39.53
N GLN B 97 -8.93 -35.84 -38.26
CA GLN B 97 -7.99 -36.30 -37.26
C GLN B 97 -8.76 -36.97 -36.13
N ASP B 98 -8.25 -38.10 -35.65
CA ASP B 98 -8.80 -38.77 -34.49
C ASP B 98 -7.92 -38.60 -33.25
N HIS B 99 -6.61 -38.70 -33.41
CA HIS B 99 -5.68 -38.63 -32.29
C HIS B 99 -5.14 -37.21 -32.21
N PHE B 100 -5.51 -36.50 -31.15
CA PHE B 100 -5.16 -35.10 -30.99
C PHE B 100 -4.11 -34.93 -29.90
N VAL B 101 -3.49 -33.75 -29.91
CA VAL B 101 -2.53 -33.33 -28.89
C VAL B 101 -3.08 -32.06 -28.27
N ALA B 102 -3.25 -32.07 -26.95
CA ALA B 102 -3.86 -30.95 -26.27
C ALA B 102 -2.89 -29.77 -26.17
N LEU B 103 -3.41 -28.58 -26.39
CA LEU B 103 -2.61 -27.37 -26.30
C LEU B 103 -2.42 -27.00 -24.83
N ASP B 104 -1.23 -26.52 -24.49
CA ASP B 104 -0.86 -26.30 -23.10
C ASP B 104 -1.57 -25.11 -22.48
N THR B 105 -2.09 -24.19 -23.28
CA THR B 105 -2.81 -23.04 -22.76
C THR B 105 -4.01 -22.77 -23.64
N GLN B 106 -4.91 -21.93 -23.16
CA GLN B 106 -6.08 -21.57 -23.93
C GLN B 106 -5.68 -20.60 -25.05
N PRO B 107 -5.90 -20.95 -26.30
CA PRO B 107 -5.44 -20.10 -27.40
C PRO B 107 -6.35 -18.89 -27.58
N LYS B 108 -5.90 -17.98 -28.44
CA LYS B 108 -6.60 -16.73 -28.68
C LYS B 108 -7.71 -16.94 -29.70
N TYR B 109 -8.90 -16.43 -29.39
CA TYR B 109 -10.09 -16.73 -30.17
C TYR B 109 -10.50 -15.49 -30.96
N ARG B 110 -10.32 -15.55 -32.27
CA ARG B 110 -10.83 -14.52 -33.15
C ARG B 110 -12.36 -14.52 -33.14
N LEU B 111 -12.93 -13.32 -33.09
CA LEU B 111 -14.38 -13.19 -33.16
C LEU B 111 -14.83 -12.99 -34.59
N ASP B 112 -16.09 -13.32 -34.85
CA ASP B 112 -16.62 -13.29 -36.20
C ASP B 112 -16.95 -11.89 -36.69
N ASN B 113 -17.33 -10.99 -35.78
CA ASN B 113 -17.80 -9.66 -36.15
C ASN B 113 -16.67 -8.80 -36.69
N GLY B 114 -17.05 -7.78 -37.44
CA GLY B 114 -16.08 -6.86 -38.02
C GLY B 114 -15.44 -5.96 -36.99
N ASP B 115 -14.19 -6.25 -36.67
CA ASP B 115 -13.42 -5.49 -35.70
C ASP B 115 -12.06 -5.17 -36.29
N LEU B 116 -11.57 -3.98 -36.00
CA LEU B 116 -10.32 -3.55 -36.59
C LEU B 116 -9.14 -4.22 -35.90
N MET B 117 -8.23 -4.74 -36.71
CA MET B 117 -7.14 -5.59 -36.25
C MET B 117 -5.84 -5.03 -36.80
N ILE B 118 -5.17 -4.17 -36.04
CA ILE B 118 -4.00 -3.46 -36.53
C ILE B 118 -2.78 -3.83 -35.72
N HIS B 119 -1.62 -3.73 -36.36
CA HIS B 119 -0.35 -4.10 -35.75
C HIS B 119 0.39 -2.85 -35.27
N LEU B 120 1.13 -3.01 -34.19
CA LEU B 120 2.00 -1.96 -33.66
C LEU B 120 3.42 -2.48 -33.64
N GLN B 121 4.38 -1.58 -33.82
CA GLN B 121 5.79 -1.92 -33.69
C GLN B 121 6.39 -1.15 -32.52
N ALA B 122 7.02 -1.88 -31.62
CA ALA B 122 7.62 -1.32 -30.42
C ALA B 122 9.01 -1.87 -30.25
N PRO B 123 9.94 -1.11 -29.67
CA PRO B 123 11.28 -1.66 -29.45
C PRO B 123 11.31 -2.73 -28.37
N ASP B 124 10.37 -2.69 -27.44
CA ASP B 124 10.15 -3.76 -26.49
C ASP B 124 8.69 -3.72 -26.07
N LEU B 125 8.26 -4.78 -25.38
CA LEU B 125 6.86 -4.87 -24.99
C LEU B 125 6.50 -3.85 -23.91
N GLY B 126 7.44 -3.51 -23.04
CA GLY B 126 7.09 -2.62 -21.96
C GLY B 126 6.28 -3.35 -20.92
N SER B 127 5.41 -2.61 -20.23
CA SER B 127 4.54 -3.18 -19.22
C SER B 127 3.18 -3.58 -19.76
N LEU B 128 3.11 -3.96 -21.04
CA LEU B 128 1.86 -4.37 -21.65
C LEU B 128 1.71 -5.89 -21.53
N ASN B 129 0.48 -6.33 -21.31
CA ASN B 129 0.15 -7.74 -21.41
C ASN B 129 -1.11 -7.90 -22.23
N SER B 130 -1.36 -9.14 -22.65
CA SER B 130 -2.59 -9.44 -23.36
C SER B 130 -3.77 -9.31 -22.41
N GLY B 131 -4.78 -8.59 -22.83
CA GLY B 131 -5.86 -8.21 -21.96
C GLY B 131 -5.76 -6.81 -21.40
N SER B 132 -4.65 -6.11 -21.64
CA SER B 132 -4.57 -4.72 -21.26
C SER B 132 -5.42 -3.88 -22.22
N LEU B 133 -5.65 -2.64 -21.83
CA LEU B 133 -6.76 -1.86 -22.36
C LEU B 133 -6.25 -0.76 -23.26
N VAL B 134 -7.10 -0.30 -24.18
CA VAL B 134 -6.74 0.73 -25.15
C VAL B 134 -7.68 1.91 -24.99
N TYR B 135 -7.13 3.09 -24.73
CA TYR B 135 -7.92 4.27 -24.44
C TYR B 135 -7.93 5.24 -25.61
N PHE B 136 -9.06 5.94 -25.75
CA PHE B 136 -9.16 7.12 -26.61
C PHE B 136 -9.93 8.16 -25.83
N ARG B 137 -9.30 9.32 -25.60
CA ARG B 137 -9.77 10.34 -24.66
C ARG B 137 -10.03 9.75 -23.28
N LYS B 138 -9.18 8.78 -22.90
CA LYS B 138 -9.33 7.94 -21.71
C LYS B 138 -10.67 7.22 -21.65
N ILE B 139 -11.15 6.75 -22.81
CA ILE B 139 -12.30 5.87 -22.89
C ILE B 139 -11.82 4.54 -23.46
N PRO B 140 -12.08 3.42 -22.78
CA PRO B 140 -11.70 2.12 -23.33
C PRO B 140 -12.46 1.75 -24.59
N VAL B 141 -11.75 1.68 -25.71
CA VAL B 141 -12.36 1.38 -27.00
C VAL B 141 -11.64 0.21 -27.66
N GLY B 142 -10.98 -0.61 -26.86
CA GLY B 142 -10.34 -1.79 -27.41
C GLY B 142 -9.39 -2.40 -26.40
N LYS B 143 -8.69 -3.43 -26.85
CA LYS B 143 -7.78 -4.12 -25.95
C LYS B 143 -6.68 -4.76 -26.77
N VAL B 144 -5.59 -5.08 -26.11
CA VAL B 144 -4.45 -5.72 -26.76
C VAL B 144 -4.78 -7.19 -26.98
N TYR B 145 -4.73 -7.62 -28.23
CA TYR B 145 -5.12 -8.99 -28.54
C TYR B 145 -3.97 -9.95 -28.32
N ASP B 146 -2.81 -9.69 -28.93
CA ASP B 146 -1.71 -10.63 -28.89
C ASP B 146 -0.41 -9.83 -29.01
N TYR B 147 0.71 -10.53 -28.92
CA TYR B 147 2.02 -9.94 -29.11
C TYR B 147 2.97 -11.02 -29.59
N ALA B 148 3.90 -10.65 -30.46
CA ALA B 148 4.78 -11.63 -31.06
C ALA B 148 6.06 -10.95 -31.50
N ILE B 149 7.18 -11.65 -31.33
CA ILE B 149 8.46 -11.15 -31.78
C ILE B 149 8.58 -11.36 -33.28
N ASN B 150 8.91 -10.30 -34.00
CA ASN B 150 9.19 -10.39 -35.41
C ASN B 150 10.48 -11.20 -35.65
N PRO B 151 10.64 -11.77 -36.86
CA PRO B 151 11.83 -12.60 -37.11
C PRO B 151 13.15 -11.86 -37.02
N ASN B 152 13.16 -10.56 -37.32
CA ASN B 152 14.28 -9.73 -36.88
C ASN B 152 14.22 -9.62 -35.37
N LYS B 153 15.33 -9.91 -34.70
CA LYS B 153 15.32 -10.04 -33.25
C LYS B 153 15.28 -8.71 -32.51
N GLN B 154 15.12 -7.59 -33.23
CA GLN B 154 15.22 -6.28 -32.59
C GLN B 154 13.90 -5.86 -31.95
N GLY B 155 12.79 -5.99 -32.67
CA GLY B 155 11.54 -5.39 -32.28
C GLY B 155 10.57 -6.36 -31.66
N VAL B 156 9.39 -5.84 -31.35
CA VAL B 156 8.25 -6.62 -30.86
C VAL B 156 7.01 -6.11 -31.57
N VAL B 157 6.28 -7.02 -32.21
CA VAL B 157 5.04 -6.66 -32.89
C VAL B 157 3.87 -6.92 -31.94
N ILE B 158 3.05 -5.90 -31.74
CA ILE B 158 1.86 -5.98 -30.91
C ILE B 158 0.68 -5.72 -31.80
N ASP B 159 -0.29 -6.62 -31.81
CA ASP B 159 -1.51 -6.39 -32.58
C ASP B 159 -2.70 -6.26 -31.64
N VAL B 160 -3.46 -5.18 -31.83
CA VAL B 160 -4.54 -4.82 -30.93
C VAL B 160 -5.87 -5.00 -31.64
N LEU B 161 -6.97 -4.74 -30.94
CA LEU B 161 -8.29 -5.07 -31.45
C LEU B 161 -9.26 -3.96 -31.06
N ILE B 162 -9.59 -3.12 -32.02
CA ILE B 162 -10.56 -2.05 -31.82
C ILE B 162 -11.96 -2.62 -31.90
N GLU B 163 -12.88 -2.08 -31.09
CA GLU B 163 -14.29 -2.43 -31.12
C GLU B 163 -14.92 -2.09 -32.47
N ARG B 164 -16.13 -2.59 -32.68
CA ARG B 164 -16.80 -2.46 -33.97
C ARG B 164 -17.24 -1.02 -34.25
N ARG B 165 -17.83 -0.37 -33.26
CA ARG B 165 -18.37 0.96 -33.50
C ARG B 165 -17.33 2.06 -33.44
N PHE B 166 -16.07 1.74 -33.15
CA PHE B 166 -15.03 2.75 -33.05
C PHE B 166 -13.99 2.62 -34.15
N THR B 167 -14.30 1.90 -35.23
CA THR B 167 -13.37 1.78 -36.35
C THR B 167 -13.19 3.09 -37.10
N ASP B 168 -14.11 4.04 -36.95
CA ASP B 168 -13.95 5.34 -37.57
C ASP B 168 -12.84 6.15 -36.91
N LEU B 169 -12.49 5.82 -35.67
CA LEU B 169 -11.54 6.65 -34.93
C LEU B 169 -10.13 6.49 -35.46
N VAL B 170 -9.70 5.26 -35.70
CA VAL B 170 -8.31 5.02 -36.10
C VAL B 170 -8.11 5.49 -37.53
N LYS B 171 -7.33 6.56 -37.68
CA LYS B 171 -7.03 7.13 -38.97
C LYS B 171 -5.65 6.69 -39.41
N LYS B 172 -5.29 7.06 -40.64
CA LYS B 172 -3.95 6.75 -41.13
C LYS B 172 -2.87 7.53 -40.40
N GLY B 173 -3.19 8.74 -39.96
CA GLY B 173 -2.22 9.58 -39.30
C GLY B 173 -2.32 9.56 -37.80
N SER B 174 -2.84 8.47 -37.24
CA SER B 174 -2.96 8.35 -35.80
C SER B 174 -1.64 7.92 -35.20
N ARG B 175 -1.40 8.34 -33.96
CA ARG B 175 -0.19 7.98 -33.23
C ARG B 175 -0.59 7.25 -31.96
N PHE B 176 0.15 6.19 -31.63
CA PHE B 176 -0.15 5.39 -30.46
C PHE B 176 0.98 5.59 -29.46
N TRP B 177 0.65 5.97 -28.23
CA TRP B 177 1.68 6.11 -27.21
C TRP B 177 1.37 5.23 -26.02
N ASN B 178 2.41 4.92 -25.27
CA ASN B 178 2.33 4.00 -24.14
C ASN B 178 1.95 4.75 -22.89
N VAL B 179 1.07 4.16 -22.10
CA VAL B 179 0.79 4.59 -20.73
C VAL B 179 0.81 3.35 -19.83
N SER B 180 1.90 3.19 -19.08
CA SER B 180 2.06 2.04 -18.22
C SER B 180 3.07 2.37 -17.13
N GLY B 181 2.85 1.83 -15.94
CA GLY B 181 3.72 2.13 -14.81
C GLY B 181 3.42 3.49 -14.22
N VAL B 182 4.28 3.92 -13.30
CA VAL B 182 4.10 5.21 -12.63
C VAL B 182 5.48 5.72 -12.23
N ASP B 183 5.58 7.05 -12.11
CA ASP B 183 6.82 7.70 -11.68
C ASP B 183 6.44 8.87 -10.77
N ALA B 184 7.38 9.75 -10.53
CA ALA B 184 7.15 10.98 -9.77
C ALA B 184 7.59 12.17 -10.61
N ASN B 185 6.78 13.22 -10.63
CA ASN B 185 7.08 14.42 -11.42
C ASN B 185 7.50 15.52 -10.45
N VAL B 186 8.80 15.64 -10.22
CA VAL B 186 9.34 16.68 -9.35
C VAL B 186 9.87 17.80 -10.22
N SER B 187 9.28 18.98 -10.10
CA SER B 187 9.80 20.18 -10.72
C SER B 187 10.34 21.11 -9.64
N ILE B 188 10.79 22.28 -10.06
CA ILE B 188 11.26 23.28 -9.10
C ILE B 188 10.06 23.96 -8.46
N SER B 189 10.28 24.47 -7.25
CA SER B 189 9.27 25.12 -6.40
C SER B 189 8.07 24.19 -6.18
N GLY B 190 8.35 23.05 -5.58
CA GLY B 190 7.26 22.12 -5.31
C GLY B 190 7.17 21.03 -6.35
N ALA B 191 6.65 19.89 -5.92
CA ALA B 191 6.51 18.69 -6.74
C ALA B 191 5.10 18.15 -6.63
N LYS B 192 4.54 17.73 -7.76
CA LYS B 192 3.25 17.04 -7.76
C LYS B 192 3.33 15.79 -8.61
N VAL B 193 2.78 14.70 -8.09
CA VAL B 193 2.99 13.37 -8.63
C VAL B 193 1.70 12.87 -9.24
N LYS B 194 1.61 12.94 -10.56
CA LYS B 194 0.52 12.32 -11.31
C LYS B 194 1.11 11.75 -12.59
N LEU B 195 0.89 10.46 -12.83
CA LEU B 195 1.18 9.95 -14.15
C LEU B 195 -0.04 9.37 -14.83
N GLU B 196 -0.71 8.36 -14.25
CA GLU B 196 -1.71 7.58 -14.96
C GLU B 196 -2.84 7.20 -14.01
N SER B 197 -3.84 6.51 -14.56
CA SER B 197 -4.98 6.00 -13.81
C SER B 197 -4.62 4.67 -13.14
N LEU B 198 -5.50 4.22 -12.25
CA LEU B 198 -5.19 3.03 -11.46
C LEU B 198 -5.38 1.73 -12.25
N ALA B 199 -6.14 1.77 -13.34
CA ALA B 199 -6.30 0.55 -14.13
C ALA B 199 -5.05 0.25 -14.94
N ALA B 200 -4.34 1.28 -15.36
CA ALA B 200 -3.16 1.11 -16.19
C ALA B 200 -1.95 0.60 -15.41
N LEU B 201 -1.95 0.76 -14.08
CA LEU B 201 -0.75 0.44 -13.31
C LEU B 201 -0.51 -1.06 -13.24
N VAL B 202 -1.59 -1.85 -13.17
CA VAL B 202 -1.46 -3.26 -12.89
C VAL B 202 -1.10 -4.04 -14.14
N ASN B 203 -1.76 -3.73 -15.25
CA ASN B 203 -1.66 -4.56 -16.44
C ASN B 203 -1.15 -3.81 -17.67
N GLY B 204 -1.22 -2.49 -17.70
CA GLY B 204 -0.75 -1.73 -18.83
C GLY B 204 -1.89 -1.10 -19.62
N ALA B 205 -1.53 -0.13 -20.45
CA ALA B 205 -2.51 0.57 -21.27
C ALA B 205 -1.81 1.20 -22.46
N ILE B 206 -2.61 1.57 -23.45
CA ILE B 206 -2.16 2.26 -24.65
C ILE B 206 -3.21 3.31 -24.99
N ALA B 207 -2.82 4.56 -25.04
CA ALA B 207 -3.73 5.59 -25.50
C ALA B 207 -3.42 5.95 -26.94
N PHE B 208 -4.35 6.64 -27.59
CA PHE B 208 -4.07 7.12 -28.93
C PHE B 208 -4.85 8.39 -29.23
N ASP B 209 -4.46 9.03 -30.33
CA ASP B 209 -5.06 10.25 -30.79
C ASP B 209 -5.62 10.05 -32.19
N SER B 210 -6.67 10.78 -32.50
CA SER B 210 -7.27 10.78 -33.83
C SER B 210 -7.10 12.15 -34.45
N PRO B 211 -6.29 12.32 -35.49
CA PRO B 211 -6.20 13.61 -36.17
C PRO B 211 -7.48 13.91 -36.93
N GLU B 212 -7.63 15.18 -37.29
CA GLU B 212 -8.91 15.65 -37.82
C GLU B 212 -9.10 15.27 -39.27
N GLU B 213 -8.13 15.58 -40.12
CA GLU B 213 -8.24 15.33 -41.55
C GLU B 213 -7.28 14.22 -41.93
N SER B 214 -7.79 13.00 -41.99
CA SER B 214 -7.02 11.84 -42.42
C SER B 214 -7.98 10.76 -42.89
N LYS B 215 -7.48 9.89 -43.76
CA LYS B 215 -8.27 8.74 -44.19
C LYS B 215 -8.36 7.74 -43.04
N PRO B 216 -9.48 7.02 -42.93
CA PRO B 216 -9.60 6.01 -41.88
C PRO B 216 -8.72 4.81 -42.17
N ALA B 217 -7.98 4.36 -41.15
CA ALA B 217 -7.07 3.24 -41.32
C ALA B 217 -7.85 1.92 -41.29
N GLU B 218 -7.24 0.89 -41.88
CA GLU B 218 -7.88 -0.40 -41.96
C GLU B 218 -6.83 -1.47 -42.23
N ALA B 219 -7.23 -2.71 -41.96
CA ALA B 219 -6.67 -3.94 -42.56
C ALA B 219 -5.17 -4.09 -42.27
N GLU B 220 -4.88 -4.29 -40.98
CA GLU B 220 -3.55 -4.68 -40.48
C GLU B 220 -2.47 -3.68 -40.85
N ASP B 221 -2.79 -2.39 -40.71
CA ASP B 221 -1.80 -1.36 -40.93
C ASP B 221 -0.88 -1.27 -39.73
N THR B 222 0.38 -0.96 -39.99
CA THR B 222 1.35 -0.83 -38.92
C THR B 222 1.33 0.57 -38.34
N PHE B 223 1.82 0.68 -37.11
CA PHE B 223 1.96 1.96 -36.42
C PHE B 223 3.16 1.87 -35.50
N GLY B 224 3.79 3.01 -35.28
CA GLY B 224 4.82 3.09 -34.26
C GLY B 224 4.21 3.31 -32.90
N LEU B 225 4.84 2.72 -31.88
CA LEU B 225 4.41 2.90 -30.50
C LEU B 225 5.41 3.80 -29.81
N TYR B 226 4.98 5.01 -29.49
CA TYR B 226 5.83 5.93 -28.74
C TYR B 226 5.77 5.57 -27.27
N GLU B 227 6.83 5.89 -26.55
CA GLU B 227 6.94 5.44 -25.17
C GLU B 227 6.38 6.44 -24.17
N ASP B 228 5.82 7.54 -24.63
CA ASP B 228 5.29 8.57 -23.75
C ASP B 228 4.39 9.47 -24.57
N LEU B 229 3.52 10.22 -23.88
CA LEU B 229 2.77 11.28 -24.53
C LEU B 229 3.70 12.37 -25.07
N ALA B 230 4.78 12.66 -24.32
CA ALA B 230 5.72 13.69 -24.74
C ALA B 230 6.48 13.28 -25.99
N HIS B 231 6.79 11.99 -26.13
CA HIS B 231 7.41 11.51 -27.35
C HIS B 231 6.41 11.38 -28.49
N SER B 232 5.12 11.54 -28.24
CA SER B 232 4.12 11.44 -29.29
C SER B 232 3.71 12.79 -29.82
N GLN B 233 4.49 13.83 -29.58
CA GLN B 233 4.16 15.16 -30.07
C GLN B 233 4.40 15.25 -31.57
N ARG B 234 3.45 15.85 -32.27
CA ARG B 234 3.66 16.16 -33.66
C ARG B 234 4.63 17.33 -33.79
N GLY B 235 5.20 17.48 -34.97
CA GLY B 235 6.12 18.56 -35.22
C GLY B 235 7.02 18.26 -36.40
N VAL B 236 7.97 19.15 -36.61
CA VAL B 236 8.91 19.07 -37.71
C VAL B 236 10.30 18.82 -37.15
N ILE B 237 10.97 17.79 -37.67
CA ILE B 237 12.34 17.50 -37.26
C ILE B 237 13.26 18.57 -37.81
N ILE B 238 14.09 19.13 -36.95
CA ILE B 238 15.10 20.11 -37.34
C ILE B 238 16.45 19.59 -36.87
N LYS B 239 17.35 19.32 -37.80
CA LYS B 239 18.67 18.83 -37.44
C LYS B 239 19.56 19.98 -36.99
N LEU B 240 20.30 19.74 -35.92
CA LEU B 240 21.21 20.72 -35.37
C LEU B 240 22.63 20.16 -35.34
N GLU B 241 23.59 20.99 -35.73
CA GLU B 241 25.01 20.64 -35.65
C GLU B 241 25.59 21.40 -34.46
N LEU B 242 25.56 20.76 -33.32
CA LEU B 242 25.91 21.39 -32.06
C LEU B 242 27.43 21.50 -31.91
N PRO B 243 27.92 22.53 -31.21
CA PRO B 243 29.36 22.64 -30.98
C PRO B 243 29.90 21.56 -30.05
N SER B 244 29.30 21.42 -28.87
CA SER B 244 29.67 20.41 -27.89
C SER B 244 28.50 20.24 -26.94
N GLY B 245 28.05 19.01 -26.76
CA GLY B 245 26.90 18.76 -25.93
C GLY B 245 27.28 18.76 -24.46
N ALA B 246 27.52 19.95 -23.90
CA ALA B 246 28.12 20.03 -22.56
C ALA B 246 27.04 19.88 -21.49
N GLY B 247 26.03 20.73 -21.53
CA GLY B 247 24.98 20.68 -20.52
C GLY B 247 23.65 20.30 -21.13
N LEU B 248 23.69 19.71 -22.31
CA LEU B 248 22.48 19.41 -23.03
C LEU B 248 21.92 18.07 -22.60
N THR B 249 20.59 17.99 -22.51
CA THR B 249 19.89 16.80 -22.06
C THR B 249 19.09 16.26 -23.24
N ALA B 250 18.89 14.95 -23.26
CA ALA B 250 18.36 14.27 -24.44
C ALA B 250 16.92 14.65 -24.72
N ASP B 251 16.10 14.84 -23.69
CA ASP B 251 14.69 15.16 -23.87
C ASP B 251 14.21 16.29 -22.99
N SER B 252 15.12 17.08 -22.43
CA SER B 252 14.73 18.09 -21.45
C SER B 252 15.25 19.49 -21.77
N THR B 253 16.04 19.66 -22.82
CA THR B 253 16.58 20.98 -23.14
C THR B 253 15.62 21.68 -24.09
N PRO B 254 14.99 22.77 -23.68
CA PRO B 254 13.93 23.37 -24.49
C PRO B 254 14.48 24.39 -25.48
N LEU B 255 13.58 24.84 -26.34
CA LEU B 255 13.84 25.92 -27.29
C LEU B 255 12.96 27.10 -26.91
N MET B 256 13.55 28.12 -26.31
CA MET B 256 12.77 29.28 -25.93
C MET B 256 12.52 30.19 -27.14
N TYR B 257 11.44 30.96 -27.04
CA TYR B 257 11.16 32.04 -27.97
C TYR B 257 10.23 33.01 -27.24
N GLN B 258 10.70 34.24 -27.03
CA GLN B 258 10.01 35.27 -26.24
C GLN B 258 9.71 34.78 -24.82
N GLY B 259 10.58 33.93 -24.29
CA GLY B 259 10.39 33.33 -23.00
C GLY B 259 9.50 32.11 -22.96
N LEU B 260 8.85 31.76 -24.05
CA LEU B 260 7.93 30.64 -24.08
C LEU B 260 8.59 29.43 -24.72
N GLU B 261 8.12 28.25 -24.33
CA GLU B 261 8.66 27.01 -24.87
C GLU B 261 8.03 26.71 -26.21
N VAL B 262 8.87 26.56 -27.23
CA VAL B 262 8.44 26.24 -28.57
C VAL B 262 8.85 24.84 -28.97
N GLY B 263 10.15 24.54 -28.85
CA GLY B 263 10.67 23.26 -29.26
C GLY B 263 11.22 22.48 -28.08
N GLN B 264 11.70 21.28 -28.39
CA GLN B 264 12.23 20.38 -27.39
C GLN B 264 13.29 19.53 -28.07
N LEU B 265 14.49 19.54 -27.53
CA LEU B 265 15.54 18.68 -28.05
C LEU B 265 15.18 17.23 -27.80
N THR B 266 15.28 16.40 -28.82
CA THR B 266 14.80 15.03 -28.72
C THR B 266 15.87 13.97 -28.86
N LYS B 267 16.88 14.20 -29.68
CA LYS B 267 17.92 13.19 -29.88
C LYS B 267 19.27 13.89 -29.83
N LEU B 268 20.25 13.21 -29.25
CA LEU B 268 21.59 13.78 -29.11
C LEU B 268 22.60 12.68 -29.39
N ASP B 269 23.48 12.92 -30.35
CA ASP B 269 24.33 11.87 -30.89
C ASP B 269 25.78 12.29 -30.90
N LEU B 270 26.67 11.31 -30.87
CA LEU B 270 28.10 11.54 -31.05
C LEU B 270 28.49 10.86 -32.37
N ASN B 271 28.57 11.66 -33.42
CA ASN B 271 29.01 11.13 -34.70
C ASN B 271 30.50 10.84 -34.65
N PRO B 272 30.99 9.91 -35.47
CA PRO B 272 32.45 9.71 -35.57
C PRO B 272 33.11 10.92 -36.21
N GLY B 273 34.34 11.17 -35.77
CA GLY B 273 35.02 12.40 -36.11
C GLY B 273 34.85 13.51 -35.08
N GLY B 274 34.15 13.24 -33.98
CA GLY B 274 34.00 14.22 -32.92
C GLY B 274 33.05 15.34 -33.28
N LYS B 275 31.87 14.99 -33.78
CA LYS B 275 30.87 15.96 -34.17
C LYS B 275 29.59 15.66 -33.41
N VAL B 276 29.30 16.45 -32.38
CA VAL B 276 28.08 16.26 -31.60
C VAL B 276 26.92 16.88 -32.38
N THR B 277 26.05 16.04 -32.92
CA THR B 277 24.89 16.50 -33.65
C THR B 277 23.63 15.97 -33.00
N GLY B 278 22.56 16.78 -33.08
CA GLY B 278 21.28 16.40 -32.55
C GLY B 278 20.16 16.85 -33.45
N GLU B 279 18.93 16.59 -33.00
CA GLU B 279 17.77 16.99 -33.78
C GLU B 279 16.65 17.37 -32.82
N MET B 280 15.70 18.15 -33.33
CA MET B 280 14.75 18.84 -32.49
C MET B 280 13.37 18.82 -33.14
N THR B 281 12.34 18.61 -32.31
CA THR B 281 10.97 18.79 -32.73
C THR B 281 10.51 20.18 -32.33
N VAL B 282 9.65 20.79 -33.14
CA VAL B 282 9.14 22.12 -32.90
C VAL B 282 7.62 22.11 -32.95
N ASP B 283 7.03 23.19 -32.45
CA ASP B 283 5.61 23.45 -32.64
C ASP B 283 5.37 23.72 -34.11
N PRO B 284 4.36 23.10 -34.73
CA PRO B 284 4.05 23.42 -36.14
C PRO B 284 3.57 24.84 -36.38
N SER B 285 3.18 25.58 -35.35
CA SER B 285 2.81 26.98 -35.55
C SER B 285 4.00 27.88 -35.82
N VAL B 286 5.21 27.43 -35.47
CA VAL B 286 6.40 28.28 -35.53
C VAL B 286 7.28 27.91 -36.74
N VAL B 287 6.87 26.92 -37.53
CA VAL B 287 7.64 26.49 -38.71
C VAL B 287 7.74 27.59 -39.75
N THR B 288 6.74 28.47 -39.80
CA THR B 288 6.79 29.63 -40.70
C THR B 288 7.92 30.58 -40.35
N LEU B 289 8.32 30.63 -39.08
CA LEU B 289 9.48 31.44 -38.72
C LEU B 289 10.79 30.76 -39.09
N LEU B 290 10.81 29.44 -39.21
CA LEU B 290 12.03 28.73 -39.57
C LEU B 290 12.30 28.91 -41.06
N ARG B 291 13.25 29.77 -41.40
CA ARG B 291 13.57 30.08 -42.78
C ARG B 291 15.08 30.11 -42.91
N GLU B 292 15.56 30.65 -44.04
CA GLU B 292 16.97 31.01 -44.15
C GLU B 292 17.31 32.15 -43.18
N ASN B 293 18.63 32.33 -43.00
CA ASN B 293 19.31 33.23 -42.04
C ASN B 293 18.59 33.32 -40.68
N THR B 294 18.21 32.15 -40.17
CA THR B 294 17.53 32.00 -38.90
C THR B 294 18.50 31.38 -37.91
N ARG B 295 18.78 32.07 -36.81
CA ARG B 295 19.86 31.67 -35.91
C ARG B 295 19.34 31.00 -34.65
N ILE B 296 20.03 29.96 -34.22
CA ILE B 296 19.77 29.27 -32.97
C ILE B 296 21.05 29.27 -32.16
N GLU B 297 21.08 30.04 -31.07
CA GLU B 297 22.22 30.09 -30.18
C GLU B 297 21.77 29.77 -28.76
N LEU B 298 22.69 29.22 -27.97
CA LEU B 298 22.38 28.78 -26.62
C LEU B 298 22.71 29.86 -25.59
N ARG B 299 21.80 30.04 -24.64
CA ARG B 299 21.97 31.01 -23.56
C ARG B 299 22.34 30.29 -22.27
N ASN B 300 23.31 30.85 -21.55
CA ASN B 300 23.71 30.28 -20.28
C ASN B 300 22.77 30.75 -19.16
N PRO B 301 22.62 29.95 -18.10
CA PRO B 301 21.85 30.44 -16.93
C PRO B 301 22.71 31.34 -16.04
N LYS B 302 22.97 32.55 -16.55
CA LYS B 302 23.93 33.44 -15.93
C LYS B 302 23.35 34.10 -14.68
N LEU B 303 24.23 34.46 -13.75
CA LEU B 303 23.85 35.15 -12.53
C LEU B 303 23.77 36.64 -12.83
N SER B 304 22.54 37.15 -12.97
CA SER B 304 22.30 38.56 -13.27
C SER B 304 22.13 39.32 -11.96
N LEU B 305 22.84 40.45 -11.84
CA LEU B 305 22.82 41.21 -10.60
C LEU B 305 21.49 41.94 -10.40
N SER B 306 20.78 42.24 -11.48
CA SER B 306 19.50 42.94 -11.38
C SER B 306 18.32 41.99 -11.24
N ASP B 307 18.29 40.92 -12.04
CA ASP B 307 17.23 39.93 -12.02
C ASP B 307 17.81 38.63 -11.49
N ALA B 308 17.74 38.44 -10.18
CA ALA B 308 18.26 37.23 -9.54
C ALA B 308 17.12 36.21 -9.50
N ASN B 309 17.17 35.23 -10.40
CA ASN B 309 16.14 34.21 -10.50
C ASN B 309 16.70 32.84 -10.14
N LEU B 310 16.02 32.16 -9.23
CA LEU B 310 16.46 30.85 -8.83
C LEU B 310 16.07 29.77 -9.84
N SER B 311 15.01 30.01 -10.59
CA SER B 311 14.44 28.96 -11.45
C SER B 311 15.32 28.71 -12.67
N ALA B 312 15.93 29.77 -13.21
CA ALA B 312 16.72 29.62 -14.44
C ALA B 312 18.03 28.90 -14.18
N LEU B 313 18.63 29.11 -13.00
CA LEU B 313 19.91 28.49 -12.69
C LEU B 313 19.79 26.99 -12.45
N LEU B 314 18.60 26.49 -12.14
CA LEU B 314 18.43 25.04 -12.04
C LEU B 314 18.29 24.38 -13.41
N THR B 315 17.78 25.12 -14.41
CA THR B 315 17.48 24.51 -15.70
C THR B 315 18.75 24.22 -16.50
N GLY B 316 19.68 25.16 -16.54
CA GLY B 316 20.91 24.94 -17.26
C GLY B 316 20.92 25.57 -18.64
N LYS B 317 21.49 24.87 -19.62
CA LYS B 317 21.58 25.38 -20.98
C LYS B 317 20.21 25.54 -21.59
N THR B 318 20.09 26.53 -22.48
CA THR B 318 18.78 26.92 -22.98
C THR B 318 18.93 27.40 -24.42
N PHE B 319 18.24 26.76 -25.33
CA PHE B 319 18.29 27.15 -26.74
C PHE B 319 17.35 28.31 -27.00
N GLU B 320 17.86 29.30 -27.71
CA GLU B 320 17.13 30.51 -28.06
C GLU B 320 16.94 30.57 -29.57
N LEU B 321 15.74 30.96 -29.99
CA LEU B 321 15.39 31.08 -31.40
C LEU B 321 15.11 32.53 -31.74
N VAL B 322 15.80 33.05 -32.76
CA VAL B 322 15.47 34.35 -33.34
C VAL B 322 15.01 34.13 -34.77
N PRO B 323 13.98 34.81 -35.22
CA PRO B 323 13.40 34.51 -36.54
C PRO B 323 14.27 35.04 -37.67
N GLY B 324 13.95 34.58 -38.88
CA GLY B 324 14.63 35.01 -40.08
C GLY B 324 13.69 35.02 -41.27
N ASP B 325 14.21 35.47 -42.40
CA ASP B 325 13.42 35.56 -43.62
C ASP B 325 14.12 34.81 -44.74
N GLY B 326 13.33 34.44 -45.74
CA GLY B 326 13.89 33.76 -46.90
C GLY B 326 13.26 32.41 -47.15
N GLU B 327 14.01 31.54 -47.80
CA GLU B 327 13.52 30.20 -48.11
C GLU B 327 13.46 29.38 -46.83
N PRO B 328 12.42 28.57 -46.65
CA PRO B 328 12.37 27.68 -45.47
C PRO B 328 13.39 26.56 -45.59
N ARG B 329 14.31 26.52 -44.63
CA ARG B 329 15.27 25.44 -44.49
C ARG B 329 14.97 24.65 -43.23
N LYS B 330 15.46 23.41 -43.19
CA LYS B 330 15.07 22.48 -42.14
C LYS B 330 16.26 22.04 -41.30
N GLU B 331 17.39 22.72 -41.40
CA GLU B 331 18.54 22.37 -40.58
C GLU B 331 19.32 23.63 -40.27
N PHE B 332 20.00 23.61 -39.12
CA PHE B 332 20.77 24.76 -38.68
C PHE B 332 22.05 24.27 -38.03
N VAL B 333 23.00 25.20 -37.89
CA VAL B 333 24.28 24.94 -37.25
C VAL B 333 24.42 25.89 -36.08
N VAL B 334 24.58 25.35 -34.88
CA VAL B 334 24.77 26.15 -33.68
C VAL B 334 26.25 26.38 -33.47
N VAL B 335 26.64 27.64 -33.31
CA VAL B 335 28.04 27.99 -33.09
C VAL B 335 28.33 28.12 -31.60
N GLY C 1 -5.08 -55.09 -7.24
CA GLY C 1 -4.70 -54.71 -5.91
C GLY C 1 -3.27 -55.08 -5.56
N ASN C 2 -2.55 -54.14 -4.94
CA ASN C 2 -1.17 -54.34 -4.53
C ASN C 2 -0.99 -53.77 -3.13
N THR C 3 0.19 -53.95 -2.57
CA THR C 3 0.50 -53.44 -1.23
C THR C 3 1.83 -52.71 -1.28
N VAL C 4 1.81 -51.42 -0.95
CA VAL C 4 3.00 -50.59 -0.91
C VAL C 4 2.97 -49.76 0.38
N THR C 5 4.00 -49.89 1.21
CA THR C 5 4.10 -49.16 2.45
C THR C 5 5.03 -47.96 2.27
N ILE C 6 4.58 -46.79 2.73
CA ILE C 6 5.31 -45.54 2.58
C ILE C 6 5.46 -44.91 3.95
N ASP C 7 6.69 -44.55 4.31
CA ASP C 7 6.93 -43.85 5.57
C ASP C 7 6.68 -42.36 5.39
N PHE C 8 5.79 -41.82 6.19
CA PHE C 8 5.53 -40.38 6.24
C PHE C 8 6.08 -39.81 7.53
N MET C 9 6.61 -38.59 7.45
CA MET C 9 6.98 -37.87 8.66
C MET C 9 5.76 -37.31 9.35
N SER C 10 4.79 -36.82 8.58
CA SER C 10 3.53 -36.36 9.12
C SER C 10 2.48 -36.54 8.04
N ALA C 11 1.30 -36.98 8.43
CA ALA C 11 0.24 -37.32 7.49
C ALA C 11 -1.02 -36.56 7.88
N ASP C 12 -1.36 -35.53 7.12
CA ASP C 12 -2.42 -34.60 7.49
C ASP C 12 -3.57 -34.70 6.50
N GLY C 13 -4.78 -34.90 7.03
CA GLY C 13 -5.97 -34.94 6.20
C GLY C 13 -6.09 -36.16 5.33
N ILE C 14 -5.57 -37.30 5.76
CA ILE C 14 -5.59 -38.53 4.98
C ILE C 14 -6.61 -39.48 5.59
N VAL C 15 -7.57 -39.92 4.77
CA VAL C 15 -8.60 -40.85 5.23
C VAL C 15 -8.33 -42.17 4.50
N PRO C 16 -8.51 -43.32 5.16
CA PRO C 16 -8.34 -44.60 4.46
C PRO C 16 -9.37 -44.86 3.37
N GLY C 17 -10.52 -44.18 3.42
CA GLY C 17 -11.49 -44.34 2.36
C GLY C 17 -11.09 -43.66 1.08
N ARG C 18 -11.01 -42.34 1.09
CA ARG C 18 -10.78 -41.55 -0.13
C ARG C 18 -9.52 -40.70 0.02
N THR C 19 -8.38 -41.30 -0.29
CA THR C 19 -7.14 -40.55 -0.47
C THR C 19 -6.46 -41.14 -1.69
N PRO C 20 -6.70 -40.58 -2.87
CA PRO C 20 -6.18 -41.16 -4.09
C PRO C 20 -4.70 -40.86 -4.26
N VAL C 21 -4.07 -41.65 -5.12
CA VAL C 21 -2.68 -41.44 -5.50
C VAL C 21 -2.71 -40.93 -6.93
N ARG C 22 -2.47 -39.65 -7.11
CA ARG C 22 -2.63 -39.01 -8.41
C ARG C 22 -1.27 -38.86 -9.07
N TYR C 23 -1.02 -39.64 -10.11
CA TYR C 23 0.15 -39.42 -10.95
C TYR C 23 -0.25 -38.51 -12.10
N GLN C 24 0.32 -37.30 -12.12
CA GLN C 24 0.00 -36.23 -13.08
C GLN C 24 -1.49 -35.88 -13.06
N GLY C 25 -2.14 -36.11 -11.92
CA GLY C 25 -3.52 -35.75 -11.73
C GLY C 25 -4.54 -36.79 -12.12
N VAL C 26 -4.13 -37.99 -12.53
CA VAL C 26 -5.07 -39.08 -12.76
C VAL C 26 -4.90 -40.07 -11.61
N GLU C 27 -6.02 -40.58 -11.11
CA GLU C 27 -6.01 -41.48 -9.97
C GLU C 27 -5.38 -42.80 -10.36
N VAL C 28 -4.31 -43.18 -9.67
CA VAL C 28 -3.53 -44.36 -10.03
C VAL C 28 -3.59 -45.33 -8.86
N GLY C 29 -3.72 -44.81 -7.65
CA GLY C 29 -3.74 -45.67 -6.49
C GLY C 29 -4.64 -45.13 -5.40
N THR C 30 -4.81 -45.94 -4.36
CA THR C 30 -5.68 -45.62 -3.25
C THR C 30 -4.99 -46.00 -1.95
N VAL C 31 -5.03 -45.08 -0.98
CA VAL C 31 -4.52 -45.35 0.36
C VAL C 31 -5.40 -46.40 1.03
N GLN C 32 -4.79 -47.50 1.44
CA GLN C 32 -5.55 -48.57 2.08
C GLN C 32 -5.79 -48.29 3.55
N ASP C 33 -4.71 -48.18 4.33
CA ASP C 33 -4.81 -48.08 5.77
C ASP C 33 -3.59 -47.33 6.27
N ILE C 34 -3.76 -46.63 7.39
CA ILE C 34 -2.68 -45.88 8.01
C ILE C 34 -2.44 -46.47 9.39
N SER C 35 -1.21 -46.87 9.65
CA SER C 35 -0.78 -47.33 10.96
C SER C 35 0.52 -46.63 11.31
N LEU C 36 0.81 -46.56 12.60
CA LEU C 36 2.09 -46.06 13.06
C LEU C 36 2.84 -47.17 13.78
N SER C 37 4.13 -47.25 13.53
CA SER C 37 4.99 -48.22 14.19
C SER C 37 5.69 -47.54 15.36
N ASP C 38 5.62 -48.21 16.52
CA ASP C 38 6.33 -47.98 17.80
C ASP C 38 6.48 -46.53 18.24
N ASP C 39 5.54 -45.67 17.82
CA ASP C 39 5.35 -44.30 18.31
C ASP C 39 6.60 -43.43 18.07
N LEU C 40 7.26 -43.65 16.93
CA LEU C 40 8.39 -42.83 16.53
C LEU C 40 8.18 -42.35 15.10
N ARG C 41 6.95 -41.88 14.84
CA ARG C 41 6.54 -41.21 13.60
C ARG C 41 6.68 -42.12 12.38
N LYS C 42 6.60 -43.43 12.59
CA LYS C 42 6.75 -44.38 11.49
C LYS C 42 5.37 -44.64 10.93
N ILE C 43 4.87 -43.65 10.20
CA ILE C 43 3.50 -43.66 9.71
C ILE C 43 3.46 -44.61 8.53
N GLU C 44 3.18 -45.88 8.82
CA GLU C 44 3.08 -46.89 7.77
C GLU C 44 1.75 -46.72 7.07
N VAL C 45 1.80 -46.40 5.78
CA VAL C 45 0.61 -46.15 4.99
C VAL C 45 0.57 -47.16 3.86
N LYS C 46 -0.45 -48.00 3.85
CA LYS C 46 -0.61 -49.02 2.83
C LYS C 46 -1.34 -48.42 1.64
N VAL C 47 -0.84 -48.68 0.44
CA VAL C 47 -1.37 -48.12 -0.78
C VAL C 47 -1.58 -49.23 -1.79
N SER C 48 -2.80 -49.34 -2.30
CA SER C 48 -3.10 -50.25 -3.40
C SER C 48 -3.07 -49.48 -4.71
N ILE C 49 -2.30 -49.98 -5.66
CA ILE C 49 -2.06 -49.31 -6.93
C ILE C 49 -2.66 -50.19 -8.03
N LYS C 50 -3.13 -49.55 -9.11
CA LYS C 50 -3.54 -50.28 -10.30
C LYS C 50 -2.37 -51.09 -10.86
N SER C 51 -2.71 -52.18 -11.55
CA SER C 51 -1.72 -53.18 -11.92
C SER C 51 -0.78 -52.68 -13.00
N ASP C 52 -1.22 -51.72 -13.83
CA ASP C 52 -0.37 -51.24 -14.93
C ASP C 52 0.82 -50.44 -14.39
N MET C 53 0.59 -49.61 -13.37
CA MET C 53 1.68 -48.89 -12.74
C MET C 53 2.54 -49.79 -11.86
N LYS C 54 1.97 -50.90 -11.38
CA LYS C 54 2.73 -51.85 -10.57
C LYS C 54 3.85 -52.49 -11.38
N ASP C 55 3.61 -52.73 -12.67
CA ASP C 55 4.69 -53.18 -13.54
C ASP C 55 5.70 -52.08 -13.76
N ALA C 56 5.25 -50.83 -13.84
CA ALA C 56 6.15 -49.69 -14.04
C ALA C 56 6.71 -49.14 -12.74
N LEU C 57 6.31 -49.69 -11.60
CA LEU C 57 6.87 -49.24 -10.33
C LEU C 57 8.31 -49.74 -10.20
N ARG C 58 9.21 -48.84 -9.82
CA ARG C 58 10.61 -49.17 -9.64
C ARG C 58 11.11 -48.55 -8.35
N GLU C 59 12.41 -48.69 -8.10
CA GLU C 59 12.96 -48.30 -6.81
C GLU C 59 13.12 -46.79 -6.66
N GLU C 60 13.48 -46.11 -7.74
CA GLU C 60 13.70 -44.66 -7.69
C GLU C 60 12.39 -43.91 -7.92
N THR C 61 11.40 -44.21 -7.08
CA THR C 61 10.07 -43.63 -7.20
C THR C 61 9.76 -42.86 -5.93
N GLN C 62 9.40 -41.59 -6.09
CA GLN C 62 9.25 -40.67 -4.97
C GLN C 62 7.79 -40.32 -4.77
N PHE C 63 7.36 -40.26 -3.51
CA PHE C 63 6.00 -39.91 -3.13
C PHE C 63 6.02 -38.66 -2.27
N TRP C 64 4.94 -37.89 -2.33
CA TRP C 64 4.84 -36.68 -1.54
C TRP C 64 3.38 -36.36 -1.29
N LEU C 65 3.09 -35.82 -0.12
CA LEU C 65 1.75 -35.42 0.26
C LEU C 65 1.52 -33.96 -0.11
N VAL C 66 0.43 -33.68 -0.81
CA VAL C 66 0.06 -32.31 -1.12
C VAL C 66 -1.09 -31.88 -0.23
N THR C 67 -0.88 -30.76 0.41
CA THR C 67 -1.68 -29.99 1.34
C THR C 67 -2.00 -28.65 0.70
N PRO C 68 -3.15 -28.04 0.98
CA PRO C 68 -3.35 -26.64 0.59
C PRO C 68 -2.30 -25.76 1.25
N LYS C 69 -1.36 -25.30 0.45
CA LYS C 69 -0.26 -24.47 0.94
C LYS C 69 -0.72 -23.02 0.91
N ALA C 70 -1.40 -22.61 1.97
CA ALA C 70 -1.69 -21.20 2.18
C ALA C 70 -0.71 -20.56 3.16
N SER C 71 0.53 -21.02 3.18
CA SER C 71 1.53 -20.55 4.15
C SER C 71 2.09 -19.20 3.70
N LEU C 72 3.27 -18.82 4.22
CA LEU C 72 3.89 -17.56 3.82
C LEU C 72 4.11 -17.49 2.32
N ALA C 73 4.70 -18.53 1.75
CA ALA C 73 4.76 -18.67 0.30
C ALA C 73 3.82 -19.80 -0.08
N GLY C 74 2.72 -19.46 -0.74
CA GLY C 74 1.94 -20.54 -1.29
C GLY C 74 0.62 -20.19 -1.95
N VAL C 75 0.46 -20.72 -3.17
CA VAL C 75 -0.80 -20.69 -3.90
C VAL C 75 -1.22 -22.10 -4.31
N SER C 76 -0.31 -23.07 -4.20
CA SER C 76 -0.37 -24.34 -4.90
C SER C 76 -1.35 -25.34 -4.29
N GLY C 77 -2.38 -24.88 -3.59
CA GLY C 77 -3.35 -25.78 -3.03
C GLY C 77 -4.70 -25.67 -3.72
N LEU C 78 -4.70 -25.35 -5.01
CA LEU C 78 -5.96 -25.17 -5.73
C LEU C 78 -6.67 -26.49 -5.96
N ASP C 79 -5.93 -27.50 -6.40
CA ASP C 79 -6.49 -28.84 -6.52
C ASP C 79 -6.81 -29.43 -5.16
N ALA C 80 -6.01 -29.09 -4.16
CA ALA C 80 -6.15 -29.68 -2.84
C ALA C 80 -7.34 -29.13 -2.07
N LEU C 81 -7.83 -27.94 -2.41
CA LEU C 81 -9.06 -27.47 -1.78
C LEU C 81 -10.28 -28.16 -2.34
N VAL C 82 -10.27 -28.44 -3.65
CA VAL C 82 -11.45 -29.00 -4.29
C VAL C 82 -11.59 -30.49 -3.98
N GLY C 83 -10.60 -31.28 -4.38
CA GLY C 83 -10.67 -32.71 -4.18
C GLY C 83 -10.35 -33.14 -2.76
N GLY C 84 -9.46 -32.43 -2.11
CA GLY C 84 -8.92 -32.82 -0.84
C GLY C 84 -7.43 -33.12 -0.94
N ASN C 85 -6.88 -33.57 0.18
CA ASN C 85 -5.48 -33.98 0.19
C ASN C 85 -5.32 -35.27 -0.62
N TYR C 86 -4.16 -35.41 -1.25
CA TYR C 86 -3.80 -36.65 -1.93
C TYR C 86 -2.29 -36.77 -1.93
N ILE C 87 -1.80 -37.86 -2.50
CA ILE C 87 -0.37 -37.99 -2.70
C ILE C 87 -0.10 -38.24 -4.18
N GLY C 88 1.12 -37.95 -4.60
CA GLY C 88 1.55 -38.11 -5.97
C GLY C 88 2.78 -38.99 -6.07
N MET C 89 3.21 -39.22 -7.31
CA MET C 89 4.34 -40.10 -7.53
C MET C 89 5.10 -39.65 -8.77
N MET C 90 6.34 -40.13 -8.87
CA MET C 90 7.18 -40.00 -10.05
C MET C 90 7.97 -41.28 -10.22
N PRO C 91 7.70 -42.08 -11.25
CA PRO C 91 8.48 -43.30 -11.46
C PRO C 91 9.89 -42.98 -11.93
N GLY C 92 10.82 -43.87 -11.60
CA GLY C 92 12.20 -43.66 -11.98
C GLY C 92 12.86 -44.91 -12.49
N LYS C 93 14.20 -44.89 -12.59
CA LYS C 93 14.96 -45.98 -13.18
C LYS C 93 15.50 -46.95 -12.13
N GLY C 94 14.80 -47.12 -11.02
CA GLY C 94 15.25 -48.03 -9.99
C GLY C 94 15.04 -49.47 -10.36
N LYS C 95 15.50 -50.36 -9.47
CA LYS C 95 15.27 -51.80 -9.70
C LYS C 95 13.90 -52.21 -9.18
N GLU C 96 13.72 -52.14 -7.87
CA GLU C 96 12.51 -52.63 -7.20
C GLU C 96 12.54 -52.16 -5.76
N GLN C 97 11.40 -51.70 -5.26
CA GLN C 97 11.27 -51.30 -3.87
C GLN C 97 9.82 -51.42 -3.46
N ASP C 98 9.59 -51.94 -2.26
CA ASP C 98 8.27 -51.98 -1.66
C ASP C 98 8.10 -50.92 -0.57
N HIS C 99 9.09 -50.76 0.29
CA HIS C 99 9.01 -49.87 1.43
C HIS C 99 9.66 -48.53 1.05
N PHE C 100 8.85 -47.49 0.94
CA PHE C 100 9.31 -46.18 0.48
C PHE C 100 9.36 -45.20 1.63
N VAL C 101 10.07 -44.10 1.40
CA VAL C 101 10.13 -42.98 2.31
C VAL C 101 9.60 -41.76 1.56
N ALA C 102 8.58 -41.11 2.11
CA ALA C 102 7.94 -40.01 1.42
C ALA C 102 8.79 -38.75 1.48
N LEU C 103 8.82 -38.03 0.37
CA LEU C 103 9.60 -36.81 0.27
C LEU C 103 8.85 -35.66 0.93
N ASP C 104 9.60 -34.79 1.60
CA ASP C 104 8.98 -33.75 2.42
C ASP C 104 8.34 -32.64 1.61
N THR C 105 8.73 -32.47 0.35
CA THR C 105 8.16 -31.45 -0.51
C THR C 105 7.95 -32.03 -1.89
N GLN C 106 7.20 -31.31 -2.71
CA GLN C 106 6.97 -31.76 -4.08
C GLN C 106 8.21 -31.51 -4.91
N PRO C 107 8.83 -32.55 -5.48
CA PRO C 107 10.09 -32.36 -6.21
C PRO C 107 9.85 -31.73 -7.58
N LYS C 108 10.95 -31.38 -8.22
CA LYS C 108 10.91 -30.66 -9.49
C LYS C 108 10.72 -31.64 -10.64
N TYR C 109 9.80 -31.31 -11.55
CA TYR C 109 9.38 -32.24 -12.57
C TYR C 109 9.96 -31.83 -13.92
N ARG C 110 10.95 -32.60 -14.39
CA ARG C 110 11.45 -32.41 -15.74
C ARG C 110 10.40 -32.80 -16.76
N LEU C 111 10.23 -31.97 -17.77
CA LEU C 111 9.28 -32.24 -18.83
C LEU C 111 9.98 -32.96 -19.98
N ASP C 112 9.19 -33.65 -20.78
CA ASP C 112 9.77 -34.51 -21.81
C ASP C 112 10.21 -33.74 -23.05
N ASN C 113 9.53 -32.64 -23.36
CA ASN C 113 9.76 -31.91 -24.61
C ASN C 113 11.12 -31.23 -24.62
N GLY C 114 11.57 -30.90 -25.83
CA GLY C 114 12.84 -30.22 -25.98
C GLY C 114 12.78 -28.79 -25.51
N ASP C 115 13.35 -28.53 -24.34
CA ASP C 115 13.40 -27.20 -23.76
C ASP C 115 14.83 -26.93 -23.34
N LEU C 116 15.27 -25.70 -23.54
CA LEU C 116 16.65 -25.35 -23.24
C LEU C 116 16.84 -25.23 -21.75
N MET C 117 17.93 -25.82 -21.25
CA MET C 117 18.18 -25.96 -19.83
C MET C 117 19.60 -25.47 -19.56
N ILE C 118 19.74 -24.20 -19.17
CA ILE C 118 21.06 -23.60 -19.04
C ILE C 118 21.27 -23.15 -17.60
N HIS C 119 22.55 -23.07 -17.22
CA HIS C 119 22.94 -22.71 -15.87
C HIS C 119 23.41 -21.27 -15.82
N LEU C 120 23.14 -20.61 -14.70
CA LEU C 120 23.60 -19.26 -14.44
C LEU C 120 24.46 -19.27 -13.19
N GLN C 121 25.49 -18.44 -13.17
CA GLN C 121 26.32 -18.28 -11.99
C GLN C 121 26.11 -16.88 -11.43
N ALA C 122 25.78 -16.80 -10.15
CA ALA C 122 25.51 -15.56 -9.47
C ALA C 122 26.28 -15.53 -8.16
N PRO C 123 26.70 -14.36 -7.71
CA PRO C 123 27.41 -14.30 -6.41
C PRO C 123 26.48 -14.55 -5.23
N ASP C 124 25.20 -14.24 -5.37
CA ASP C 124 24.19 -14.68 -4.43
C ASP C 124 22.87 -14.82 -5.18
N LEU C 125 21.88 -15.40 -4.51
CA LEU C 125 20.61 -15.65 -5.18
C LEU C 125 19.86 -14.36 -5.46
N GLY C 126 20.01 -13.35 -4.62
CA GLY C 126 19.24 -12.15 -4.83
C GLY C 126 17.79 -12.40 -4.42
N SER C 127 16.89 -11.66 -5.07
CA SER C 127 15.47 -11.83 -4.82
C SER C 127 14.80 -12.79 -5.78
N LEU C 128 15.55 -13.80 -6.25
CA LEU C 128 15.00 -14.80 -7.16
C LEU C 128 14.46 -15.97 -6.37
N ASN C 129 13.32 -16.50 -6.80
CA ASN C 129 12.83 -17.77 -6.29
C ASN C 129 12.45 -18.65 -7.46
N SER C 130 12.27 -19.93 -7.18
CA SER C 130 11.82 -20.86 -8.20
C SER C 130 10.39 -20.53 -8.59
N GLY C 131 10.13 -20.47 -9.89
CA GLY C 131 8.86 -19.98 -10.38
C GLY C 131 8.89 -18.54 -10.81
N SER C 132 9.98 -17.83 -10.56
CA SER C 132 10.10 -16.48 -11.08
C SER C 132 10.37 -16.52 -12.59
N LEU C 133 10.25 -15.37 -13.21
CA LEU C 133 10.02 -15.30 -14.65
C LEU C 133 11.27 -14.83 -15.37
N VAL C 134 11.37 -15.18 -16.65
CA VAL C 134 12.49 -14.80 -17.49
C VAL C 134 11.97 -14.03 -18.69
N TYR C 135 12.43 -12.79 -18.84
CA TYR C 135 11.93 -11.90 -19.88
C TYR C 135 12.92 -11.77 -21.03
N PHE C 136 12.39 -11.58 -22.23
CA PHE C 136 13.17 -11.12 -23.38
C PHE C 136 12.36 -10.06 -24.08
N ARG C 137 12.91 -8.85 -24.19
CA ARG C 137 12.20 -7.63 -24.61
C ARG C 137 10.96 -7.42 -23.76
N LYS C 138 11.07 -7.75 -22.46
CA LYS C 138 9.97 -7.79 -21.49
C LYS C 138 8.81 -8.70 -21.95
N ILE C 139 9.14 -9.81 -22.60
CA ILE C 139 8.18 -10.86 -22.92
C ILE C 139 8.57 -12.10 -22.15
N PRO C 140 7.67 -12.69 -21.36
CA PRO C 140 8.00 -13.91 -20.61
C PRO C 140 8.23 -15.09 -21.54
N VAL C 141 9.48 -15.57 -21.57
CA VAL C 141 9.87 -16.65 -22.47
C VAL C 141 10.53 -17.78 -21.70
N GLY C 142 10.27 -17.86 -20.40
CA GLY C 142 10.84 -18.94 -19.62
C GLY C 142 10.67 -18.65 -18.14
N LYS C 143 11.25 -19.53 -17.33
CA LYS C 143 11.14 -19.38 -15.89
C LYS C 143 12.33 -20.04 -15.22
N VAL C 144 12.56 -19.65 -13.97
CA VAL C 144 13.63 -20.23 -13.18
C VAL C 144 13.19 -21.61 -12.71
N TYR C 145 13.98 -22.62 -13.04
CA TYR C 145 13.61 -23.99 -12.70
C TYR C 145 14.04 -24.34 -11.28
N ASP C 146 15.31 -24.17 -10.97
CA ASP C 146 15.87 -24.62 -9.71
C ASP C 146 17.04 -23.71 -9.37
N TYR C 147 17.60 -23.89 -8.17
CA TYR C 147 18.78 -23.17 -7.74
C TYR C 147 19.52 -24.05 -6.75
N ALA C 148 20.85 -23.94 -6.77
CA ALA C 148 21.66 -24.80 -5.92
C ALA C 148 23.02 -24.16 -5.69
N ILE C 149 23.51 -24.29 -4.47
CA ILE C 149 24.84 -23.82 -4.13
C ILE C 149 25.87 -24.78 -4.69
N ASN C 150 26.85 -24.26 -5.43
CA ASN C 150 27.96 -25.06 -5.90
C ASN C 150 28.83 -25.51 -4.72
N PRO C 151 29.64 -26.57 -4.89
CA PRO C 151 30.45 -27.07 -3.77
C PRO C 151 31.47 -26.08 -3.23
N ASN C 152 32.01 -25.21 -4.07
CA ASN C 152 32.68 -24.03 -3.56
C ASN C 152 31.64 -23.14 -2.89
N LYS C 153 31.90 -22.72 -1.67
CA LYS C 153 30.89 -22.04 -0.87
C LYS C 153 30.66 -20.58 -1.27
N GLN C 154 31.27 -20.11 -2.35
CA GLN C 154 31.22 -18.70 -2.69
C GLN C 154 29.96 -18.34 -3.47
N GLY C 155 29.62 -19.14 -4.49
CA GLY C 155 28.60 -18.77 -5.44
C GLY C 155 27.29 -19.52 -5.25
N VAL C 156 26.36 -19.22 -6.15
CA VAL C 156 25.07 -19.90 -6.24
C VAL C 156 24.80 -20.17 -7.72
N VAL C 157 24.56 -21.42 -8.07
CA VAL C 157 24.23 -21.78 -9.44
C VAL C 157 22.72 -21.82 -9.59
N ILE C 158 22.20 -21.11 -10.59
CA ILE C 158 20.78 -21.06 -10.90
C ILE C 158 20.62 -21.64 -12.28
N ASP C 159 19.74 -22.63 -12.43
CA ASP C 159 19.45 -23.15 -13.76
C ASP C 159 18.02 -22.80 -14.14
N VAL C 160 17.85 -22.27 -15.35
CA VAL C 160 16.57 -21.79 -15.83
C VAL C 160 16.10 -22.65 -16.99
N LEU C 161 14.92 -22.35 -17.51
CA LEU C 161 14.27 -23.24 -18.48
C LEU C 161 13.60 -22.37 -19.54
N ILE C 162 14.22 -22.27 -20.69
CA ILE C 162 13.66 -21.54 -21.82
C ILE C 162 12.61 -22.41 -22.48
N GLU C 163 11.55 -21.76 -22.99
CA GLU C 163 10.50 -22.43 -23.75
C GLU C 163 11.04 -23.05 -25.03
N ARG C 164 10.20 -23.88 -25.66
CA ARG C 164 10.62 -24.65 -26.81
C ARG C 164 10.83 -23.78 -28.04
N ARG C 165 9.90 -22.86 -28.31
CA ARG C 165 9.98 -22.09 -29.54
C ARG C 165 10.95 -20.91 -29.44
N PHE C 166 11.55 -20.67 -28.28
CA PHE C 166 12.46 -19.55 -28.12
C PHE C 166 13.90 -19.97 -27.91
N THR C 167 14.24 -21.22 -28.23
CA THR C 167 15.61 -21.68 -28.08
C THR C 167 16.56 -21.02 -29.07
N ASP C 168 16.04 -20.44 -30.15
CA ASP C 168 16.88 -19.69 -31.07
C ASP C 168 17.41 -18.41 -30.43
N LEU C 169 16.68 -17.86 -29.45
CA LEU C 169 17.02 -16.55 -28.90
C LEU C 169 18.31 -16.58 -28.10
N VAL C 170 18.49 -17.59 -27.25
CA VAL C 170 19.65 -17.64 -26.38
C VAL C 170 20.87 -17.97 -27.23
N LYS C 171 21.78 -17.01 -27.35
CA LYS C 171 22.99 -17.17 -28.13
C LYS C 171 24.16 -17.40 -27.19
N LYS C 172 25.32 -17.69 -27.78
CA LYS C 172 26.52 -17.86 -26.96
C LYS C 172 26.95 -16.56 -26.32
N GLY C 173 26.73 -15.44 -26.99
CA GLY C 173 27.17 -14.16 -26.49
C GLY C 173 26.08 -13.37 -25.80
N SER C 174 25.10 -14.07 -25.26
CA SER C 174 24.01 -13.41 -24.56
C SER C 174 24.42 -13.10 -23.13
N ARG C 175 23.85 -12.04 -22.58
CA ARG C 175 24.12 -11.63 -21.21
C ARG C 175 22.82 -11.63 -20.42
N PHE C 176 22.89 -12.09 -19.18
CA PHE C 176 21.69 -12.18 -18.35
C PHE C 176 21.84 -11.21 -17.20
N TRP C 177 20.85 -10.34 -17.02
CA TRP C 177 20.91 -9.41 -15.90
C TRP C 177 19.69 -9.55 -15.02
N ASN C 178 19.85 -9.14 -13.78
CA ASN C 178 18.84 -9.30 -12.75
C ASN C 178 17.90 -8.11 -12.78
N VAL C 179 16.61 -8.39 -12.69
CA VAL C 179 15.60 -7.37 -12.40
C VAL C 179 14.73 -7.87 -11.26
N SER C 180 14.93 -7.31 -10.07
CA SER C 180 14.20 -7.72 -8.88
C SER C 180 14.26 -6.59 -7.86
N GLY C 181 13.16 -6.43 -7.13
CA GLY C 181 13.08 -5.37 -6.14
C GLY C 181 12.82 -4.02 -6.79
N VAL C 182 12.91 -2.97 -5.96
CA VAL C 182 12.65 -1.61 -6.42
C VAL C 182 13.47 -0.65 -5.58
N ASP C 183 13.81 0.49 -6.17
CA ASP C 183 14.53 1.56 -5.48
C ASP C 183 13.90 2.89 -5.87
N ALA C 184 14.60 3.97 -5.59
CA ALA C 184 14.19 5.30 -6.02
C ALA C 184 15.30 5.89 -6.87
N ASN C 185 14.95 6.54 -7.96
CA ASN C 185 15.96 7.18 -8.81
C ASN C 185 15.81 8.69 -8.66
N VAL C 186 16.55 9.27 -7.74
CA VAL C 186 16.60 10.71 -7.56
C VAL C 186 17.83 11.24 -8.29
N SER C 187 17.62 12.11 -9.26
CA SER C 187 18.70 12.87 -9.87
C SER C 187 18.52 14.35 -9.55
N ILE C 188 19.37 15.18 -10.14
CA ILE C 188 19.27 16.62 -9.95
C ILE C 188 18.12 17.16 -10.78
N SER C 189 17.61 18.32 -10.35
CA SER C 189 16.50 19.05 -10.98
C SER C 189 15.27 18.16 -11.13
N GLY C 190 14.86 17.61 -9.99
CA GLY C 190 13.69 16.74 -10.05
C GLY C 190 14.06 15.27 -10.12
N ALA C 191 13.14 14.45 -9.59
CA ALA C 191 13.36 13.03 -9.40
C ALA C 191 12.17 12.26 -9.95
N LYS C 192 12.44 11.16 -10.66
CA LYS C 192 11.38 10.28 -11.13
C LYS C 192 11.73 8.83 -10.82
N VAL C 193 10.73 8.10 -10.34
CA VAL C 193 10.95 6.79 -9.75
C VAL C 193 10.29 5.74 -10.64
N LYS C 194 11.11 5.07 -11.43
CA LYS C 194 10.72 3.87 -12.15
C LYS C 194 11.87 2.89 -12.05
N LEU C 195 11.60 1.69 -11.55
CA LEU C 195 12.60 0.65 -11.72
C LEU C 195 12.08 -0.51 -12.56
N GLU C 196 11.01 -1.19 -12.15
CA GLU C 196 10.63 -2.46 -12.79
C GLU C 196 9.11 -2.56 -12.88
N SER C 197 8.67 -3.65 -13.53
CA SER C 197 7.25 -3.99 -13.66
C SER C 197 6.71 -4.54 -12.34
N LEU C 198 5.39 -4.73 -12.29
CA LEU C 198 4.76 -5.14 -11.04
C LEU C 198 4.87 -6.63 -10.76
N ALA C 199 5.12 -7.46 -11.79
CA ALA C 199 5.23 -8.88 -11.53
C ALA C 199 6.53 -9.22 -10.84
N ALA C 200 7.59 -8.47 -11.16
CA ALA C 200 8.93 -8.78 -10.69
C ALA C 200 9.14 -8.39 -9.24
N LEU C 201 8.28 -7.53 -8.68
CA LEU C 201 8.53 -7.03 -7.34
C LEU C 201 8.34 -8.10 -6.28
N VAL C 202 7.36 -8.99 -6.48
CA VAL C 202 6.99 -9.96 -5.47
C VAL C 202 7.93 -11.16 -5.49
N ASN C 203 8.23 -11.68 -6.67
CA ASN C 203 8.92 -12.95 -6.78
C ASN C 203 10.27 -12.86 -7.46
N GLY C 204 10.52 -11.85 -8.26
CA GLY C 204 11.79 -11.72 -8.95
C GLY C 204 11.67 -11.97 -10.44
N ALA C 205 12.69 -11.55 -11.17
CA ALA C 205 12.74 -11.74 -12.61
C ALA C 205 14.18 -11.70 -13.08
N ILE C 206 14.38 -12.14 -14.32
CA ILE C 206 15.68 -12.14 -14.99
C ILE C 206 15.42 -11.77 -16.44
N ALA C 207 15.98 -10.68 -16.91
CA ALA C 207 15.84 -10.34 -18.31
C ALA C 207 17.10 -10.74 -19.07
N PHE C 208 17.01 -10.75 -20.40
CA PHE C 208 18.22 -10.98 -21.18
C PHE C 208 18.16 -10.30 -22.54
N ASP C 209 19.32 -10.27 -23.18
CA ASP C 209 19.54 -9.72 -24.49
C ASP C 209 20.03 -10.81 -25.42
N SER C 210 19.67 -10.70 -26.68
CA SER C 210 20.20 -11.58 -27.72
C SER C 210 21.03 -10.76 -28.69
N PRO C 211 22.34 -10.97 -28.76
CA PRO C 211 23.14 -10.26 -29.76
C PRO C 211 22.84 -10.76 -31.16
N GLU C 212 23.29 -9.99 -32.14
CA GLU C 212 22.87 -10.23 -33.50
C GLU C 212 23.63 -11.38 -34.15
N GLU C 213 24.96 -11.35 -34.09
CA GLU C 213 25.79 -12.35 -34.75
C GLU C 213 26.46 -13.20 -33.69
N SER C 214 25.86 -14.34 -33.38
CA SER C 214 26.43 -15.29 -32.43
C SER C 214 25.84 -16.66 -32.73
N LYS C 215 26.59 -17.70 -32.36
CA LYS C 215 26.06 -19.04 -32.47
C LYS C 215 24.98 -19.25 -31.42
N PRO C 216 23.96 -20.06 -31.71
CA PRO C 216 22.92 -20.32 -30.71
C PRO C 216 23.47 -21.20 -29.58
N ALA C 217 23.14 -20.83 -28.36
CA ALA C 217 23.65 -21.56 -27.21
C ALA C 217 22.79 -22.80 -26.95
N GLU C 218 23.41 -23.78 -26.28
CA GLU C 218 22.73 -25.04 -26.04
C GLU C 218 23.38 -25.76 -24.88
N ALA C 219 22.62 -26.70 -24.30
CA ALA C 219 23.12 -27.85 -23.55
C ALA C 219 23.94 -27.45 -22.33
N GLU C 220 23.25 -26.82 -21.38
CA GLU C 220 23.76 -26.55 -20.03
C GLU C 220 25.01 -25.66 -20.06
N ASP C 221 25.00 -24.66 -20.91
CA ASP C 221 26.07 -23.68 -20.95
C ASP C 221 25.93 -22.73 -19.77
N THR C 222 27.06 -22.31 -19.23
CA THR C 222 27.05 -21.38 -18.11
C THR C 222 26.96 -19.94 -18.62
N PHE C 223 26.50 -19.07 -17.74
CA PHE C 223 26.43 -17.64 -18.02
C PHE C 223 26.63 -16.88 -16.73
N GLY C 224 27.17 -15.67 -16.84
CA GLY C 224 27.21 -14.80 -15.70
C GLY C 224 25.89 -14.07 -15.52
N LEU C 225 25.54 -13.82 -14.27
CA LEU C 225 24.35 -13.05 -13.94
C LEU C 225 24.77 -11.68 -13.44
N TYR C 226 24.54 -10.67 -14.26
CA TYR C 226 24.83 -9.31 -13.82
C TYR C 226 23.70 -8.80 -12.96
N GLU C 227 24.03 -7.87 -12.06
CA GLU C 227 23.07 -7.47 -11.05
C GLU C 227 22.25 -6.25 -11.44
N ASP C 228 22.42 -5.75 -12.66
CA ASP C 228 21.69 -4.58 -13.13
C ASP C 228 21.84 -4.54 -14.64
N LEU C 229 20.93 -3.82 -15.30
CA LEU C 229 21.09 -3.51 -16.71
C LEU C 229 22.35 -2.68 -16.95
N ALA C 230 22.66 -1.76 -16.04
CA ALA C 230 23.85 -0.94 -16.20
C ALA C 230 25.12 -1.75 -16.05
N HIS C 231 25.12 -2.78 -15.21
CA HIS C 231 26.26 -3.67 -15.13
C HIS C 231 26.33 -4.64 -16.29
N SER C 232 25.27 -4.73 -17.10
CA SER C 232 25.25 -5.64 -18.24
C SER C 232 25.64 -4.95 -19.54
N GLN C 233 26.27 -3.79 -19.46
CA GLN C 233 26.69 -3.10 -20.66
C GLN C 233 27.88 -3.79 -21.30
N ARG C 234 27.84 -3.89 -22.62
CA ARG C 234 29.01 -4.34 -23.35
C ARG C 234 30.03 -3.22 -23.41
N GLY C 235 31.27 -3.59 -23.72
CA GLY C 235 32.32 -2.60 -23.83
C GLY C 235 33.68 -3.24 -23.67
N VAL C 236 34.69 -2.37 -23.63
CA VAL C 236 36.07 -2.79 -23.53
C VAL C 236 36.61 -2.32 -22.19
N ILE C 237 37.18 -3.25 -21.42
CA ILE C 237 37.79 -2.90 -20.15
C ILE C 237 39.06 -2.11 -20.40
N ILE C 238 39.19 -0.97 -19.74
CA ILE C 238 40.40 -0.15 -19.79
C ILE C 238 40.90 0.02 -18.38
N LYS C 239 42.10 -0.48 -18.10
CA LYS C 239 42.67 -0.33 -16.77
C LYS C 239 43.26 1.06 -16.60
N LEU C 240 42.99 1.66 -15.44
CA LEU C 240 43.48 2.98 -15.11
C LEU C 240 44.32 2.92 -13.85
N GLU C 241 45.47 3.60 -13.86
CA GLU C 241 46.33 3.73 -12.70
C GLU C 241 46.10 5.13 -12.13
N LEU C 242 45.14 5.23 -11.23
CA LEU C 242 44.68 6.50 -10.70
C LEU C 242 45.66 7.06 -9.68
N PRO C 243 45.74 8.39 -9.54
CA PRO C 243 46.63 8.96 -8.52
C PRO C 243 46.15 8.73 -7.10
N SER C 244 44.91 9.07 -6.81
CA SER C 244 44.31 8.91 -5.49
C SER C 244 42.81 8.95 -5.67
N GLY C 245 42.12 7.99 -5.08
CA GLY C 245 40.70 7.89 -5.31
C GLY C 245 39.91 8.84 -4.44
N ALA C 246 39.97 10.14 -4.74
CA ALA C 246 39.53 11.15 -3.78
C ALA C 246 38.03 11.34 -3.84
N GLY C 247 37.52 11.70 -5.01
CA GLY C 247 36.09 11.93 -5.14
C GLY C 247 35.46 10.94 -6.08
N LEU C 248 36.16 9.85 -6.34
CA LEU C 248 35.73 8.90 -7.35
C LEU C 248 34.76 7.89 -6.76
N THR C 249 33.77 7.53 -7.55
CA THR C 249 32.71 6.62 -7.14
C THR C 249 32.81 5.35 -7.98
N ALA C 250 32.41 4.22 -7.40
CA ALA C 250 32.67 2.93 -8.00
C ALA C 250 31.90 2.74 -9.30
N ASP C 251 30.67 3.25 -9.39
CA ASP C 251 29.87 3.05 -10.59
C ASP C 251 29.19 4.32 -11.08
N SER C 252 29.63 5.49 -10.60
CA SER C 252 28.94 6.72 -10.94
C SER C 252 29.84 7.80 -11.51
N THR C 253 31.15 7.57 -11.61
CA THR C 253 32.06 8.57 -12.14
C THR C 253 32.20 8.36 -13.64
N PRO C 254 31.74 9.28 -14.46
CA PRO C 254 31.68 9.04 -15.91
C PRO C 254 32.94 9.51 -16.62
N LEU C 255 33.00 9.15 -17.91
CA LEU C 255 34.06 9.58 -18.81
C LEU C 255 33.45 10.48 -19.88
N MET C 256 33.68 11.78 -19.75
CA MET C 256 33.14 12.72 -20.72
C MET C 256 33.97 12.77 -21.99
N TYR C 257 33.32 13.17 -23.07
CA TYR C 257 33.98 13.45 -24.33
C TYR C 257 33.07 14.36 -25.12
N GLN C 258 33.54 15.58 -25.40
CA GLN C 258 32.76 16.64 -26.04
C GLN C 258 31.47 16.94 -25.27
N GLY C 259 31.52 16.79 -23.95
CA GLY C 259 30.37 16.92 -23.09
C GLY C 259 29.47 15.71 -23.00
N LEU C 260 29.65 14.71 -23.85
CA LEU C 260 28.78 13.55 -23.86
C LEU C 260 29.39 12.44 -23.03
N GLU C 261 28.53 11.59 -22.49
CA GLU C 261 29.01 10.47 -21.69
C GLU C 261 29.41 9.34 -22.62
N VAL C 262 30.63 8.86 -22.45
CA VAL C 262 31.16 7.75 -23.23
C VAL C 262 31.40 6.53 -22.36
N GLY C 263 32.16 6.70 -21.29
CA GLY C 263 32.53 5.60 -20.43
C GLY C 263 31.93 5.75 -19.04
N GLN C 264 32.22 4.75 -18.23
CA GLN C 264 31.71 4.69 -16.87
C GLN C 264 32.73 3.92 -16.06
N LEU C 265 33.24 4.52 -14.99
CA LEU C 265 34.13 3.81 -14.09
C LEU C 265 33.34 2.71 -13.41
N THR C 266 33.92 1.51 -13.37
CA THR C 266 33.20 0.35 -12.88
C THR C 266 33.80 -0.31 -11.65
N LYS C 267 35.12 -0.28 -11.50
CA LYS C 267 35.74 -0.93 -10.36
C LYS C 267 36.83 -0.01 -9.83
N LEU C 268 37.00 0.00 -8.51
CA LEU C 268 37.98 0.87 -7.87
C LEU C 268 38.63 0.10 -6.74
N ASP C 269 39.95 0.01 -6.77
CA ASP C 269 40.68 -0.89 -5.90
C ASP C 269 41.79 -0.16 -5.17
N LEU C 270 42.14 -0.67 -4.00
CA LEU C 270 43.31 -0.22 -3.26
C LEU C 270 44.31 -1.37 -3.29
N ASN C 271 45.27 -1.30 -4.19
CA ASN C 271 46.31 -2.31 -4.24
C ASN C 271 47.27 -2.14 -3.07
N PRO C 272 47.93 -3.20 -2.64
CA PRO C 272 48.98 -3.05 -1.63
C PRO C 272 50.16 -2.25 -2.17
N GLY C 273 50.80 -1.51 -1.28
CA GLY C 273 51.77 -0.53 -1.67
C GLY C 273 51.21 0.85 -1.89
N GLY C 274 49.91 1.05 -1.66
CA GLY C 274 49.30 2.35 -1.76
C GLY C 274 49.13 2.82 -3.19
N LYS C 275 48.56 1.98 -4.04
CA LYS C 275 48.34 2.30 -5.44
C LYS C 275 46.85 2.14 -5.74
N VAL C 276 46.14 3.26 -5.82
CA VAL C 276 44.72 3.24 -6.13
C VAL C 276 44.56 3.03 -7.62
N THR C 277 44.15 1.84 -8.02
CA THR C 277 43.94 1.52 -9.42
C THR C 277 42.50 1.12 -9.66
N GLY C 278 42.01 1.41 -10.85
CA GLY C 278 40.65 1.08 -11.22
C GLY C 278 40.57 0.64 -12.68
N GLU C 279 39.35 0.38 -13.13
CA GLU C 279 39.13 -0.02 -14.50
C GLU C 279 37.79 0.51 -14.98
N MET C 280 37.66 0.61 -16.30
CA MET C 280 36.56 1.36 -16.90
C MET C 280 36.04 0.64 -18.13
N THR C 281 34.73 0.61 -18.28
CA THR C 281 34.08 0.19 -19.51
C THR C 281 33.81 1.41 -20.37
N VAL C 282 33.91 1.24 -21.68
CA VAL C 282 33.69 2.31 -22.64
C VAL C 282 32.66 1.87 -23.68
N ASP C 283 32.16 2.85 -24.42
CA ASP C 283 31.37 2.57 -25.60
C ASP C 283 32.27 1.91 -26.65
N PRO C 284 31.83 0.82 -27.29
CA PRO C 284 32.63 0.25 -28.39
C PRO C 284 32.79 1.13 -29.61
N SER C 285 31.99 2.20 -29.75
CA SER C 285 32.19 3.11 -30.87
C SER C 285 33.42 3.99 -30.71
N VAL C 286 33.92 4.13 -29.48
CA VAL C 286 34.99 5.08 -29.18
C VAL C 286 36.35 4.38 -29.03
N VAL C 287 36.36 3.04 -29.10
CA VAL C 287 37.58 2.24 -28.96
C VAL C 287 38.60 2.57 -30.05
N THR C 288 38.13 3.00 -31.22
CA THR C 288 39.02 3.45 -32.28
C THR C 288 39.80 4.69 -31.88
N LEU C 289 39.24 5.53 -31.01
CA LEU C 289 39.99 6.67 -30.51
C LEU C 289 41.01 6.28 -29.45
N LEU C 290 40.80 5.17 -28.76
CA LEU C 290 41.74 4.72 -27.74
C LEU C 290 42.97 4.13 -28.41
N ARG C 291 44.06 4.88 -28.41
CA ARG C 291 45.30 4.47 -29.06
C ARG C 291 46.44 4.81 -28.12
N GLU C 292 47.67 4.76 -28.66
CA GLU C 292 48.81 5.35 -27.98
C GLU C 292 48.65 6.88 -27.91
N ASN C 293 49.49 7.48 -27.05
CA ASN C 293 49.51 8.90 -26.62
C ASN C 293 48.11 9.52 -26.51
N THR C 294 47.23 8.77 -25.85
CA THR C 294 45.84 9.16 -25.58
C THR C 294 45.74 9.44 -24.09
N ARG C 295 45.30 10.64 -23.73
CA ARG C 295 45.37 11.08 -22.35
C ARG C 295 44.00 11.09 -21.68
N ILE C 296 43.97 10.66 -20.42
CA ILE C 296 42.78 10.71 -19.57
C ILE C 296 43.16 11.50 -18.32
N GLU C 297 42.61 12.71 -18.18
CA GLU C 297 42.84 13.53 -17.01
C GLU C 297 41.50 13.93 -16.40
N LEU C 298 41.48 14.13 -15.10
CA LEU C 298 40.25 14.42 -14.39
C LEU C 298 40.03 15.92 -14.27
N ARG C 299 38.79 16.35 -14.48
CA ARG C 299 38.40 17.75 -14.36
C ARG C 299 37.64 17.96 -13.07
N ASN C 300 37.94 19.04 -12.38
CA ASN C 300 37.24 19.38 -11.15
C ASN C 300 35.93 20.11 -11.49
N PRO C 301 34.92 20.02 -10.61
CA PRO C 301 33.72 20.86 -10.81
C PRO C 301 33.95 22.27 -10.29
N LYS C 302 34.74 23.03 -11.05
CA LYS C 302 35.21 24.33 -10.60
C LYS C 302 34.11 25.38 -10.71
N LEU C 303 34.21 26.40 -9.85
CA LEU C 303 33.28 27.53 -9.87
C LEU C 303 33.75 28.52 -10.91
N SER C 304 33.08 28.54 -12.06
CA SER C 304 33.42 29.43 -13.16
C SER C 304 32.58 30.70 -13.06
N LEU C 305 33.25 31.86 -13.15
CA LEU C 305 32.56 33.12 -12.97
C LEU C 305 31.66 33.47 -14.14
N SER C 306 31.97 32.96 -15.34
CA SER C 306 31.17 33.26 -16.52
C SER C 306 30.03 32.25 -16.70
N ASP C 307 30.31 30.97 -16.52
CA ASP C 307 29.31 29.91 -16.65
C ASP C 307 29.07 29.31 -15.27
N ALA C 308 28.06 29.83 -14.57
CA ALA C 308 27.69 29.31 -13.25
C ALA C 308 26.66 28.21 -13.46
N ASN C 309 27.10 26.97 -13.36
CA ASN C 309 26.21 25.82 -13.51
C ASN C 309 25.99 25.18 -12.14
N LEU C 310 24.74 24.88 -11.84
CA LEU C 310 24.46 24.17 -10.61
C LEU C 310 24.67 22.68 -10.76
N SER C 311 24.52 22.15 -11.98
CA SER C 311 24.51 20.71 -12.17
C SER C 311 25.89 20.10 -12.04
N ALA C 312 26.92 20.80 -12.50
CA ALA C 312 28.26 20.21 -12.52
C ALA C 312 28.85 20.14 -11.12
N LEU C 313 28.53 21.12 -10.26
CA LEU C 313 29.08 21.13 -8.91
C LEU C 313 28.51 20.04 -8.03
N LEU C 314 27.35 19.48 -8.38
CA LEU C 314 26.83 18.34 -7.64
C LEU C 314 27.47 17.04 -8.07
N THR C 315 27.93 16.95 -9.32
CA THR C 315 28.42 15.67 -9.84
C THR C 315 29.77 15.31 -9.26
N GLY C 316 30.69 16.27 -9.19
CA GLY C 316 31.99 16.01 -8.60
C GLY C 316 33.07 15.76 -9.62
N LYS C 317 33.96 14.81 -9.33
CA LYS C 317 35.07 14.50 -10.21
C LYS C 317 34.58 13.93 -11.52
N THR C 318 35.30 14.24 -12.59
CA THR C 318 34.81 13.98 -13.94
C THR C 318 35.98 13.64 -14.85
N PHE C 319 35.96 12.44 -15.41
CA PHE C 319 37.05 12.01 -16.28
C PHE C 319 36.86 12.55 -17.69
N GLU C 320 37.92 13.11 -18.24
CA GLU C 320 37.93 13.69 -19.57
C GLU C 320 38.84 12.89 -20.48
N LEU C 321 38.38 12.67 -21.71
CA LEU C 321 39.13 11.91 -22.70
C LEU C 321 39.51 12.83 -23.85
N VAL C 322 40.80 12.86 -24.19
CA VAL C 322 41.26 13.51 -25.41
C VAL C 322 41.85 12.42 -26.31
N PRO C 323 41.57 12.44 -27.61
CA PRO C 323 42.00 11.33 -28.46
C PRO C 323 43.49 11.40 -28.77
N GLY C 324 43.99 10.30 -29.34
CA GLY C 324 45.38 10.20 -29.74
C GLY C 324 45.52 9.31 -30.96
N ASP C 325 46.75 9.18 -31.43
CA ASP C 325 47.04 8.36 -32.60
C ASP C 325 48.12 7.34 -32.28
N GLY C 326 48.17 6.30 -33.10
CA GLY C 326 49.17 5.28 -32.95
C GLY C 326 48.59 3.89 -32.75
N GLU C 327 49.36 3.04 -32.11
CA GLU C 327 48.91 1.68 -31.84
C GLU C 327 47.81 1.70 -30.79
N PRO C 328 46.77 0.88 -30.94
CA PRO C 328 45.74 0.79 -29.89
C PRO C 328 46.29 0.11 -28.64
N ARG C 329 46.25 0.84 -27.53
CA ARG C 329 46.58 0.30 -26.22
C ARG C 329 45.33 0.26 -25.36
N LYS C 330 45.36 -0.58 -24.33
CA LYS C 330 44.18 -0.87 -23.54
C LYS C 330 44.34 -0.47 -22.08
N GLU C 331 45.35 0.35 -21.76
CA GLU C 331 45.51 0.82 -20.40
C GLU C 331 46.13 2.20 -20.42
N PHE C 332 45.81 2.97 -19.39
CA PHE C 332 46.31 4.34 -19.28
C PHE C 332 46.63 4.64 -17.83
N VAL C 333 47.41 5.70 -17.64
CA VAL C 333 47.83 6.15 -16.32
C VAL C 333 47.37 7.58 -16.16
N VAL C 334 46.54 7.83 -15.16
CA VAL C 334 46.03 9.17 -14.88
C VAL C 334 46.97 9.85 -13.90
N VAL C 335 47.44 11.05 -14.26
CA VAL C 335 48.36 11.79 -13.42
C VAL C 335 47.61 12.82 -12.58
N GLY D 1 -11.32 -49.34 23.56
CA GLY D 1 -11.82 -48.14 24.20
C GLY D 1 -11.19 -47.89 25.55
N ASN D 2 -10.86 -46.63 25.82
CA ASN D 2 -10.25 -46.22 27.08
C ASN D 2 -10.94 -44.96 27.57
N THR D 3 -10.51 -44.48 28.74
CA THR D 3 -11.08 -43.27 29.33
C THR D 3 -9.94 -42.37 29.76
N VAL D 4 -9.90 -41.16 29.21
CA VAL D 4 -8.92 -40.13 29.56
C VAL D 4 -9.64 -38.82 29.73
N THR D 5 -9.49 -38.20 30.91
CA THR D 5 -10.08 -36.90 31.18
C THR D 5 -9.03 -35.81 31.03
N ILE D 6 -9.37 -34.75 30.30
CA ILE D 6 -8.47 -33.64 30.03
C ILE D 6 -9.16 -32.35 30.48
N ASP D 7 -8.47 -31.55 31.28
CA ASP D 7 -9.00 -30.26 31.69
C ASP D 7 -8.72 -29.22 30.61
N PHE D 8 -9.76 -28.58 30.12
CA PHE D 8 -9.64 -27.47 29.19
C PHE D 8 -10.01 -26.16 29.87
N MET D 9 -9.28 -25.11 29.51
CA MET D 9 -9.66 -23.78 29.97
C MET D 9 -10.85 -23.25 29.18
N SER D 10 -10.89 -23.52 27.89
CA SER D 10 -12.03 -23.21 27.06
C SER D 10 -12.03 -24.17 25.88
N ALA D 11 -13.19 -24.74 25.59
CA ALA D 11 -13.33 -25.75 24.54
C ALA D 11 -14.36 -25.25 23.53
N ASP D 12 -13.91 -24.97 22.31
CA ASP D 12 -14.74 -24.30 21.32
C ASP D 12 -14.90 -25.21 20.11
N GLY D 13 -16.14 -25.38 19.67
CA GLY D 13 -16.42 -26.14 18.47
C GLY D 13 -16.17 -27.62 18.60
N ILE D 14 -16.33 -28.18 19.79
CA ILE D 14 -16.10 -29.59 20.04
C ILE D 14 -17.45 -30.28 20.22
N VAL D 15 -17.70 -31.28 19.39
CA VAL D 15 -18.93 -32.05 19.46
C VAL D 15 -18.57 -33.42 20.02
N PRO D 16 -19.40 -34.03 20.87
CA PRO D 16 -19.09 -35.39 21.34
C PRO D 16 -19.16 -36.44 20.25
N GLY D 17 -19.83 -36.17 19.14
CA GLY D 17 -19.85 -37.12 18.06
C GLY D 17 -18.54 -37.20 17.31
N ARG D 18 -18.17 -36.12 16.62
CA ARG D 18 -17.00 -36.12 15.73
C ARG D 18 -16.01 -35.03 16.17
N THR D 19 -15.15 -35.39 17.11
CA THR D 19 -14.00 -34.56 17.46
C THR D 19 -12.83 -35.50 17.64
N PRO D 20 -12.07 -35.75 16.59
CA PRO D 20 -11.00 -36.73 16.67
C PRO D 20 -9.78 -36.19 17.40
N VAL D 21 -8.94 -37.12 17.84
CA VAL D 21 -7.66 -36.79 18.45
C VAL D 21 -6.60 -37.17 17.44
N ARG D 22 -5.99 -36.18 16.81
CA ARG D 22 -5.06 -36.41 15.72
C ARG D 22 -3.63 -36.27 16.23
N TYR D 23 -2.93 -37.39 16.35
CA TYR D 23 -1.49 -37.38 16.53
C TYR D 23 -0.84 -37.36 15.17
N GLN D 24 -0.13 -36.27 14.87
CA GLN D 24 0.53 -36.04 13.57
C GLN D 24 -0.44 -36.11 12.40
N GLY D 25 -1.71 -35.81 12.65
CA GLY D 25 -2.72 -35.77 11.62
C GLY D 25 -3.45 -37.06 11.34
N VAL D 26 -3.22 -38.12 12.11
CA VAL D 26 -3.95 -39.36 11.95
C VAL D 26 -4.81 -39.57 13.18
N GLU D 27 -6.04 -40.04 12.98
CA GLU D 27 -7.01 -40.15 14.06
C GLU D 27 -6.61 -41.27 15.01
N VAL D 28 -6.41 -40.92 16.28
CA VAL D 28 -5.90 -41.85 17.28
C VAL D 28 -6.97 -42.00 18.35
N GLY D 29 -7.75 -40.95 18.56
CA GLY D 29 -8.74 -40.99 19.61
C GLY D 29 -9.98 -40.21 19.23
N THR D 30 -10.99 -40.31 20.08
CA THR D 30 -12.28 -39.68 19.85
C THR D 30 -12.78 -39.10 21.16
N VAL D 31 -13.27 -37.86 21.11
CA VAL D 31 -13.89 -37.23 22.28
C VAL D 31 -15.18 -37.95 22.60
N GLN D 32 -15.27 -38.48 23.82
CA GLN D 32 -16.48 -39.19 24.24
C GLN D 32 -17.56 -38.21 24.68
N ASP D 33 -17.30 -37.45 25.74
CA ASP D 33 -18.31 -36.58 26.31
C ASP D 33 -17.63 -35.41 27.01
N ILE D 34 -18.30 -34.27 27.03
CA ILE D 34 -17.79 -33.05 27.64
C ILE D 34 -18.68 -32.69 28.81
N SER D 35 -18.09 -32.55 29.98
CA SER D 35 -18.80 -32.08 31.16
C SER D 35 -17.97 -31.01 31.84
N LEU D 36 -18.63 -30.20 32.65
CA LEU D 36 -17.96 -29.20 33.46
C LEU D 36 -18.18 -29.49 34.94
N SER D 37 -17.12 -29.36 35.72
CA SER D 37 -17.19 -29.58 37.16
C SER D 37 -17.31 -28.24 37.86
N ASP D 38 -18.27 -28.15 38.79
CA ASP D 38 -18.60 -27.07 39.75
C ASP D 38 -18.48 -25.65 39.22
N ASP D 39 -18.70 -25.48 37.91
CA ASP D 39 -18.83 -24.19 37.22
C ASP D 39 -17.60 -23.30 37.43
N LEU D 40 -16.41 -23.92 37.46
CA LEU D 40 -15.17 -23.17 37.60
C LEU D 40 -14.21 -23.60 36.51
N ARG D 41 -14.72 -23.57 35.26
CA ARG D 41 -13.94 -23.80 34.04
C ARG D 41 -13.29 -25.17 34.00
N LYS D 42 -13.86 -26.14 34.71
CA LYS D 42 -13.26 -27.46 34.83
C LYS D 42 -13.90 -28.34 33.77
N ILE D 43 -13.49 -28.11 32.53
CA ILE D 43 -14.12 -28.75 31.39
C ILE D 43 -13.60 -30.18 31.27
N GLU D 44 -14.29 -31.10 31.92
CA GLU D 44 -13.89 -32.51 31.90
C GLU D 44 -14.29 -33.11 30.56
N VAL D 45 -13.31 -33.53 29.78
CA VAL D 45 -13.55 -34.06 28.44
C VAL D 45 -13.04 -35.50 28.42
N LYS D 46 -13.96 -36.44 28.22
CA LYS D 46 -13.62 -37.85 28.17
C LYS D 46 -13.19 -38.21 26.75
N VAL D 47 -12.09 -38.93 26.64
CA VAL D 47 -11.48 -39.28 25.36
C VAL D 47 -11.20 -40.77 25.34
N SER D 48 -11.75 -41.46 24.34
CA SER D 48 -11.43 -42.86 24.10
C SER D 48 -10.35 -42.95 23.04
N ILE D 49 -9.28 -43.65 23.35
CA ILE D 49 -8.09 -43.74 22.50
C ILE D 49 -7.95 -45.19 22.04
N LYS D 50 -7.41 -45.38 20.84
CA LYS D 50 -7.05 -46.71 20.37
C LYS D 50 -6.03 -47.37 21.29
N SER D 51 -6.08 -48.70 21.35
CA SER D 51 -5.35 -49.45 22.36
C SER D 51 -3.85 -49.40 22.18
N ASP D 52 -3.38 -49.20 20.94
CA ASP D 52 -1.95 -49.15 20.68
C ASP D 52 -1.30 -47.93 21.31
N MET D 53 -1.97 -46.78 21.22
CA MET D 53 -1.44 -45.58 21.85
C MET D 53 -1.63 -45.60 23.37
N LYS D 54 -2.61 -46.37 23.85
CA LYS D 54 -2.85 -46.49 25.28
C LYS D 54 -1.67 -47.15 25.99
N ASP D 55 -1.01 -48.09 25.32
CA ASP D 55 0.21 -48.65 25.86
C ASP D 55 1.34 -47.62 25.82
N ALA D 56 1.36 -46.79 24.78
CA ALA D 56 2.37 -45.75 24.65
C ALA D 56 2.01 -44.46 25.35
N LEU D 57 0.83 -44.37 25.95
CA LEU D 57 0.45 -43.18 26.69
C LEU D 57 1.23 -43.12 28.00
N ARG D 58 1.82 -41.96 28.29
CA ARG D 58 2.61 -41.77 29.49
C ARG D 58 2.23 -40.43 30.12
N GLU D 59 2.95 -40.08 31.19
CA GLU D 59 2.56 -38.93 31.99
C GLU D 59 2.93 -37.60 31.34
N GLU D 60 4.07 -37.55 30.66
CA GLU D 60 4.52 -36.30 30.02
C GLU D 60 3.93 -36.16 28.63
N THR D 61 2.60 -36.22 28.56
CA THR D 61 1.89 -36.16 27.30
C THR D 61 0.98 -34.94 27.32
N GLN D 62 1.13 -34.09 26.32
CA GLN D 62 0.47 -32.79 26.29
C GLN D 62 -0.60 -32.77 25.21
N PHE D 63 -1.73 -32.13 25.52
CA PHE D 63 -2.85 -32.00 24.61
C PHE D 63 -3.14 -30.54 24.36
N TRP D 64 -3.67 -30.24 23.17
CA TRP D 64 -4.00 -28.87 22.83
C TRP D 64 -5.12 -28.86 21.80
N LEU D 65 -5.98 -27.85 21.89
CA LEU D 65 -7.07 -27.66 20.95
C LEU D 65 -6.61 -26.80 19.79
N VAL D 66 -6.87 -27.24 18.56
CA VAL D 66 -6.59 -26.43 17.39
C VAL D 66 -7.89 -25.86 16.84
N THR D 67 -7.91 -24.58 16.66
CA THR D 67 -8.92 -23.67 16.19
C THR D 67 -8.44 -23.07 14.88
N PRO D 68 -9.33 -22.70 13.95
CA PRO D 68 -8.89 -21.84 12.83
C PRO D 68 -8.35 -20.52 13.35
N LYS D 69 -7.03 -20.39 13.32
CA LYS D 69 -6.36 -19.21 13.85
C LYS D 69 -6.27 -18.16 12.74
N ALA D 70 -7.37 -17.42 12.56
CA ALA D 70 -7.40 -16.33 11.60
C ALA D 70 -7.19 -14.97 12.26
N SER D 71 -6.47 -14.94 13.39
CA SER D 71 -6.35 -13.73 14.19
C SER D 71 -5.27 -12.80 13.62
N LEU D 72 -4.82 -11.85 14.45
CA LEU D 72 -3.81 -10.87 14.04
C LEU D 72 -2.53 -11.55 13.57
N ALA D 73 -2.06 -12.55 14.30
CA ALA D 73 -0.99 -13.41 13.83
C ALA D 73 -1.54 -14.83 13.70
N GLY D 74 -1.79 -15.26 12.47
CA GLY D 74 -2.19 -16.64 12.26
C GLY D 74 -2.68 -16.98 10.87
N VAL D 75 -2.20 -18.11 10.34
CA VAL D 75 -2.74 -18.72 9.14
C VAL D 75 -3.09 -20.19 9.39
N SER D 76 -2.76 -20.73 10.57
CA SER D 76 -2.60 -22.17 10.77
C SER D 76 -3.91 -22.90 11.00
N GLY D 77 -5.01 -22.44 10.44
CA GLY D 77 -6.26 -23.16 10.57
C GLY D 77 -6.70 -23.80 9.27
N LEU D 78 -5.74 -24.26 8.46
CA LEU D 78 -6.07 -24.83 7.16
C LEU D 78 -6.72 -26.20 7.31
N ASP D 79 -6.14 -27.05 8.16
CA ASP D 79 -6.78 -28.33 8.45
C ASP D 79 -8.06 -28.13 9.25
N ALA D 80 -8.10 -27.08 10.08
CA ALA D 80 -9.23 -26.86 10.95
C ALA D 80 -10.44 -26.30 10.22
N LEU D 81 -10.25 -25.66 9.07
CA LEU D 81 -11.41 -25.24 8.29
C LEU D 81 -12.04 -26.41 7.55
N VAL D 82 -11.22 -27.35 7.08
CA VAL D 82 -11.74 -28.45 6.28
C VAL D 82 -12.40 -29.49 7.16
N GLY D 83 -11.62 -30.12 8.03
CA GLY D 83 -12.13 -31.20 8.86
C GLY D 83 -12.95 -30.72 10.04
N GLY D 84 -12.61 -29.55 10.56
CA GLY D 84 -13.19 -29.04 11.79
C GLY D 84 -12.16 -28.96 12.88
N ASN D 85 -12.63 -28.57 14.06
CA ASN D 85 -11.75 -28.56 15.22
C ASN D 85 -11.39 -29.98 15.64
N TYR D 86 -10.19 -30.13 16.17
CA TYR D 86 -9.75 -31.38 16.75
C TYR D 86 -8.74 -31.07 17.83
N ILE D 87 -8.20 -32.12 18.46
CA ILE D 87 -7.12 -31.93 19.40
C ILE D 87 -5.97 -32.85 19.00
N GLY D 88 -4.78 -32.50 19.48
CA GLY D 88 -3.57 -33.23 19.19
C GLY D 88 -2.87 -33.69 20.44
N MET D 89 -1.80 -34.44 20.25
CA MET D 89 -1.06 -35.00 21.38
C MET D 89 0.41 -35.15 21.02
N MET D 90 1.24 -35.16 22.05
CA MET D 90 2.65 -35.47 21.93
C MET D 90 3.03 -36.39 23.08
N PRO D 91 3.35 -37.65 22.82
CA PRO D 91 3.74 -38.55 23.90
C PRO D 91 5.12 -38.20 24.43
N GLY D 92 5.33 -38.52 25.71
CA GLY D 92 6.59 -38.20 26.36
C GLY D 92 7.12 -39.31 27.22
N LYS D 93 8.11 -39.01 28.06
CA LYS D 93 8.80 -40.00 28.86
C LYS D 93 8.26 -40.08 30.29
N GLY D 94 6.98 -39.78 30.49
CA GLY D 94 6.39 -39.84 31.81
C GLY D 94 6.14 -41.26 32.27
N LYS D 95 5.65 -41.38 33.52
CA LYS D 95 5.32 -42.69 34.04
C LYS D 95 3.91 -43.11 33.62
N GLU D 96 2.90 -42.39 34.10
CA GLU D 96 1.50 -42.73 33.89
C GLU D 96 0.65 -41.56 34.37
N GLN D 97 -0.37 -41.22 33.60
CA GLN D 97 -1.30 -40.17 33.97
C GLN D 97 -2.64 -40.42 33.29
N ASP D 98 -3.72 -40.24 34.03
CA ASP D 98 -5.06 -40.30 33.47
C ASP D 98 -5.70 -38.94 33.33
N HIS D 99 -5.53 -38.07 34.32
CA HIS D 99 -6.15 -36.75 34.34
C HIS D 99 -5.14 -35.73 33.85
N PHE D 100 -5.39 -35.17 32.67
CA PHE D 100 -4.46 -34.26 32.02
C PHE D 100 -4.98 -32.83 32.06
N VAL D 101 -4.05 -31.90 31.81
CA VAL D 101 -4.37 -30.48 31.68
C VAL D 101 -3.93 -30.05 30.29
N ALA D 102 -4.86 -29.49 29.53
CA ALA D 102 -4.58 -29.13 28.15
C ALA D 102 -3.71 -27.89 28.07
N LEU D 103 -2.75 -27.92 27.15
CA LEU D 103 -1.88 -26.78 26.95
C LEU D 103 -2.60 -25.72 26.13
N ASP D 104 -2.35 -24.46 26.47
CA ASP D 104 -3.11 -23.36 25.89
C ASP D 104 -2.76 -23.09 24.44
N THR D 105 -1.60 -23.53 23.97
CA THR D 105 -1.19 -23.33 22.59
C THR D 105 -0.52 -24.60 22.10
N GLN D 106 -0.33 -24.67 20.79
CA GLN D 106 0.35 -25.82 20.21
C GLN D 106 1.84 -25.72 20.48
N PRO D 107 2.43 -26.68 21.17
CA PRO D 107 3.84 -26.59 21.52
C PRO D 107 4.74 -26.88 20.34
N LYS D 108 6.04 -26.63 20.54
CA LYS D 108 7.03 -26.78 19.48
C LYS D 108 7.47 -28.23 19.39
N TYR D 109 7.50 -28.76 18.17
CA TYR D 109 7.71 -30.18 17.94
C TYR D 109 9.10 -30.42 17.37
N ARG D 110 9.98 -31.00 18.18
CA ARG D 110 11.27 -31.43 17.70
C ARG D 110 11.11 -32.57 16.69
N LEU D 111 11.89 -32.49 15.62
CA LEU D 111 11.88 -33.56 14.62
C LEU D 111 12.97 -34.58 14.94
N ASP D 112 12.77 -35.78 14.42
CA ASP D 112 13.67 -36.89 14.73
C ASP D 112 14.98 -36.83 13.97
N ASN D 113 14.97 -36.27 12.76
CA ASN D 113 16.13 -36.28 11.88
C ASN D 113 17.25 -35.38 12.41
N GLY D 114 18.45 -35.66 11.94
CA GLY D 114 19.61 -34.87 12.35
C GLY D 114 19.61 -33.49 11.74
N ASP D 115 19.31 -32.50 12.57
CA ASP D 115 19.26 -31.11 12.15
C ASP D 115 20.04 -30.27 13.15
N LEU D 116 20.74 -29.26 12.66
CA LEU D 116 21.59 -28.47 13.53
C LEU D 116 20.74 -27.50 14.34
N MET D 117 21.01 -27.45 15.63
CA MET D 117 20.18 -26.72 16.59
C MET D 117 21.11 -25.82 17.40
N ILE D 118 21.26 -24.57 16.97
CA ILE D 118 22.24 -23.68 17.58
C ILE D 118 21.52 -22.47 18.18
N HIS D 119 22.15 -21.90 19.20
CA HIS D 119 21.60 -20.78 19.94
C HIS D 119 22.24 -19.48 19.48
N LEU D 120 21.46 -18.40 19.51
CA LEU D 120 21.95 -17.06 19.23
C LEU D 120 21.70 -16.19 20.44
N GLN D 121 22.56 -15.21 20.64
CA GLN D 121 22.38 -14.22 21.69
C GLN D 121 22.18 -12.85 21.06
N ALA D 122 21.10 -12.19 21.44
CA ALA D 122 20.74 -10.89 20.91
C ALA D 122 20.36 -9.97 22.06
N PRO D 123 20.61 -8.66 21.94
CA PRO D 123 20.19 -7.76 23.01
C PRO D 123 18.69 -7.60 23.10
N ASP D 124 17.99 -7.79 21.99
CA ASP D 124 16.53 -7.89 22.00
C ASP D 124 16.13 -8.74 20.81
N LEU D 125 14.84 -9.12 20.78
CA LEU D 125 14.36 -10.00 19.72
C LEU D 125 14.33 -9.30 18.37
N GLY D 126 14.07 -8.00 18.36
CA GLY D 126 13.94 -7.34 17.08
C GLY D 126 12.61 -7.68 16.45
N SER D 127 12.59 -7.67 15.12
CA SER D 127 11.38 -8.02 14.36
C SER D 127 11.35 -9.49 13.97
N LEU D 128 11.94 -10.37 14.77
CA LEU D 128 11.94 -11.79 14.50
C LEU D 128 10.76 -12.45 15.19
N ASN D 129 10.16 -13.43 14.54
CA ASN D 129 9.18 -14.28 15.18
C ASN D 129 9.50 -15.74 14.85
N SER D 130 8.88 -16.64 15.60
CA SER D 130 9.03 -18.05 15.32
C SER D 130 8.34 -18.38 14.00
N GLY D 131 9.06 -19.08 13.14
CA GLY D 131 8.62 -19.28 11.78
C GLY D 131 9.25 -18.35 10.78
N SER D 132 10.03 -17.36 11.23
CA SER D 132 10.78 -16.55 10.29
C SER D 132 11.96 -17.35 9.75
N LEU D 133 12.56 -16.83 8.69
CA LEU D 133 13.36 -17.62 7.79
C LEU D 133 14.84 -17.27 7.95
N VAL D 134 15.72 -18.21 7.59
CA VAL D 134 17.16 -18.04 7.72
C VAL D 134 17.79 -18.19 6.36
N TYR D 135 18.52 -17.17 5.92
CA TYR D 135 19.10 -17.13 4.59
C TYR D 135 20.60 -17.38 4.62
N PHE D 136 21.10 -18.01 3.56
CA PHE D 136 22.51 -18.08 3.25
C PHE D 136 22.66 -17.83 1.76
N ARG D 137 23.39 -16.77 1.39
CA ARG D 137 23.44 -16.22 0.03
C ARG D 137 22.03 -15.92 -0.48
N LYS D 138 21.16 -15.47 0.43
CA LYS D 138 19.73 -15.28 0.22
C LYS D 138 19.03 -16.56 -0.27
N ILE D 139 19.44 -17.71 0.25
CA ILE D 139 18.75 -18.97 0.03
C ILE D 139 18.23 -19.44 1.39
N PRO D 140 16.93 -19.72 1.51
CA PRO D 140 16.41 -20.25 2.78
C PRO D 140 16.94 -21.63 3.12
N VAL D 141 17.72 -21.71 4.19
CA VAL D 141 18.33 -22.97 4.60
C VAL D 141 18.02 -23.25 6.06
N GLY D 142 16.94 -22.66 6.57
CA GLY D 142 16.54 -22.94 7.93
C GLY D 142 15.51 -21.94 8.39
N LYS D 143 15.14 -22.06 9.66
CA LYS D 143 14.11 -21.19 10.20
C LYS D 143 14.34 -21.05 11.69
N VAL D 144 13.75 -20.00 12.26
CA VAL D 144 13.85 -19.76 13.69
C VAL D 144 12.91 -20.70 14.41
N TYR D 145 13.46 -21.50 15.32
CA TYR D 145 12.66 -22.51 16.00
C TYR D 145 11.92 -21.91 17.18
N ASP D 146 12.64 -21.26 18.09
CA ASP D 146 12.05 -20.78 19.33
C ASP D 146 12.84 -19.56 19.79
N TYR D 147 12.38 -18.95 20.88
CA TYR D 147 13.07 -17.82 21.49
C TYR D 147 12.71 -17.81 22.97
N ALA D 148 13.68 -17.42 23.79
CA ALA D 148 13.48 -17.47 25.23
C ALA D 148 14.39 -16.47 25.91
N ILE D 149 13.88 -15.83 26.95
CA ILE D 149 14.68 -14.90 27.73
C ILE D 149 15.56 -15.68 28.67
N ASN D 150 16.87 -15.39 28.65
CA ASN D 150 17.81 -15.96 29.59
C ASN D 150 17.51 -15.45 31.00
N PRO D 151 17.93 -16.19 32.04
CA PRO D 151 17.63 -15.75 33.42
C PRO D 151 18.24 -14.42 33.81
N ASN D 152 19.38 -14.07 33.24
CA ASN D 152 19.79 -12.67 33.28
C ASN D 152 18.82 -11.86 32.42
N LYS D 153 18.26 -10.80 32.98
CA LYS D 153 17.18 -10.09 32.32
C LYS D 153 17.63 -9.20 31.17
N GLN D 154 18.90 -9.25 30.78
CA GLN D 154 19.42 -8.32 29.79
C GLN D 154 19.15 -8.79 28.37
N GLY D 155 19.45 -10.06 28.08
CA GLY D 155 19.48 -10.55 26.72
C GLY D 155 18.25 -11.33 26.33
N VAL D 156 18.30 -11.86 25.11
CA VAL D 156 17.29 -12.75 24.56
C VAL D 156 18.02 -13.87 23.82
N VAL D 157 17.73 -15.10 24.17
CA VAL D 157 18.33 -16.26 23.49
C VAL D 157 17.38 -16.74 22.41
N ILE D 158 17.89 -16.83 21.18
CA ILE D 158 17.14 -17.32 20.04
C ILE D 158 17.83 -18.58 19.56
N ASP D 159 17.09 -19.67 19.44
CA ASP D 159 17.65 -20.89 18.90
C ASP D 159 16.99 -21.23 17.57
N VAL D 160 17.82 -21.47 16.56
CA VAL D 160 17.36 -21.66 15.20
C VAL D 160 17.58 -23.11 14.80
N LEU D 161 17.18 -23.45 13.57
CA LEU D 161 17.16 -24.85 13.15
C LEU D 161 17.59 -24.92 11.69
N ILE D 162 18.82 -25.35 11.47
CA ILE D 162 19.36 -25.53 10.13
C ILE D 162 18.86 -26.87 9.58
N GLU D 163 18.60 -26.90 8.27
CA GLU D 163 18.23 -28.13 7.56
C GLU D 163 19.35 -29.16 7.63
N ARG D 164 19.00 -30.38 7.22
CA ARG D 164 19.92 -31.52 7.35
C ARG D 164 21.09 -31.41 6.39
N ARG D 165 20.83 -31.06 5.14
CA ARG D 165 21.90 -31.08 4.15
C ARG D 165 22.76 -29.82 4.18
N PHE D 166 22.45 -28.85 5.04
CA PHE D 166 23.22 -27.61 5.11
C PHE D 166 23.99 -27.47 6.40
N THR D 167 24.17 -28.56 7.14
CA THR D 167 24.94 -28.50 8.38
C THR D 167 26.42 -28.25 8.14
N ASP D 168 26.91 -28.48 6.92
CA ASP D 168 28.29 -28.16 6.60
C ASP D 168 28.53 -26.66 6.53
N LEU D 169 27.47 -25.87 6.32
CA LEU D 169 27.65 -24.43 6.11
C LEU D 169 28.05 -23.71 7.39
N VAL D 170 27.38 -24.02 8.50
CA VAL D 170 27.61 -23.29 9.73
C VAL D 170 28.95 -23.69 10.31
N LYS D 171 29.90 -22.77 10.29
CA LYS D 171 31.23 -22.99 10.80
C LYS D 171 31.36 -22.36 12.18
N LYS D 172 32.51 -22.59 12.82
CA LYS D 172 32.74 -21.98 14.12
C LYS D 172 32.91 -20.47 14.01
N GLY D 173 33.45 -20.00 12.90
CA GLY D 173 33.70 -18.58 12.73
C GLY D 173 32.64 -17.88 11.92
N SER D 174 31.43 -18.40 11.93
CA SER D 174 30.34 -17.79 11.19
C SER D 174 29.75 -16.64 12.00
N ARG D 175 29.22 -15.65 11.30
CA ARG D 175 28.58 -14.50 11.93
C ARG D 175 27.15 -14.42 11.45
N PHE D 176 26.24 -14.12 12.37
CA PHE D 176 24.82 -14.04 12.04
C PHE D 176 24.38 -12.58 12.17
N TRP D 177 23.78 -12.04 11.12
CA TRP D 177 23.29 -10.68 11.21
C TRP D 177 21.80 -10.63 10.91
N ASN D 178 21.17 -9.57 11.40
CA ASN D 178 19.73 -9.40 11.30
C ASN D 178 19.37 -8.73 10.00
N VAL D 179 18.30 -9.21 9.37
CA VAL D 179 17.65 -8.53 8.26
C VAL D 179 16.16 -8.53 8.52
N SER D 180 15.62 -7.39 8.95
CA SER D 180 14.21 -7.26 9.27
C SER D 180 13.81 -5.80 9.21
N GLY D 181 12.58 -5.55 8.78
CA GLY D 181 12.11 -4.20 8.61
C GLY D 181 12.65 -3.56 7.34
N VAL D 182 12.41 -2.26 7.20
CA VAL D 182 12.86 -1.53 6.02
C VAL D 182 13.09 -0.07 6.43
N ASP D 183 13.97 0.59 5.69
CA ASP D 183 14.27 2.00 5.91
C ASP D 183 14.45 2.67 4.55
N ALA D 184 15.01 3.87 4.54
CA ALA D 184 15.36 4.57 3.31
C ALA D 184 16.83 4.94 3.34
N ASN D 185 17.53 4.74 2.23
CA ASN D 185 18.95 5.04 2.13
C ASN D 185 19.12 6.30 1.30
N VAL D 186 19.18 7.45 1.97
CA VAL D 186 19.38 8.72 1.30
C VAL D 186 20.84 9.11 1.45
N SER D 187 21.55 9.20 0.33
CA SER D 187 22.89 9.74 0.31
C SER D 187 22.88 11.09 -0.41
N ILE D 188 24.05 11.67 -0.58
CA ILE D 188 24.15 12.92 -1.32
C ILE D 188 24.09 12.64 -2.80
N SER D 189 23.63 13.65 -3.56
CA SER D 189 23.42 13.60 -5.01
C SER D 189 22.49 12.45 -5.38
N GLY D 190 21.28 12.51 -4.85
CA GLY D 190 20.33 11.46 -5.17
C GLY D 190 20.24 10.40 -4.09
N ALA D 191 19.07 9.79 -4.00
CA ALA D 191 18.76 8.79 -3.00
C ALA D 191 18.16 7.56 -3.68
N LYS D 192 18.57 6.37 -3.23
CA LYS D 192 17.94 5.14 -3.69
C LYS D 192 17.65 4.25 -2.50
N VAL D 193 16.44 3.68 -2.50
CA VAL D 193 15.88 3.02 -1.33
C VAL D 193 15.81 1.53 -1.59
N LYS D 194 16.75 0.79 -1.03
CA LYS D 194 16.71 -0.66 -1.01
C LYS D 194 17.24 -1.12 0.33
N LEU D 195 16.46 -1.93 1.04
CA LEU D 195 17.02 -2.62 2.19
C LEU D 195 16.96 -4.13 2.05
N GLU D 196 15.76 -4.72 1.89
CA GLU D 196 15.59 -6.16 2.04
C GLU D 196 14.55 -6.67 1.03
N SER D 197 14.34 -7.98 1.05
CA SER D 197 13.34 -8.64 0.22
C SER D 197 11.96 -8.54 0.88
N LEU D 198 10.92 -8.91 0.11
CA LEU D 198 9.56 -8.75 0.60
C LEU D 198 9.14 -9.82 1.59
N ALA D 199 9.85 -10.95 1.63
CA ALA D 199 9.51 -11.97 2.60
C ALA D 199 9.96 -11.59 4.01
N ALA D 200 11.06 -10.85 4.09
CA ALA D 200 11.63 -10.47 5.38
C ALA D 200 10.85 -9.37 6.07
N LEU D 201 10.05 -8.60 5.32
CA LEU D 201 9.40 -7.42 5.89
C LEU D 201 8.31 -7.81 6.86
N VAL D 202 7.59 -8.89 6.57
CA VAL D 202 6.38 -9.21 7.32
C VAL D 202 6.73 -9.91 8.63
N ASN D 203 7.64 -10.87 8.57
CA ASN D 203 7.88 -11.75 9.71
C ASN D 203 9.32 -11.73 10.22
N GLY D 204 10.27 -11.26 9.44
CA GLY D 204 11.65 -11.20 9.88
C GLY D 204 12.51 -12.22 9.17
N ALA D 205 13.83 -12.00 9.26
CA ALA D 205 14.80 -12.89 8.64
C ALA D 205 16.13 -12.75 9.34
N ILE D 206 17.01 -13.73 9.10
CA ILE D 206 18.38 -13.74 9.61
C ILE D 206 19.25 -14.29 8.50
N ALA D 207 20.23 -13.51 8.06
CA ALA D 207 21.20 -14.03 7.11
C ALA D 207 22.47 -14.42 7.83
N PHE D 208 23.32 -15.18 7.15
CA PHE D 208 24.62 -15.49 7.73
C PHE D 208 25.66 -15.72 6.65
N ASP D 209 26.91 -15.75 7.09
CA ASP D 209 28.06 -15.96 6.24
C ASP D 209 28.81 -17.19 6.69
N SER D 210 29.44 -17.86 5.73
CA SER D 210 30.30 -19.01 6.01
C SER D 210 31.73 -18.66 5.64
N PRO D 211 32.64 -18.54 6.60
CA PRO D 211 34.05 -18.30 6.26
C PRO D 211 34.66 -19.55 5.64
N GLU D 212 35.81 -19.34 5.00
CA GLU D 212 36.38 -20.39 4.17
C GLU D 212 37.09 -21.45 4.98
N GLU D 213 37.99 -21.05 5.87
CA GLU D 213 38.80 -21.98 6.65
C GLU D 213 38.34 -21.91 8.10
N SER D 214 37.45 -22.82 8.49
CA SER D 214 37.00 -22.93 9.86
C SER D 214 36.44 -24.33 10.08
N LYS D 215 36.45 -24.76 11.34
CA LYS D 215 35.85 -26.03 11.68
C LYS D 215 34.33 -25.90 11.62
N PRO D 216 33.63 -26.96 11.24
CA PRO D 216 32.16 -26.90 11.21
C PRO D 216 31.58 -26.87 12.62
N ALA D 217 30.64 -25.97 12.84
CA ALA D 217 30.04 -25.83 14.16
C ALA D 217 28.99 -26.91 14.38
N GLU D 218 28.72 -27.17 15.66
CA GLU D 218 27.78 -28.22 16.02
C GLU D 218 27.30 -28.00 17.45
N ALA D 219 26.17 -28.66 17.76
CA ALA D 219 25.76 -29.04 19.12
C ALA D 219 25.61 -27.84 20.05
N GLU D 220 24.61 -27.01 19.70
CA GLU D 220 24.12 -25.91 20.54
C GLU D 220 25.20 -24.89 20.86
N ASP D 221 26.00 -24.54 19.85
CA ASP D 221 27.00 -23.51 20.02
C ASP D 221 26.32 -22.15 19.98
N THR D 222 26.85 -21.22 20.75
CA THR D 222 26.30 -19.88 20.78
C THR D 222 26.91 -19.01 19.68
N PHE D 223 26.19 -17.95 19.33
CA PHE D 223 26.66 -16.98 18.35
C PHE D 223 26.08 -15.62 18.71
N GLY D 224 26.81 -14.57 18.38
CA GLY D 224 26.28 -13.24 18.50
C GLY D 224 25.43 -12.89 17.30
N LEU D 225 24.38 -12.12 17.53
CA LEU D 225 23.51 -11.64 16.47
C LEU D 225 23.78 -10.16 16.25
N TYR D 226 24.39 -9.83 15.13
CA TYR D 226 24.62 -8.44 14.79
C TYR D 226 23.34 -7.86 14.21
N GLU D 227 23.18 -6.56 14.38
CA GLU D 227 21.93 -5.92 14.01
C GLU D 227 21.90 -5.40 12.58
N ASP D 228 22.96 -5.63 11.81
CA ASP D 228 23.05 -5.15 10.44
C ASP D 228 24.17 -5.91 9.75
N LEU D 229 24.13 -5.89 8.42
CA LEU D 229 25.28 -6.37 7.65
C LEU D 229 26.51 -5.52 7.92
N ALA D 230 26.32 -4.21 8.07
CA ALA D 230 27.44 -3.31 8.31
C ALA D 230 28.09 -3.56 9.67
N HIS D 231 27.29 -3.92 10.66
CA HIS D 231 27.84 -4.30 11.96
C HIS D 231 28.44 -5.69 11.96
N SER D 232 28.24 -6.47 10.90
CA SER D 232 28.79 -7.81 10.82
C SER D 232 30.10 -7.86 10.04
N GLN D 233 30.75 -6.72 9.85
CA GLN D 233 32.01 -6.71 9.12
C GLN D 233 33.13 -7.28 9.97
N ARG D 234 33.95 -8.11 9.36
CA ARG D 234 35.16 -8.57 10.03
C ARG D 234 36.18 -7.45 10.06
N GLY D 235 37.15 -7.59 10.94
CA GLY D 235 38.19 -6.59 11.04
C GLY D 235 38.87 -6.66 12.40
N VAL D 236 39.75 -5.70 12.62
CA VAL D 236 40.56 -5.62 13.83
C VAL D 236 40.12 -4.38 14.60
N ILE D 237 39.81 -4.56 15.88
CA ILE D 237 39.45 -3.43 16.73
C ILE D 237 40.69 -2.60 17.01
N ILE D 238 40.60 -1.30 16.80
CA ILE D 238 41.66 -0.36 17.10
C ILE D 238 41.10 0.69 18.05
N LYS D 239 41.64 0.77 19.25
CA LYS D 239 41.17 1.75 20.21
C LYS D 239 41.77 3.12 19.92
N LEU D 240 40.94 4.14 20.01
CA LEU D 240 41.36 5.51 19.77
C LEU D 240 41.08 6.35 21.00
N GLU D 241 42.03 7.21 21.35
CA GLU D 241 41.87 8.17 22.44
C GLU D 241 41.66 9.53 21.80
N LEU D 242 40.41 9.87 21.57
CA LEU D 242 40.03 11.05 20.82
C LEU D 242 40.16 12.31 21.67
N PRO D 243 40.47 13.45 21.05
CA PRO D 243 40.53 14.70 21.83
C PRO D 243 39.18 15.16 22.32
N SER D 244 38.20 15.28 21.42
CA SER D 244 36.84 15.66 21.75
C SER D 244 35.94 15.22 20.61
N GLY D 245 34.88 14.49 20.93
CA GLY D 245 34.03 13.97 19.89
C GLY D 245 33.06 15.03 19.39
N ALA D 246 33.55 15.97 18.61
CA ALA D 246 32.75 17.17 18.28
C ALA D 246 31.80 16.86 17.14
N GLY D 247 32.34 16.42 16.01
CA GLY D 247 31.50 16.15 14.85
C GLY D 247 31.51 14.68 14.49
N LEU D 248 31.91 13.85 15.45
CA LEU D 248 32.07 12.44 15.18
C LEU D 248 30.74 11.72 15.36
N THR D 249 30.50 10.74 14.50
CA THR D 249 29.27 9.97 14.49
C THR D 249 29.60 8.53 14.86
N ALA D 250 28.64 7.85 15.49
CA ALA D 250 28.92 6.56 16.10
C ALA D 250 29.24 5.48 15.09
N ASP D 251 28.59 5.49 13.92
CA ASP D 251 28.80 4.45 12.92
C ASP D 251 28.96 5.02 11.52
N SER D 252 29.23 6.31 11.39
CA SER D 252 29.26 6.94 10.07
C SER D 252 30.53 7.72 9.78
N THR D 253 31.46 7.82 10.72
CA THR D 253 32.68 8.58 10.49
C THR D 253 33.74 7.66 9.93
N PRO D 254 34.18 7.83 8.70
CA PRO D 254 35.05 6.85 8.07
C PRO D 254 36.53 7.14 8.34
N LEU D 255 37.36 6.20 7.92
CA LEU D 255 38.81 6.33 7.96
C LEU D 255 39.31 6.32 6.53
N MET D 256 39.70 7.49 6.03
CA MET D 256 40.20 7.58 4.67
C MET D 256 41.65 7.12 4.59
N TYR D 257 42.02 6.67 3.41
CA TYR D 257 43.42 6.40 3.07
C TYR D 257 43.51 6.48 1.56
N GLN D 258 44.31 7.43 1.05
CA GLN D 258 44.43 7.74 -0.38
C GLN D 258 43.08 8.06 -1.01
N GLY D 259 42.19 8.65 -0.23
CA GLY D 259 40.85 8.97 -0.65
C GLY D 259 39.86 7.83 -0.55
N LEU D 260 40.30 6.62 -0.23
CA LEU D 260 39.42 5.47 -0.19
C LEU D 260 39.05 5.15 1.25
N GLU D 261 37.89 4.52 1.41
CA GLU D 261 37.42 4.16 2.74
C GLU D 261 38.06 2.86 3.17
N VAL D 262 38.73 2.89 4.31
CA VAL D 262 39.38 1.72 4.88
C VAL D 262 38.68 1.26 6.14
N GLY D 263 38.52 2.17 7.10
CA GLY D 263 37.92 1.85 8.38
C GLY D 263 36.61 2.57 8.59
N GLN D 264 36.02 2.29 9.74
CA GLN D 264 34.73 2.84 10.10
C GLN D 264 34.69 2.94 11.61
N LEU D 265 34.46 4.13 12.13
CA LEU D 265 34.30 4.30 13.56
C LEU D 265 33.04 3.58 14.01
N THR D 266 33.16 2.78 15.08
CA THR D 266 32.05 1.93 15.49
C THR D 266 31.49 2.24 16.86
N LYS D 267 32.32 2.66 17.81
CA LYS D 267 31.84 2.93 19.15
C LYS D 267 32.44 4.24 19.61
N LEU D 268 31.66 5.01 20.34
CA LEU D 268 32.10 6.32 20.84
C LEU D 268 31.60 6.48 22.26
N ASP D 269 32.52 6.74 23.18
CA ASP D 269 32.23 6.66 24.60
C ASP D 269 32.68 7.92 25.31
N LEU D 270 32.04 8.20 26.43
CA LEU D 270 32.46 9.27 27.33
C LEU D 270 32.93 8.60 28.62
N ASN D 271 34.23 8.42 28.76
CA ASN D 271 34.78 7.87 29.98
C ASN D 271 34.68 8.91 31.11
N PRO D 272 34.62 8.46 32.36
CA PRO D 272 34.70 9.42 33.47
C PRO D 272 36.06 10.06 33.55
N GLY D 273 36.08 11.31 33.98
CA GLY D 273 37.25 12.14 33.89
C GLY D 273 37.32 13.00 32.65
N GLY D 274 36.31 12.96 31.80
CA GLY D 274 36.26 13.79 30.61
C GLY D 274 37.23 13.34 29.53
N LYS D 275 37.20 12.05 29.21
CA LYS D 275 38.08 11.48 28.19
C LYS D 275 37.20 10.79 27.15
N VAL D 276 37.04 11.43 26.00
CA VAL D 276 36.24 10.86 24.92
C VAL D 276 37.11 9.83 24.19
N THR D 277 36.79 8.55 24.38
CA THR D 277 37.50 7.49 23.72
C THR D 277 36.55 6.67 22.86
N GLY D 278 37.08 6.15 21.76
CA GLY D 278 36.31 5.32 20.86
C GLY D 278 37.15 4.19 20.32
N GLU D 279 36.53 3.39 19.44
CA GLU D 279 37.23 2.28 18.84
C GLU D 279 36.74 2.10 17.41
N MET D 280 37.56 1.42 16.61
CA MET D 280 37.38 1.43 15.17
C MET D 280 37.66 0.05 14.60
N THR D 281 36.86 -0.37 13.64
CA THR D 281 37.14 -1.55 12.84
C THR D 281 37.81 -1.13 11.55
N VAL D 282 38.72 -1.97 11.05
CA VAL D 282 39.47 -1.68 9.84
C VAL D 282 39.34 -2.85 8.87
N ASP D 283 39.71 -2.59 7.63
CA ASP D 283 39.89 -3.65 6.65
C ASP D 283 41.07 -4.51 7.08
N PRO D 284 40.96 -5.84 7.08
CA PRO D 284 42.12 -6.68 7.39
C PRO D 284 43.26 -6.62 6.39
N SER D 285 43.04 -6.05 5.20
CA SER D 285 44.15 -5.88 4.26
C SER D 285 45.10 -4.78 4.67
N VAL D 286 44.67 -3.86 5.54
CA VAL D 286 45.43 -2.67 5.87
C VAL D 286 46.09 -2.78 7.25
N VAL D 287 45.87 -3.90 7.95
CA VAL D 287 46.44 -4.12 9.28
C VAL D 287 47.96 -4.16 9.24
N THR D 288 48.54 -4.58 8.11
CA THR D 288 49.98 -4.57 7.93
C THR D 288 50.56 -3.15 7.96
N LEU D 289 49.75 -2.15 7.56
CA LEU D 289 50.20 -0.77 7.69
C LEU D 289 50.09 -0.25 9.11
N LEU D 290 49.24 -0.84 9.93
CA LEU D 290 49.10 -0.39 11.31
C LEU D 290 50.27 -0.91 12.13
N ARG D 291 51.22 -0.02 12.43
CA ARG D 291 52.42 -0.39 13.16
C ARG D 291 52.68 0.69 14.20
N GLU D 292 53.89 0.67 14.76
CA GLU D 292 54.37 1.81 15.54
C GLU D 292 54.56 3.03 14.64
N ASN D 293 54.70 4.18 15.30
CA ASN D 293 54.75 5.56 14.75
C ASN D 293 53.82 5.78 13.56
N THR D 294 52.59 5.29 13.71
CA THR D 294 51.53 5.39 12.72
C THR D 294 50.50 6.39 13.23
N ARG D 295 50.27 7.46 12.47
CA ARG D 295 49.48 8.59 12.94
C ARG D 295 48.08 8.58 12.35
N ILE D 296 47.10 8.92 13.18
CA ILE D 296 45.71 9.10 12.77
C ILE D 296 45.29 10.50 13.21
N GLU D 297 45.10 11.39 12.24
CA GLU D 297 44.64 12.75 12.52
C GLU D 297 43.38 13.03 11.71
N LEU D 298 42.54 13.92 12.21
CA LEU D 298 41.26 14.21 11.59
C LEU D 298 41.37 15.43 10.68
N ARG D 299 40.75 15.34 9.51
CA ARG D 299 40.72 16.42 8.53
C ARG D 299 39.35 17.09 8.55
N ASN D 300 39.36 18.41 8.49
CA ASN D 300 38.12 19.16 8.45
C ASN D 300 37.59 19.23 7.01
N PRO D 301 36.28 19.36 6.82
CA PRO D 301 35.74 19.60 5.46
C PRO D 301 35.87 21.07 5.07
N LYS D 302 37.11 21.48 4.81
CA LYS D 302 37.43 22.89 4.61
C LYS D 302 36.99 23.37 3.23
N LEU D 303 36.69 24.67 3.15
CA LEU D 303 36.31 25.30 1.90
C LEU D 303 37.58 25.67 1.14
N SER D 304 37.92 24.88 0.13
CA SER D 304 39.12 25.11 -0.68
C SER D 304 38.75 25.98 -1.88
N LEU D 305 39.55 27.03 -2.12
CA LEU D 305 39.25 27.97 -3.18
C LEU D 305 39.50 27.37 -4.57
N SER D 306 40.38 26.39 -4.66
CA SER D 306 40.69 25.77 -5.95
C SER D 306 39.80 24.56 -6.24
N ASP D 307 39.58 23.70 -5.26
CA ASP D 307 38.74 22.52 -5.41
C ASP D 307 37.50 22.72 -4.55
N ALA D 308 36.45 23.27 -5.14
CA ALA D 308 35.19 23.51 -4.43
C ALA D 308 34.31 22.28 -4.62
N ASN D 309 34.24 21.46 -3.59
CA ASN D 309 33.48 20.22 -3.63
C ASN D 309 32.30 20.29 -2.67
N LEU D 310 31.12 19.96 -3.18
CA LEU D 310 29.93 19.99 -2.34
C LEU D 310 29.81 18.74 -1.49
N SER D 311 30.40 17.64 -1.94
CA SER D 311 30.18 16.35 -1.28
C SER D 311 30.92 16.26 0.04
N ALA D 312 32.12 16.85 0.11
CA ALA D 312 32.93 16.74 1.32
C ALA D 312 32.36 17.57 2.45
N LEU D 313 31.77 18.72 2.14
CA LEU D 313 31.23 19.59 3.18
C LEU D 313 29.98 19.04 3.83
N LEU D 314 29.29 18.10 3.18
CA LEU D 314 28.17 17.45 3.85
C LEU D 314 28.61 16.36 4.81
N THR D 315 29.78 15.76 4.55
CA THR D 315 30.20 14.60 5.35
C THR D 315 30.66 15.01 6.74
N GLY D 316 31.46 16.06 6.84
CA GLY D 316 31.92 16.52 8.14
C GLY D 316 33.32 16.06 8.47
N LYS D 317 33.54 15.68 9.73
CA LYS D 317 34.85 15.24 10.18
C LYS D 317 35.26 13.95 9.49
N THR D 318 36.56 13.79 9.29
CA THR D 318 37.07 12.70 8.47
C THR D 318 38.42 12.25 9.01
N PHE D 319 38.51 10.98 9.38
CA PHE D 319 39.76 10.44 9.90
C PHE D 319 40.69 10.06 8.76
N GLU D 320 41.95 10.47 8.89
CA GLU D 320 42.98 10.22 7.89
C GLU D 320 44.04 9.29 8.48
N LEU D 321 44.48 8.33 7.69
CA LEU D 321 45.50 7.38 8.10
C LEU D 321 46.76 7.57 7.26
N VAL D 322 47.90 7.75 7.93
CA VAL D 322 49.19 7.73 7.26
C VAL D 322 49.98 6.54 7.80
N PRO D 323 50.67 5.78 6.96
CA PRO D 323 51.31 4.55 7.41
C PRO D 323 52.55 4.81 8.25
N GLY D 324 53.02 3.75 8.91
CA GLY D 324 54.22 3.80 9.71
C GLY D 324 54.94 2.47 9.68
N ASP D 325 56.10 2.44 10.32
CA ASP D 325 56.93 1.24 10.37
C ASP D 325 57.24 0.88 11.81
N GLY D 326 57.57 -0.39 12.01
CA GLY D 326 57.94 -0.86 13.33
C GLY D 326 57.07 -2.00 13.82
N GLU D 327 56.97 -2.13 15.13
CA GLU D 327 56.17 -3.19 15.72
C GLU D 327 54.69 -2.89 15.51
N PRO D 328 53.87 -3.90 15.20
CA PRO D 328 52.43 -3.67 15.08
C PRO D 328 51.80 -3.42 16.45
N ARG D 329 51.20 -2.24 16.60
CA ARG D 329 50.43 -1.87 17.76
C ARG D 329 48.96 -1.75 17.38
N LYS D 330 48.09 -1.87 18.39
CA LYS D 330 46.66 -1.97 18.14
C LYS D 330 45.89 -0.81 18.74
N GLU D 331 46.56 0.26 19.14
CA GLU D 331 45.86 1.42 19.68
C GLU D 331 46.63 2.67 19.32
N PHE D 332 45.89 3.78 19.21
CA PHE D 332 46.50 5.04 18.85
C PHE D 332 45.82 6.15 19.63
N VAL D 333 46.48 7.31 19.66
CA VAL D 333 45.99 8.50 20.32
C VAL D 333 45.89 9.60 19.28
N VAL D 334 44.69 10.14 19.10
CA VAL D 334 44.46 11.23 18.17
C VAL D 334 44.63 12.55 18.91
N VAL D 335 45.46 13.43 18.37
CA VAL D 335 45.71 14.73 18.97
C VAL D 335 44.80 15.78 18.34
N GLY E 1 -35.21 -29.65 31.64
CA GLY E 1 -35.72 -28.47 30.97
C GLY E 1 -36.13 -27.37 31.93
N ASN E 2 -35.80 -26.14 31.58
CA ASN E 2 -36.11 -24.97 32.40
C ASN E 2 -36.65 -23.88 31.49
N THR E 3 -37.02 -22.75 32.09
CA THR E 3 -37.56 -21.61 31.34
C THR E 3 -36.84 -20.35 31.81
N VAL E 4 -36.17 -19.67 30.89
CA VAL E 4 -35.48 -18.42 31.16
C VAL E 4 -35.81 -17.45 30.04
N THR E 5 -36.35 -16.29 30.38
CA THR E 5 -36.65 -15.25 29.41
C THR E 5 -35.56 -14.19 29.43
N ILE E 6 -35.08 -13.82 28.24
CA ILE E 6 -34.01 -12.84 28.08
C ILE E 6 -34.50 -11.75 27.15
N ASP E 7 -34.37 -10.50 27.56
CA ASP E 7 -34.72 -9.38 26.71
C ASP E 7 -33.56 -9.06 25.78
N PHE E 8 -33.82 -9.07 24.48
CA PHE E 8 -32.85 -8.66 23.47
C PHE E 8 -33.26 -7.34 22.84
N MET E 9 -32.28 -6.50 22.56
CA MET E 9 -32.55 -5.29 21.80
C MET E 9 -32.73 -5.60 20.33
N SER E 10 -31.95 -6.52 19.80
CA SER E 10 -32.12 -7.03 18.45
C SER E 10 -31.54 -8.43 18.40
N ALA E 11 -32.29 -9.35 17.79
CA ALA E 11 -31.91 -10.76 17.73
C ALA E 11 -31.84 -11.16 16.27
N ASP E 12 -30.64 -11.47 15.79
CA ASP E 12 -30.40 -11.70 14.38
C ASP E 12 -29.89 -13.11 14.16
N GLY E 13 -30.52 -13.81 13.22
CA GLY E 13 -30.07 -15.14 12.85
C GLY E 13 -30.32 -16.19 13.90
N ILE E 14 -31.37 -16.04 14.70
CA ILE E 14 -31.70 -16.97 15.77
C ILE E 14 -32.92 -17.77 15.34
N VAL E 15 -32.76 -19.09 15.31
CA VAL E 15 -33.86 -19.99 14.96
C VAL E 15 -34.29 -20.69 16.24
N PRO E 16 -35.59 -20.93 16.45
CA PRO E 16 -36.00 -21.69 17.64
C PRO E 16 -35.55 -23.14 17.64
N GLY E 17 -35.20 -23.70 16.49
CA GLY E 17 -34.71 -25.05 16.45
C GLY E 17 -33.29 -25.18 16.98
N ARG E 18 -32.32 -24.59 16.29
CA ARG E 18 -30.92 -24.76 16.61
C ARG E 18 -30.26 -23.40 16.88
N THR E 19 -30.37 -22.96 18.13
CA THR E 19 -29.61 -21.80 18.61
C THR E 19 -29.13 -22.15 20.00
N PRO E 20 -27.94 -22.72 20.11
CA PRO E 20 -27.46 -23.19 21.41
C PRO E 20 -26.98 -22.05 22.28
N VAL E 21 -26.90 -22.34 23.57
CA VAL E 21 -26.34 -21.41 24.55
C VAL E 21 -24.99 -21.98 24.95
N ARG E 22 -23.92 -21.37 24.50
CA ARG E 22 -22.58 -21.90 24.69
C ARG E 22 -21.90 -21.15 25.82
N TYR E 23 -21.74 -21.80 26.96
CA TYR E 23 -20.85 -21.32 28.01
C TYR E 23 -19.46 -21.87 27.74
N GLN E 24 -18.51 -20.98 27.46
CA GLN E 24 -17.12 -21.32 27.11
C GLN E 24 -17.03 -22.27 25.92
N GLY E 25 -18.02 -22.21 25.03
CA GLY E 25 -18.02 -23.00 23.82
C GLY E 25 -18.65 -24.37 23.91
N VAL E 26 -19.24 -24.75 25.05
CA VAL E 26 -19.93 -26.02 25.15
C VAL E 26 -21.42 -25.74 25.33
N GLU E 27 -22.25 -26.54 24.67
CA GLU E 27 -23.69 -26.31 24.64
C GLU E 27 -24.30 -26.59 26.00
N VAL E 28 -24.94 -25.57 26.57
CA VAL E 28 -25.46 -25.63 27.93
C VAL E 28 -26.97 -25.45 27.84
N GLY E 29 -27.42 -24.71 26.85
CA GLY E 29 -28.84 -24.42 26.74
C GLY E 29 -29.28 -24.33 25.29
N THR E 30 -30.58 -24.21 25.11
CA THR E 30 -31.18 -24.16 23.79
C THR E 30 -32.29 -23.12 23.80
N VAL E 31 -32.31 -22.29 22.76
CA VAL E 31 -33.39 -21.31 22.59
C VAL E 31 -34.68 -22.04 22.29
N GLN E 32 -35.70 -21.83 23.14
CA GLN E 32 -36.98 -22.49 22.94
C GLN E 32 -37.82 -21.76 21.90
N ASP E 33 -38.17 -20.50 22.18
CA ASP E 33 -39.07 -19.76 21.32
C ASP E 33 -38.79 -18.27 21.49
N ILE E 34 -39.02 -17.52 20.41
CA ILE E 34 -38.79 -16.08 20.39
C ILE E 34 -40.13 -15.40 20.18
N SER E 35 -40.48 -14.50 21.08
CA SER E 35 -41.66 -13.66 20.94
C SER E 35 -41.31 -12.23 21.25
N LEU E 36 -42.13 -11.31 20.76
CA LEU E 36 -41.96 -9.89 21.07
C LEU E 36 -43.18 -9.39 21.82
N SER E 37 -42.94 -8.58 22.84
CA SER E 37 -44.01 -8.00 23.64
C SER E 37 -44.25 -6.58 23.17
N ASP E 38 -45.54 -6.26 22.96
CA ASP E 38 -46.17 -4.97 22.63
C ASP E 38 -45.42 -4.08 21.64
N ASP E 39 -44.64 -4.71 20.75
CA ASP E 39 -43.97 -4.08 19.60
C ASP E 39 -43.03 -2.94 20.03
N LEU E 40 -42.38 -3.11 21.17
CA LEU E 40 -41.43 -2.11 21.65
C LEU E 40 -40.11 -2.79 21.97
N ARG E 41 -39.62 -3.58 21.01
CA ARG E 41 -38.30 -4.22 21.02
C ARG E 41 -38.13 -5.17 22.20
N LYS E 42 -39.23 -5.70 22.71
CA LYS E 42 -39.20 -6.54 23.90
C LYS E 42 -39.13 -7.99 23.44
N ILE E 43 -37.95 -8.37 22.96
CA ILE E 43 -37.77 -9.66 22.32
C ILE E 43 -37.65 -10.73 23.40
N GLU E 44 -38.79 -11.30 23.78
CA GLU E 44 -38.81 -12.33 24.81
C GLU E 44 -38.33 -13.65 24.20
N VAL E 45 -37.20 -14.15 24.69
CA VAL E 45 -36.59 -15.36 24.17
C VAL E 45 -36.55 -16.39 25.28
N LYS E 46 -37.27 -17.48 25.09
CA LYS E 46 -37.32 -18.55 26.07
C LYS E 46 -36.15 -19.50 25.85
N VAL E 47 -35.45 -19.86 26.93
CA VAL E 47 -34.25 -20.66 26.86
C VAL E 47 -34.37 -21.80 27.87
N SER E 48 -34.24 -23.03 27.39
CA SER E 48 -34.17 -24.20 28.24
C SER E 48 -32.72 -24.57 28.48
N ILE E 49 -32.34 -24.68 29.75
CA ILE E 49 -30.97 -24.90 30.16
C ILE E 49 -30.88 -26.27 30.81
N LYS E 50 -29.73 -26.93 30.68
CA LYS E 50 -29.47 -28.16 31.41
C LYS E 50 -29.53 -27.92 32.91
N SER E 51 -29.89 -28.97 33.65
CA SER E 51 -30.24 -28.83 35.06
C SER E 51 -29.05 -28.51 35.93
N ASP E 52 -27.84 -28.89 35.51
CA ASP E 52 -26.65 -28.62 36.31
C ASP E 52 -26.33 -27.14 36.38
N MET E 53 -26.48 -26.43 35.25
CA MET E 53 -26.27 -24.99 35.25
C MET E 53 -27.43 -24.25 35.90
N LYS E 54 -28.62 -24.85 35.92
CA LYS E 54 -29.78 -24.24 36.54
C LYS E 54 -29.58 -24.08 38.05
N ASP E 55 -28.88 -25.03 38.67
CA ASP E 55 -28.50 -24.86 40.07
C ASP E 55 -27.46 -23.78 40.22
N ALA E 56 -26.55 -23.66 39.26
CA ALA E 56 -25.51 -22.64 39.30
C ALA E 56 -25.95 -21.32 38.68
N LEU E 57 -27.17 -21.23 38.15
CA LEU E 57 -27.67 -19.98 37.62
C LEU E 57 -27.98 -19.02 38.76
N ARG E 58 -27.50 -17.78 38.65
CA ARG E 58 -27.70 -16.78 39.67
C ARG E 58 -28.09 -15.46 39.01
N GLU E 59 -28.24 -14.41 39.82
CA GLU E 59 -28.79 -13.16 39.33
C GLU E 59 -27.79 -12.36 38.51
N GLU E 60 -26.51 -12.38 38.89
CA GLU E 60 -25.49 -11.61 38.19
C GLU E 60 -24.93 -12.41 37.00
N THR E 61 -25.83 -12.84 36.13
CA THR E 61 -25.46 -13.65 34.98
C THR E 61 -25.84 -12.90 33.71
N GLN E 62 -24.87 -12.72 32.83
CA GLN E 62 -25.01 -11.87 31.67
C GLN E 62 -25.03 -12.71 30.40
N PHE E 63 -25.88 -12.32 29.46
CA PHE E 63 -26.02 -13.01 28.18
C PHE E 63 -25.73 -12.04 27.04
N TRP E 64 -25.23 -12.58 25.94
CA TRP E 64 -24.91 -11.76 24.79
C TRP E 64 -25.00 -12.59 23.53
N LEU E 65 -25.44 -11.96 22.45
CA LEU E 65 -25.53 -12.60 21.14
C LEU E 65 -24.24 -12.41 20.38
N VAL E 66 -23.68 -13.50 19.84
CA VAL E 66 -22.50 -13.41 18.99
C VAL E 66 -22.92 -13.59 17.54
N THR E 67 -22.53 -12.67 16.72
CA THR E 67 -22.70 -12.46 15.31
C THR E 67 -21.35 -12.55 14.62
N PRO E 68 -21.26 -12.98 13.37
CA PRO E 68 -20.00 -12.80 12.63
C PRO E 68 -19.68 -11.32 12.51
N LYS E 69 -18.70 -10.89 13.30
CA LYS E 69 -18.32 -9.47 13.35
C LYS E 69 -17.27 -9.21 12.28
N ALA E 70 -17.74 -9.01 11.04
CA ALA E 70 -16.87 -8.65 9.94
C ALA E 70 -16.86 -7.16 9.67
N SER E 71 -17.10 -6.33 10.69
CA SER E 71 -17.28 -4.90 10.50
C SER E 71 -15.94 -4.19 10.41
N LEU E 72 -15.96 -2.86 10.60
CA LEU E 72 -14.76 -2.04 10.52
C LEU E 72 -13.69 -2.50 11.51
N ALA E 73 -14.09 -2.79 12.74
CA ALA E 73 -13.21 -3.46 13.70
C ALA E 73 -13.83 -4.80 14.05
N GLY E 74 -13.28 -5.88 13.50
CA GLY E 74 -13.73 -7.20 13.90
C GLY E 74 -13.21 -8.35 13.06
N VAL E 75 -12.78 -9.41 13.74
CA VAL E 75 -12.49 -10.69 13.12
C VAL E 75 -13.23 -11.83 13.82
N SER E 76 -13.91 -11.54 14.93
CA SER E 76 -14.27 -12.53 15.94
C SER E 76 -15.52 -13.34 15.59
N GLY E 77 -15.81 -13.56 14.32
CA GLY E 77 -16.93 -14.39 13.97
C GLY E 77 -16.51 -15.72 13.37
N LEU E 78 -15.39 -16.27 13.85
CA LEU E 78 -14.87 -17.52 13.29
C LEU E 78 -15.74 -18.70 13.70
N ASP E 79 -16.11 -18.77 14.98
CA ASP E 79 -17.04 -19.80 15.42
C ASP E 79 -18.43 -19.55 14.86
N ALA E 80 -18.78 -18.27 14.67
CA ALA E 80 -20.12 -17.92 14.23
C ALA E 80 -20.34 -18.18 12.75
N LEU E 81 -19.30 -18.24 11.94
CA LEU E 81 -19.49 -18.62 10.54
C LEU E 81 -19.70 -20.12 10.41
N VAL E 82 -19.02 -20.91 11.24
CA VAL E 82 -19.09 -22.35 11.10
C VAL E 82 -20.39 -22.89 11.68
N GLY E 83 -20.57 -22.73 12.99
CA GLY E 83 -21.73 -23.26 13.66
C GLY E 83 -22.99 -22.46 13.45
N GLY E 84 -22.84 -21.15 13.29
CA GLY E 84 -23.96 -20.24 13.23
C GLY E 84 -23.95 -19.30 14.43
N ASN E 85 -24.99 -18.49 14.50
CA ASN E 85 -25.16 -17.62 15.64
C ASN E 85 -25.51 -18.44 16.88
N TYR E 86 -25.05 -17.96 18.03
CA TYR E 86 -25.42 -18.54 19.31
C TYR E 86 -25.38 -17.44 20.36
N ILE E 87 -25.66 -17.81 21.60
CA ILE E 87 -25.49 -16.87 22.69
C ILE E 87 -24.63 -17.52 23.77
N GLY E 88 -24.03 -16.66 24.60
CA GLY E 88 -23.16 -17.10 25.66
C GLY E 88 -23.61 -16.61 27.02
N MET E 89 -22.90 -17.04 28.04
CA MET E 89 -23.27 -16.68 29.40
C MET E 89 -22.03 -16.62 30.28
N MET E 90 -22.14 -15.86 31.36
CA MET E 90 -21.15 -15.80 32.41
C MET E 90 -21.86 -15.82 33.75
N PRO E 91 -21.75 -16.88 34.53
CA PRO E 91 -22.41 -16.92 35.83
C PRO E 91 -21.73 -15.99 36.82
N GLY E 92 -22.51 -15.51 37.78
CA GLY E 92 -21.99 -14.58 38.76
C GLY E 92 -22.46 -14.86 40.16
N LYS E 93 -22.25 -13.91 41.07
CA LYS E 93 -22.54 -14.09 42.49
C LYS E 93 -23.90 -13.53 42.89
N GLY E 94 -24.86 -13.52 41.98
CA GLY E 94 -26.18 -13.00 42.28
C GLY E 94 -26.99 -13.95 43.13
N LYS E 95 -28.19 -13.49 43.50
CA LYS E 95 -29.10 -14.35 44.26
C LYS E 95 -29.89 -15.28 43.36
N GLU E 96 -30.76 -14.71 42.53
CA GLU E 96 -31.69 -15.45 41.68
C GLU E 96 -32.33 -14.47 40.72
N GLN E 97 -32.45 -14.89 39.46
CA GLN E 97 -33.12 -14.08 38.45
C GLN E 97 -33.65 -15.00 37.35
N ASP E 98 -34.87 -14.73 36.91
CA ASP E 98 -35.44 -15.44 35.77
C ASP E 98 -35.49 -14.58 34.52
N HIS E 99 -35.84 -13.31 34.65
CA HIS E 99 -35.99 -12.41 33.52
C HIS E 99 -34.71 -11.60 33.37
N PHE E 100 -33.96 -11.85 32.31
CA PHE E 100 -32.67 -11.23 32.09
C PHE E 100 -32.74 -10.19 30.99
N VAL E 101 -31.71 -9.34 30.94
CA VAL E 101 -31.52 -8.36 29.89
C VAL E 101 -30.18 -8.65 29.25
N ALA E 102 -30.18 -8.85 27.94
CA ALA E 102 -28.97 -9.25 27.23
C ALA E 102 -28.03 -8.07 27.08
N LEU E 103 -26.74 -8.33 27.27
CA LEU E 103 -25.74 -7.31 27.12
C LEU E 103 -25.45 -7.09 25.64
N ASP E 104 -25.22 -5.83 25.27
CA ASP E 104 -25.11 -5.46 23.86
C ASP E 104 -23.82 -5.94 23.21
N THR E 105 -22.79 -6.24 24.00
CA THR E 105 -21.54 -6.72 23.47
C THR E 105 -21.01 -7.83 24.37
N GLN E 106 -20.01 -8.55 23.87
CA GLN E 106 -19.40 -9.60 24.66
C GLN E 106 -18.52 -8.99 25.73
N PRO E 107 -18.78 -9.24 27.01
CA PRO E 107 -18.01 -8.59 28.07
C PRO E 107 -16.64 -9.24 28.23
N LYS E 108 -15.82 -8.60 29.05
CA LYS E 108 -14.44 -9.04 29.26
C LYS E 108 -14.40 -10.13 30.31
N TYR E 109 -13.68 -11.20 30.01
CA TYR E 109 -13.70 -12.42 30.83
C TYR E 109 -12.39 -12.54 31.58
N ARG E 110 -12.46 -12.35 32.89
CA ARG E 110 -11.32 -12.62 33.76
C ARG E 110 -11.00 -14.11 33.77
N LEU E 111 -9.72 -14.43 33.71
CA LEU E 111 -9.31 -15.82 33.79
C LEU E 111 -8.98 -16.19 35.23
N ASP E 112 -9.04 -17.48 35.52
CA ASP E 112 -8.88 -17.97 36.88
C ASP E 112 -7.43 -17.99 37.33
N ASN E 113 -6.50 -18.21 36.40
CA ASN E 113 -5.09 -18.38 36.74
C ASN E 113 -4.45 -17.09 37.25
N GLY E 114 -3.35 -17.25 37.97
CA GLY E 114 -2.64 -16.10 38.50
C GLY E 114 -1.92 -15.32 37.43
N ASP E 115 -2.45 -14.16 37.10
CA ASP E 115 -1.90 -13.28 36.09
C ASP E 115 -1.84 -11.87 36.64
N LEU E 116 -0.77 -11.15 36.30
CA LEU E 116 -0.59 -9.82 36.86
C LEU E 116 -1.51 -8.84 36.17
N MET E 117 -2.18 -8.01 36.97
CA MET E 117 -3.24 -7.13 36.51
C MET E 117 -2.94 -5.74 37.03
N ILE E 118 -2.25 -4.92 36.22
CA ILE E 118 -1.78 -3.62 36.68
C ILE E 118 -2.40 -2.52 35.84
N HIS E 119 -2.52 -1.35 36.46
CA HIS E 119 -3.15 -0.19 35.84
C HIS E 119 -2.09 0.76 35.31
N LEU E 120 -2.42 1.44 34.21
CA LEU E 120 -1.58 2.48 33.64
C LEU E 120 -2.38 3.78 33.61
N GLN E 121 -1.68 4.89 33.74
CA GLN E 121 -2.30 6.20 33.60
C GLN E 121 -1.70 6.90 32.40
N ALA E 122 -2.56 7.36 31.50
CA ALA E 122 -2.16 8.02 30.28
C ALA E 122 -2.99 9.28 30.10
N PRO E 123 -2.44 10.32 29.47
CA PRO E 123 -3.26 11.53 29.24
C PRO E 123 -4.33 11.31 28.19
N ASP E 124 -4.13 10.37 27.28
CA ASP E 124 -5.17 9.92 26.37
C ASP E 124 -4.84 8.48 25.97
N LEU E 125 -5.81 7.83 25.33
CA LEU E 125 -5.63 6.44 24.95
C LEU E 125 -4.58 6.27 23.87
N GLY E 126 -4.46 7.23 22.96
CA GLY E 126 -3.54 7.04 21.87
C GLY E 126 -4.12 6.07 20.85
N SER E 127 -3.24 5.35 20.17
CA SER E 127 -3.66 4.36 19.19
C SER E 127 -3.75 2.95 19.78
N LEU E 128 -4.07 2.84 21.06
CA LEU E 128 -4.22 1.56 21.71
C LEU E 128 -5.67 1.10 21.64
N ASN E 129 -5.86 -0.20 21.46
CA ASN E 129 -7.18 -0.79 21.60
C ASN E 129 -7.07 -2.05 22.45
N SER E 130 -8.22 -2.53 22.91
CA SER E 130 -8.24 -3.77 23.66
C SER E 130 -7.91 -4.92 22.73
N GLY E 131 -6.98 -5.76 23.15
CA GLY E 131 -6.42 -6.78 22.30
C GLY E 131 -5.08 -6.40 21.68
N SER E 132 -4.63 -5.16 21.88
CA SER E 132 -3.27 -4.83 21.46
C SER E 132 -2.26 -5.45 22.41
N LEU E 133 -1.01 -5.45 21.99
CA LEU E 133 -0.01 -6.37 22.51
C LEU E 133 1.00 -5.62 23.38
N VAL E 134 1.63 -6.34 24.29
CA VAL E 134 2.59 -5.75 25.23
C VAL E 134 3.93 -6.45 25.05
N TYR E 135 4.97 -5.68 24.74
CA TYR E 135 6.28 -6.22 24.44
C TYR E 135 7.27 -6.01 25.58
N PHE E 136 8.17 -6.96 25.72
CA PHE E 136 9.37 -6.81 26.55
C PHE E 136 10.53 -7.38 25.76
N ARG E 137 11.53 -6.53 25.47
CA ARG E 137 12.60 -6.82 24.51
C ARG E 137 12.04 -7.22 23.15
N LYS E 138 10.91 -6.60 22.79
CA LYS E 138 10.09 -6.93 21.63
C LYS E 138 9.64 -8.41 21.62
N ILE E 139 9.31 -8.93 22.79
CA ILE E 139 8.68 -10.24 22.93
C ILE E 139 7.30 -10.02 23.53
N PRO E 140 6.24 -10.52 22.89
CA PRO E 140 4.89 -10.38 23.46
C PRO E 140 4.73 -11.17 24.75
N VAL E 141 4.54 -10.45 25.86
CA VAL E 141 4.40 -11.08 27.16
C VAL E 141 3.14 -10.60 27.84
N GLY E 142 2.17 -10.14 27.06
CA GLY E 142 0.91 -9.73 27.63
C GLY E 142 0.10 -8.95 26.62
N LYS E 143 -1.05 -8.46 27.09
CA LYS E 143 -1.93 -7.73 26.20
C LYS E 143 -2.76 -6.76 27.02
N VAL E 144 -3.30 -5.76 26.33
CA VAL E 144 -4.14 -4.77 26.98
C VAL E 144 -5.50 -5.38 27.25
N TYR E 145 -5.91 -5.39 28.51
CA TYR E 145 -7.17 -6.03 28.88
C TYR E 145 -8.35 -5.10 28.65
N ASP E 146 -8.31 -3.90 29.23
CA ASP E 146 -9.44 -3.01 29.20
C ASP E 146 -8.93 -1.58 29.27
N TYR E 147 -9.84 -0.62 29.18
CA TYR E 147 -9.51 0.79 29.33
C TYR E 147 -10.76 1.51 29.81
N ALA E 148 -10.55 2.53 30.66
CA ALA E 148 -11.67 3.20 31.28
C ALA E 148 -11.26 4.60 31.67
N ILE E 149 -12.17 5.55 31.50
CA ILE E 149 -11.93 6.92 31.91
C ILE E 149 -12.13 7.04 33.41
N ASN E 150 -11.12 7.59 34.09
CA ASN E 150 -11.24 7.89 35.50
C ASN E 150 -12.28 8.98 35.74
N PRO E 151 -12.85 9.06 36.95
CA PRO E 151 -13.89 10.07 37.20
C PRO E 151 -13.43 11.51 37.07
N ASN E 152 -12.15 11.79 37.33
CA ASN E 152 -11.57 13.03 36.84
C ASN E 152 -11.50 12.96 35.33
N LYS E 153 -12.02 13.97 34.65
CA LYS E 153 -12.18 13.90 33.21
C LYS E 153 -10.88 14.10 32.43
N GLN E 154 -9.74 14.19 33.11
CA GLN E 154 -8.49 14.53 32.44
C GLN E 154 -7.83 13.32 31.81
N GLY E 155 -7.71 12.22 32.56
CA GLY E 155 -6.88 11.11 32.17
C GLY E 155 -7.66 9.94 31.59
N VAL E 156 -6.92 8.87 31.30
CA VAL E 156 -7.46 7.60 30.85
C VAL E 156 -6.71 6.50 31.58
N VAL E 157 -7.43 5.62 32.25
CA VAL E 157 -6.82 4.49 32.94
C VAL E 157 -6.86 3.27 32.04
N ILE E 158 -5.70 2.67 31.82
CA ILE E 158 -5.57 1.47 31.01
C ILE E 158 -5.04 0.38 31.92
N ASP E 159 -5.73 -0.74 31.97
CA ASP E 159 -5.25 -1.88 32.76
C ASP E 159 -4.90 -3.04 31.84
N VAL E 160 -3.69 -3.55 32.01
CA VAL E 160 -3.13 -4.57 31.12
C VAL E 160 -3.04 -5.88 31.87
N LEU E 161 -2.57 -6.92 31.18
CA LEU E 161 -2.62 -8.28 31.73
C LEU E 161 -1.35 -9.01 31.32
N ILE E 162 -0.43 -9.15 32.26
CA ILE E 162 0.80 -9.89 32.05
C ILE E 162 0.52 -11.38 32.18
N GLU E 163 1.22 -12.18 31.37
CA GLU E 163 1.17 -13.63 31.44
C GLU E 163 1.66 -14.14 32.80
N ARG E 164 1.42 -15.44 33.03
CA ARG E 164 1.71 -16.02 34.34
C ARG E 164 3.21 -16.16 34.58
N ARG E 165 3.96 -16.63 33.58
CA ARG E 165 5.36 -16.89 33.80
C ARG E 165 6.23 -15.65 33.68
N PHE E 166 5.66 -14.49 33.37
CA PHE E 166 6.44 -13.27 33.22
C PHE E 166 6.13 -12.26 34.32
N THR E 167 5.51 -12.68 35.41
CA THR E 167 5.24 -11.76 36.51
C THR E 167 6.50 -11.30 37.23
N ASP E 168 7.60 -12.01 37.06
CA ASP E 168 8.87 -11.58 37.65
C ASP E 168 9.42 -10.35 36.94
N LEU E 169 9.00 -10.11 35.69
CA LEU E 169 9.59 -9.03 34.92
C LEU E 169 9.17 -7.66 35.42
N VAL E 170 7.89 -7.47 35.70
CA VAL E 170 7.38 -6.16 36.07
C VAL E 170 7.84 -5.83 37.48
N LYS E 171 8.73 -4.85 37.59
CA LYS E 171 9.27 -4.41 38.85
C LYS E 171 8.57 -3.13 39.28
N LYS E 172 8.89 -2.67 40.49
CA LYS E 172 8.32 -1.42 40.96
C LYS E 172 8.85 -0.23 40.18
N GLY E 173 10.10 -0.31 39.72
CA GLY E 173 10.70 0.81 39.01
C GLY E 173 10.67 0.66 37.52
N SER E 174 9.70 -0.08 37.00
CA SER E 174 9.57 -0.27 35.57
C SER E 174 8.87 0.94 34.95
N ARG E 175 9.19 1.22 33.70
CA ARG E 175 8.58 2.31 32.96
C ARG E 175 7.92 1.75 31.72
N PHE E 176 6.73 2.25 31.41
CA PHE E 176 5.97 1.76 30.25
C PHE E 176 5.91 2.89 29.23
N TRP E 177 6.31 2.60 28.00
CA TRP E 177 6.22 3.61 26.97
C TRP E 177 5.39 3.10 25.80
N ASN E 178 4.86 4.04 25.04
CA ASN E 178 3.95 3.75 23.95
C ASN E 178 4.72 3.50 22.67
N VAL E 179 4.30 2.51 21.93
CA VAL E 179 4.75 2.28 20.56
C VAL E 179 3.52 2.03 19.69
N SER E 180 3.11 3.04 18.92
CA SER E 180 1.94 2.94 18.08
C SER E 180 2.03 3.98 16.97
N GLY E 181 1.52 3.63 15.80
CA GLY E 181 1.61 4.50 14.65
C GLY E 181 2.99 4.47 14.02
N VAL E 182 3.21 5.38 13.06
CA VAL E 182 4.48 5.44 12.37
C VAL E 182 4.70 6.88 11.92
N ASP E 183 5.97 7.24 11.77
CA ASP E 183 6.37 8.57 11.29
C ASP E 183 7.56 8.41 10.35
N ALA E 184 8.23 9.52 10.06
CA ALA E 184 9.46 9.50 9.28
C ALA E 184 10.55 10.19 10.08
N ASN E 185 11.75 9.62 10.09
CA ASN E 185 12.89 10.17 10.82
C ASN E 185 13.85 10.78 9.81
N VAL E 186 13.70 12.07 9.55
CA VAL E 186 14.58 12.78 8.64
C VAL E 186 15.60 13.55 9.48
N SER E 187 16.87 13.21 9.32
CA SER E 187 17.96 13.97 9.91
C SER E 187 18.73 14.66 8.79
N ILE E 188 19.80 15.34 9.16
CA ILE E 188 20.66 15.98 8.17
C ILE E 188 21.55 14.92 7.53
N SER E 189 21.98 15.21 6.29
CA SER E 189 22.79 14.33 5.44
C SER E 189 22.13 12.96 5.27
N GLY E 190 20.93 12.99 4.70
CA GLY E 190 20.23 11.73 4.49
C GLY E 190 19.21 11.44 5.57
N ALA E 191 18.18 10.69 5.17
CA ALA E 191 17.06 10.35 6.03
C ALA E 191 16.82 8.85 5.97
N LYS E 192 16.54 8.25 7.12
CA LYS E 192 16.12 6.85 7.16
C LYS E 192 14.91 6.69 8.05
N VAL E 193 13.94 5.93 7.58
CA VAL E 193 12.60 5.89 8.16
C VAL E 193 12.39 4.53 8.81
N LYS E 194 12.51 4.50 10.13
CA LYS E 194 12.14 3.33 10.92
C LYS E 194 11.50 3.82 12.19
N LEU E 195 10.29 3.36 12.48
CA LEU E 195 9.75 3.57 13.81
C LEU E 195 9.45 2.27 14.52
N GLU E 196 8.58 1.40 13.99
CA GLU E 196 8.04 0.28 14.74
C GLU E 196 7.87 -0.93 13.83
N SER E 197 7.41 -2.03 14.42
CA SER E 197 7.11 -3.26 13.70
C SER E 197 5.73 -3.20 13.06
N LEU E 198 5.43 -4.18 12.21
CA LEU E 198 4.18 -4.13 11.45
C LEU E 198 2.98 -4.56 12.28
N ALA E 199 3.19 -5.26 13.38
CA ALA E 199 2.06 -5.65 14.21
C ALA E 199 1.52 -4.46 15.00
N ALA E 200 2.41 -3.54 15.37
CA ALA E 200 2.02 -2.40 16.18
C ALA E 200 1.26 -1.34 15.40
N LEU E 201 1.37 -1.34 14.07
CA LEU E 201 0.80 -0.26 13.28
C LEU E 201 -0.71 -0.32 13.25
N VAL E 202 -1.26 -1.53 13.24
CA VAL E 202 -2.69 -1.69 12.98
C VAL E 202 -3.49 -1.47 14.25
N ASN E 203 -3.02 -2.02 15.37
CA ASN E 203 -3.82 -2.05 16.58
C ASN E 203 -3.16 -1.39 17.78
N GLY E 204 -1.85 -1.19 17.76
CA GLY E 204 -1.17 -0.54 18.86
C GLY E 204 -0.31 -1.52 19.65
N ALA E 205 0.59 -0.95 20.45
CA ALA E 205 1.49 -1.75 21.27
C ALA E 205 1.99 -0.91 22.42
N ILE E 206 2.54 -1.60 23.43
CA ILE E 206 3.16 -0.98 24.59
C ILE E 206 4.40 -1.79 24.92
N ALA E 207 5.56 -1.16 24.93
CA ALA E 207 6.76 -1.83 25.37
C ALA E 207 7.07 -1.42 26.80
N PHE E 208 7.96 -2.18 27.44
CA PHE E 208 8.40 -1.78 28.76
C PHE E 208 9.81 -2.27 29.04
N ASP E 209 10.39 -1.73 30.11
CA ASP E 209 11.72 -2.06 30.55
C ASP E 209 11.67 -2.62 31.97
N SER E 210 12.60 -3.50 32.27
CA SER E 210 12.76 -4.04 33.62
C SER E 210 14.09 -3.60 34.19
N PRO E 211 14.11 -2.74 35.20
CA PRO E 211 15.38 -2.38 35.84
C PRO E 211 15.94 -3.55 36.62
N GLU E 212 17.23 -3.43 36.95
CA GLU E 212 17.95 -4.58 37.49
C GLU E 212 17.66 -4.81 38.96
N GLU E 213 17.78 -3.76 39.78
CA GLU E 213 17.61 -3.89 41.22
C GLU E 213 16.33 -3.16 41.62
N SER E 214 15.25 -3.91 41.72
CA SER E 214 13.97 -3.37 42.17
C SER E 214 13.11 -4.52 42.69
N LYS E 215 12.18 -4.18 43.57
CA LYS E 215 11.22 -5.17 44.04
C LYS E 215 10.23 -5.49 42.93
N PRO E 216 9.75 -6.73 42.86
CA PRO E 216 8.75 -7.08 41.84
C PRO E 216 7.40 -6.45 42.15
N ALA E 217 6.80 -5.85 41.14
CA ALA E 217 5.52 -5.18 41.32
C ALA E 217 4.39 -6.19 41.34
N GLU E 218 3.28 -5.79 41.94
CA GLU E 218 2.13 -6.68 42.09
C GLU E 218 0.88 -5.86 42.37
N ALA E 219 -0.27 -6.50 42.14
CA ALA E 219 -1.55 -6.17 42.76
C ALA E 219 -2.02 -4.76 42.45
N GLU E 220 -2.30 -4.53 41.16
CA GLU E 220 -2.96 -3.33 40.65
C GLU E 220 -2.19 -2.06 40.97
N ASP E 221 -0.86 -2.13 40.80
CA ASP E 221 -0.05 -0.94 40.97
C ASP E 221 -0.18 -0.05 39.75
N THR E 222 -0.12 1.25 39.97
CA THR E 222 -0.22 2.20 38.88
C THR E 222 1.15 2.45 38.25
N PHE E 223 1.12 2.93 37.01
CA PHE E 223 2.33 3.29 36.29
C PHE E 223 1.99 4.43 35.34
N GLY E 224 2.98 5.28 35.07
CA GLY E 224 2.81 6.27 34.04
C GLY E 224 3.11 5.68 32.67
N LEU E 225 2.39 6.15 31.67
CA LEU E 225 2.61 5.74 30.29
C LEU E 225 3.28 6.88 29.55
N TYR E 226 4.54 6.69 29.20
CA TYR E 226 5.25 7.68 28.41
C TYR E 226 4.88 7.51 26.95
N GLU E 227 4.95 8.59 26.20
CA GLU E 227 4.45 8.58 24.84
C GLU E 227 5.53 8.21 23.82
N ASP E 228 6.73 7.89 24.25
CA ASP E 228 7.83 7.56 23.36
C ASP E 228 8.91 6.88 24.17
N LEU E 229 9.80 6.16 23.48
CA LEU E 229 11.00 5.66 24.11
C LEU E 229 11.89 6.80 24.59
N ALA E 230 11.95 7.89 23.82
CA ALA E 230 12.78 9.03 24.18
C ALA E 230 12.25 9.72 25.43
N HIS E 231 10.93 9.77 25.60
CA HIS E 231 10.37 10.31 26.82
C HIS E 231 10.47 9.34 27.99
N SER E 232 10.87 8.10 27.76
CA SER E 232 11.00 7.12 28.82
C SER E 232 12.43 7.00 29.34
N GLN E 233 13.28 7.98 29.03
CA GLN E 233 14.65 7.93 29.50
C GLN E 233 14.73 8.22 31.00
N ARG E 234 15.53 7.43 31.69
CA ARG E 234 15.83 7.74 33.07
C ARG E 234 16.78 8.92 33.14
N GLY E 235 16.84 9.53 34.31
CA GLY E 235 17.73 10.66 34.50
C GLY E 235 17.28 11.50 35.68
N VAL E 236 17.96 12.63 35.84
CA VAL E 236 17.73 13.55 36.93
C VAL E 236 17.19 14.85 36.35
N ILE E 237 16.06 15.32 36.88
CA ILE E 237 15.49 16.58 36.45
C ILE E 237 16.36 17.73 36.96
N ILE E 238 16.74 18.63 36.06
CA ILE E 238 17.49 19.83 36.41
C ILE E 238 16.71 21.03 35.92
N LYS E 239 16.29 21.88 36.85
CA LYS E 239 15.53 23.06 36.48
C LYS E 239 16.45 24.15 35.97
N LEU E 240 16.05 24.80 34.89
CA LEU E 240 16.82 25.89 34.29
C LEU E 240 15.98 27.15 34.25
N GLU E 241 16.61 28.27 34.59
CA GLU E 241 15.98 29.58 34.50
C GLU E 241 16.58 30.28 33.28
N LEU E 242 15.93 30.10 32.14
CA LEU E 242 16.44 30.53 30.87
C LEU E 242 16.24 32.04 30.68
N PRO E 243 17.14 32.70 29.94
CA PRO E 243 16.95 34.13 29.69
C PRO E 243 15.77 34.42 28.78
N SER E 244 15.72 33.77 27.61
CA SER E 244 14.63 33.91 26.67
C SER E 244 14.67 32.70 25.74
N GLY E 245 13.55 32.01 25.60
CA GLY E 245 13.52 30.82 24.80
C GLY E 245 13.42 31.15 23.33
N ALA E 246 14.50 31.62 22.73
CA ALA E 246 14.44 32.18 21.38
C ALA E 246 14.47 31.07 20.34
N GLY E 247 15.51 30.25 20.36
CA GLY E 247 15.64 29.19 19.39
C GLY E 247 15.56 27.83 20.02
N LEU E 248 15.01 27.78 21.23
CA LEU E 248 14.97 26.54 21.98
C LEU E 248 13.75 25.71 21.59
N THR E 249 13.95 24.40 21.54
CA THR E 249 12.91 23.47 21.14
C THR E 249 12.57 22.60 22.35
N ALA E 250 11.32 22.14 22.41
CA ALA E 250 10.80 21.52 23.62
C ALA E 250 11.47 20.18 23.92
N ASP E 251 11.79 19.40 22.89
CA ASP E 251 12.39 18.08 23.11
C ASP E 251 13.57 17.82 22.19
N SER E 252 14.15 18.85 21.58
CA SER E 252 15.19 18.65 20.60
C SER E 252 16.46 19.44 20.86
N THR E 253 16.51 20.28 21.88
CA THR E 253 17.69 21.08 22.16
C THR E 253 18.60 20.31 23.10
N PRO E 254 19.78 19.90 22.68
CA PRO E 254 20.60 19.00 23.48
C PRO E 254 21.51 19.76 24.43
N LEU E 255 22.16 18.99 25.30
CA LEU E 255 23.19 19.49 26.21
C LEU E 255 24.51 18.86 25.82
N MET E 256 25.38 19.62 25.17
CA MET E 256 26.66 19.08 24.77
C MET E 256 27.62 19.06 25.95
N TYR E 257 28.59 18.15 25.86
CA TYR E 257 29.74 18.10 26.76
C TYR E 257 30.84 17.38 26.02
N GLN E 258 31.96 18.08 25.76
CA GLN E 258 33.08 17.58 24.96
C GLN E 258 32.64 17.16 23.57
N GLY E 259 31.62 17.82 23.04
CA GLY E 259 31.02 17.49 21.76
C GLY E 259 30.00 16.37 21.78
N LEU E 260 29.83 15.69 22.90
CA LEU E 260 28.91 14.57 22.98
C LEU E 260 27.61 14.99 23.64
N GLU E 261 26.54 14.28 23.30
CA GLU E 261 25.24 14.59 23.85
C GLU E 261 25.10 13.94 25.23
N VAL E 262 24.81 14.75 26.22
CA VAL E 262 24.61 14.30 27.59
C VAL E 262 23.17 14.44 28.01
N GLY E 263 22.61 15.63 27.88
CA GLY E 263 21.27 15.91 28.32
C GLY E 263 20.36 16.26 27.15
N GLN E 264 19.10 16.50 27.49
CA GLN E 264 18.09 16.81 26.50
C GLN E 264 17.06 17.69 27.19
N LEU E 265 16.82 18.87 26.63
CA LEU E 265 15.77 19.73 27.15
C LEU E 265 14.42 19.07 26.95
N THR E 266 13.61 19.04 28.00
CA THR E 266 12.36 18.29 27.94
C THR E 266 11.11 19.13 28.09
N LYS E 267 11.15 20.20 28.88
CA LYS E 267 9.97 21.00 29.09
C LYS E 267 10.38 22.46 29.00
N LEU E 268 9.51 23.28 28.42
CA LEU E 268 9.79 24.70 28.24
C LEU E 268 8.51 25.48 28.53
N ASP E 269 8.59 26.41 29.46
CA ASP E 269 7.41 27.04 30.03
C ASP E 269 7.54 28.55 29.99
N LEU E 270 6.40 29.22 29.97
CA LEU E 270 6.33 30.66 30.11
C LEU E 270 5.63 30.95 31.44
N ASN E 271 6.41 31.22 32.47
CA ASN E 271 5.85 31.58 33.75
C ASN E 271 5.26 32.99 33.68
N PRO E 272 4.27 33.29 34.52
CA PRO E 272 3.79 34.68 34.60
C PRO E 272 4.85 35.59 35.18
N GLY E 273 4.85 36.83 34.72
CA GLY E 273 5.92 37.75 34.99
C GLY E 273 7.00 37.78 33.95
N GLY E 274 6.85 37.03 32.86
CA GLY E 274 7.82 37.04 31.78
C GLY E 274 9.11 36.34 32.13
N LYS E 275 9.02 35.14 32.67
CA LYS E 275 10.20 34.36 33.04
C LYS E 275 10.12 33.02 32.32
N VAL E 276 10.93 32.86 31.28
CA VAL E 276 10.97 31.62 30.52
C VAL E 276 11.83 30.63 31.30
N THR E 277 11.20 29.63 31.89
CA THR E 277 11.90 28.59 32.63
C THR E 277 11.63 27.23 32.01
N GLY E 278 12.62 26.35 32.10
CA GLY E 278 12.50 25.01 31.59
C GLY E 278 13.19 24.02 32.51
N GLU E 279 13.17 22.76 32.10
CA GLU E 279 13.81 21.71 32.88
C GLU E 279 14.39 20.68 31.93
N MET E 280 15.36 19.92 32.44
CA MET E 280 16.20 19.10 31.60
C MET E 280 16.47 17.76 32.27
N THR E 281 16.46 16.70 31.48
CA THR E 281 16.92 15.40 31.92
C THR E 281 18.36 15.20 31.48
N VAL E 282 19.15 14.51 32.30
CA VAL E 282 20.56 14.27 32.02
C VAL E 282 20.85 12.78 32.10
N ASP E 283 22.01 12.42 31.57
CA ASP E 283 22.55 11.08 31.80
C ASP E 283 22.91 10.92 33.27
N PRO E 284 22.51 9.83 33.93
CA PRO E 284 22.92 9.63 35.33
C PRO E 284 24.42 9.45 35.54
N SER E 285 25.20 9.19 34.48
CA SER E 285 26.64 9.11 34.66
C SER E 285 27.30 10.47 34.88
N VAL E 286 26.60 11.55 34.52
CA VAL E 286 27.19 12.89 34.53
C VAL E 286 26.69 13.70 35.72
N VAL E 287 25.82 13.13 36.55
CA VAL E 287 25.27 13.82 37.72
C VAL E 287 26.35 14.17 38.74
N THR E 288 27.43 13.37 38.77
CA THR E 288 28.57 13.66 39.64
C THR E 288 29.27 14.95 39.25
N LEU E 289 29.20 15.34 37.97
CA LEU E 289 29.74 16.62 37.56
C LEU E 289 28.83 17.78 37.92
N LEU E 290 27.54 17.53 38.08
CA LEU E 290 26.61 18.60 38.45
C LEU E 290 26.77 18.93 39.92
N ARG E 291 27.43 20.05 40.21
CA ARG E 291 27.71 20.46 41.57
C ARG E 291 27.43 21.95 41.68
N GLU E 292 27.90 22.56 42.76
CA GLU E 292 27.96 24.00 42.84
C GLU E 292 28.98 24.54 41.84
N ASN E 293 28.91 25.86 41.63
CA ASN E 293 29.61 26.68 40.62
C ASN E 293 29.82 25.96 39.28
N THR E 294 28.74 25.35 38.81
CA THR E 294 28.69 24.61 37.55
C THR E 294 27.86 25.43 36.57
N ARG E 295 28.45 25.80 35.45
CA ARG E 295 27.83 26.76 34.53
C ARG E 295 27.24 26.08 33.31
N ILE E 296 26.07 26.54 32.90
CA ILE E 296 25.41 26.11 31.67
C ILE E 296 25.14 27.36 30.84
N GLU E 297 25.86 27.50 29.73
CA GLU E 297 25.65 28.61 28.81
C GLU E 297 25.40 28.07 27.41
N LEU E 298 24.66 28.85 26.62
CA LEU E 298 24.25 28.41 25.29
C LEU E 298 25.23 28.92 24.22
N ARG E 299 25.56 28.05 23.28
CA ARG E 299 26.44 28.39 22.17
C ARG E 299 25.63 28.57 20.90
N ASN E 300 25.97 29.60 20.14
CA ASN E 300 25.30 29.86 18.88
C ASN E 300 25.92 29.00 17.77
N PRO E 301 25.15 28.67 16.74
CA PRO E 301 25.74 27.98 15.56
C PRO E 301 26.43 28.97 14.64
N LYS E 302 27.57 29.48 15.10
CA LYS E 302 28.25 30.58 14.43
C LYS E 302 28.98 30.11 13.18
N LEU E 303 29.12 31.03 12.23
CA LEU E 303 29.84 30.77 10.99
C LEU E 303 31.33 30.99 11.25
N SER E 304 32.08 29.89 11.40
CA SER E 304 33.51 29.96 11.65
C SER E 304 34.26 29.91 10.33
N LEU E 305 35.21 30.82 10.16
CA LEU E 305 35.94 30.92 8.90
C LEU E 305 36.91 29.77 8.71
N SER E 306 37.38 29.15 9.79
CA SER E 306 38.32 28.04 9.69
C SER E 306 37.63 26.69 9.61
N ASP E 307 36.61 26.47 10.44
CA ASP E 307 35.85 25.22 10.46
C ASP E 307 34.44 25.52 9.97
N ALA E 308 34.23 25.39 8.66
CA ALA E 308 32.92 25.63 8.05
C ALA E 308 32.15 24.32 8.06
N ASN E 309 31.21 24.19 8.98
CA ASN E 309 30.43 22.98 9.15
C ASN E 309 28.96 23.24 8.81
N LEU E 310 28.41 22.41 7.95
CA LEU E 310 27.01 22.59 7.57
C LEU E 310 26.07 22.00 8.61
N SER E 311 26.54 21.02 9.38
CA SER E 311 25.64 20.30 10.28
C SER E 311 25.26 21.13 11.49
N ALA E 312 26.18 21.95 11.98
CA ALA E 312 25.91 22.72 13.20
C ALA E 312 24.93 23.86 12.92
N LEU E 313 24.99 24.45 11.73
CA LEU E 313 24.12 25.58 11.42
C LEU E 313 22.67 25.16 11.23
N LEU E 314 22.40 23.88 10.97
CA LEU E 314 21.02 23.42 10.91
C LEU E 314 20.44 23.18 12.30
N THR E 315 21.28 22.87 13.28
CA THR E 315 20.78 22.48 14.60
C THR E 315 20.26 23.68 15.38
N GLY E 316 21.00 24.79 15.37
CA GLY E 316 20.55 25.97 16.08
C GLY E 316 21.21 26.14 17.43
N LYS E 317 20.43 26.58 18.42
CA LYS E 317 20.94 26.81 19.76
C LYS E 317 21.39 25.51 20.40
N THR E 318 22.41 25.61 21.25
CA THR E 318 23.07 24.43 21.77
C THR E 318 23.55 24.70 23.19
N PHE E 319 23.07 23.92 24.15
CA PHE E 319 23.48 24.08 25.53
C PHE E 319 24.82 23.41 25.79
N GLU E 320 25.70 24.12 26.46
CA GLU E 320 27.04 23.66 26.79
C GLU E 320 27.18 23.52 28.29
N LEU E 321 27.81 22.43 28.72
CA LEU E 321 28.02 22.15 30.13
C LEU E 321 29.52 22.18 30.44
N VAL E 322 29.91 22.98 31.43
CA VAL E 322 31.26 22.93 31.97
C VAL E 322 31.18 22.48 33.42
N PRO E 323 32.07 21.60 33.87
CA PRO E 323 31.92 21.02 35.21
C PRO E 323 32.29 22.00 36.31
N GLY E 324 31.93 21.63 37.54
CA GLY E 324 32.25 22.42 38.71
C GLY E 324 32.47 21.52 39.91
N ASP E 325 32.84 22.15 41.02
CA ASP E 325 33.12 21.42 42.25
C ASP E 325 32.28 21.99 43.38
N GLY E 326 32.09 21.18 44.41
CA GLY E 326 31.35 21.60 45.58
C GLY E 326 30.15 20.73 45.88
N GLU E 327 29.16 21.30 46.54
CA GLU E 327 27.97 20.57 46.89
C GLU E 327 27.13 20.31 45.65
N PRO E 328 26.55 19.13 45.51
CA PRO E 328 25.66 18.87 44.36
C PRO E 328 24.36 19.65 44.49
N ARG E 329 24.12 20.51 43.51
CA ARG E 329 22.86 21.24 43.38
C ARG E 329 22.12 20.75 42.15
N LYS E 330 20.80 20.97 42.15
CA LYS E 330 19.94 20.38 41.13
C LYS E 330 19.25 21.44 40.27
N GLU E 331 19.69 22.68 40.33
CA GLU E 331 19.10 23.73 39.51
C GLU E 331 20.17 24.73 39.14
N PHE E 332 19.99 25.37 37.98
CA PHE E 332 20.94 26.34 37.49
C PHE E 332 20.19 27.48 36.84
N VAL E 333 20.91 28.59 36.63
CA VAL E 333 20.38 29.78 35.99
C VAL E 333 21.26 30.07 34.78
N VAL E 334 20.66 30.10 33.60
CA VAL E 334 21.38 30.40 32.38
C VAL E 334 21.29 31.89 32.13
N VAL E 335 22.45 32.53 31.92
CA VAL E 335 22.51 33.96 31.66
C VAL E 335 22.54 34.24 30.17
N GLY F 1 -52.80 -15.80 8.85
CA GLY F 1 -52.44 -15.35 7.52
C GLY F 1 -53.11 -14.06 7.12
N ASN F 2 -52.35 -13.17 6.47
CA ASN F 2 -52.87 -11.89 6.03
C ASN F 2 -52.38 -11.65 4.61
N THR F 3 -52.78 -10.53 4.03
CA THR F 3 -52.38 -10.15 2.68
C THR F 3 -51.91 -8.71 2.69
N VAL F 4 -50.66 -8.49 2.30
CA VAL F 4 -50.07 -7.15 2.20
C VAL F 4 -49.32 -7.08 0.88
N THR F 5 -49.65 -6.10 0.05
CA THR F 5 -48.97 -5.87 -1.22
C THR F 5 -47.97 -4.73 -1.06
N ILE F 6 -46.75 -4.96 -1.54
CA ILE F 6 -45.68 -3.98 -1.45
C ILE F 6 -45.12 -3.75 -2.84
N ASP F 7 -45.03 -2.48 -3.24
CA ASP F 7 -44.43 -2.14 -4.53
C ASP F 7 -42.92 -2.09 -4.40
N PHE F 8 -42.23 -2.87 -5.21
CA PHE F 8 -40.78 -2.83 -5.29
C PHE F 8 -40.34 -2.22 -6.62
N MET F 9 -39.26 -1.45 -6.57
CA MET F 9 -38.65 -0.96 -7.79
C MET F 9 -37.86 -2.06 -8.48
N SER F 10 -37.16 -2.87 -7.70
CA SER F 10 -36.48 -4.05 -8.21
C SER F 10 -36.37 -5.05 -7.08
N ALA F 11 -36.70 -6.31 -7.36
CA ALA F 11 -36.71 -7.37 -6.36
C ALA F 11 -35.76 -8.47 -6.81
N ASP F 12 -34.67 -8.66 -6.07
CA ASP F 12 -33.60 -9.54 -6.50
C ASP F 12 -33.43 -10.66 -5.49
N GLY F 13 -33.37 -11.89 -5.98
CA GLY F 13 -33.13 -13.04 -5.13
C GLY F 13 -34.26 -13.37 -4.19
N ILE F 14 -35.49 -13.08 -4.57
CA ILE F 14 -36.66 -13.35 -3.75
C ILE F 14 -37.41 -14.54 -4.33
N VAL F 15 -37.59 -15.57 -3.50
CA VAL F 15 -38.32 -16.76 -3.91
C VAL F 15 -39.65 -16.73 -3.17
N PRO F 16 -40.76 -17.15 -3.79
CA PRO F 16 -42.02 -17.22 -3.06
C PRO F 16 -42.04 -18.26 -1.95
N GLY F 17 -41.15 -19.25 -1.99
CA GLY F 17 -41.09 -20.21 -0.92
C GLY F 17 -40.50 -19.66 0.36
N ARG F 18 -39.21 -19.31 0.33
CA ARG F 18 -38.48 -18.90 1.53
C ARG F 18 -37.90 -17.50 1.34
N THR F 19 -38.72 -16.50 1.65
CA THR F 19 -38.25 -15.13 1.74
C THR F 19 -38.94 -14.52 2.96
N PRO F 20 -38.31 -14.60 4.12
CA PRO F 20 -38.97 -14.16 5.34
C PRO F 20 -38.96 -12.65 5.46
N VAL F 21 -39.84 -12.16 6.32
CA VAL F 21 -39.90 -10.74 6.67
C VAL F 21 -39.37 -10.63 8.07
N ARG F 22 -38.17 -10.09 8.22
CA ARG F 22 -37.49 -10.08 9.51
C ARG F 22 -37.60 -8.67 10.11
N TYR F 23 -38.41 -8.53 11.15
CA TYR F 23 -38.38 -7.35 11.99
C TYR F 23 -37.37 -7.58 13.09
N GLN F 24 -36.31 -6.77 13.09
CA GLN F 24 -35.18 -6.86 14.03
C GLN F 24 -34.53 -8.24 14.02
N GLY F 25 -34.60 -8.94 12.90
CA GLY F 25 -33.98 -10.23 12.73
C GLY F 25 -34.78 -11.43 13.12
N VAL F 26 -36.05 -11.28 13.49
CA VAL F 26 -36.90 -12.41 13.79
C VAL F 26 -38.00 -12.48 12.74
N GLU F 27 -38.31 -13.70 12.30
CA GLU F 27 -39.24 -13.91 11.20
C GLU F 27 -40.65 -13.55 11.62
N VAL F 28 -41.25 -12.60 10.91
CA VAL F 28 -42.56 -12.05 11.27
C VAL F 28 -43.52 -12.35 10.13
N GLY F 29 -42.98 -12.40 8.91
CA GLY F 29 -43.83 -12.61 7.76
C GLY F 29 -43.13 -13.43 6.70
N THR F 30 -43.89 -13.78 5.67
CA THR F 30 -43.40 -14.61 4.58
C THR F 30 -43.94 -14.06 3.27
N VAL F 31 -43.06 -13.96 2.28
CA VAL F 31 -43.47 -13.56 0.93
C VAL F 31 -44.35 -14.65 0.32
N GLN F 32 -45.57 -14.28 -0.04
CA GLN F 32 -46.49 -15.25 -0.64
C GLN F 32 -46.20 -15.45 -2.12
N ASP F 33 -46.35 -14.39 -2.91
CA ASP F 33 -46.21 -14.49 -4.35
C ASP F 33 -45.79 -13.14 -4.90
N ILE F 34 -45.05 -13.18 -6.01
CA ILE F 34 -44.54 -11.99 -6.67
C ILE F 34 -45.18 -11.90 -8.04
N SER F 35 -45.82 -10.78 -8.32
CA SER F 35 -46.36 -10.51 -9.65
C SER F 35 -45.99 -9.10 -10.06
N LEU F 36 -46.02 -8.84 -11.36
CA LEU F 36 -45.78 -7.50 -11.88
C LEU F 36 -47.03 -7.01 -12.60
N SER F 37 -47.37 -5.75 -12.37
CA SER F 37 -48.53 -5.14 -13.01
C SER F 37 -48.05 -4.31 -14.20
N ASP F 38 -48.72 -4.51 -15.34
CA ASP F 38 -48.65 -3.82 -16.64
C ASP F 38 -47.24 -3.44 -17.13
N ASP F 39 -46.24 -4.23 -16.70
CA ASP F 39 -44.86 -4.16 -17.18
C ASP F 39 -44.23 -2.79 -16.97
N LEU F 40 -44.58 -2.14 -15.87
CA LEU F 40 -44.01 -0.82 -15.55
C LEU F 40 -43.47 -0.85 -14.13
N ARG F 41 -42.66 -1.87 -13.86
CA ARG F 41 -41.89 -2.03 -12.61
C ARG F 41 -42.79 -2.11 -11.38
N LYS F 42 -44.03 -2.55 -11.57
CA LYS F 42 -45.01 -2.56 -10.48
C LYS F 42 -44.98 -3.95 -9.87
N ILE F 43 -43.92 -4.21 -9.11
CA ILE F 43 -43.66 -5.54 -8.59
C ILE F 43 -44.55 -5.78 -7.39
N GLU F 44 -45.74 -6.33 -7.63
CA GLU F 44 -46.70 -6.60 -6.56
C GLU F 44 -46.24 -7.85 -5.81
N VAL F 45 -45.90 -7.69 -4.54
CA VAL F 45 -45.40 -8.78 -3.73
C VAL F 45 -46.36 -9.00 -2.57
N LYS F 46 -46.99 -10.17 -2.54
CA LYS F 46 -47.93 -10.51 -1.48
C LYS F 46 -47.18 -11.07 -0.29
N VAL F 47 -47.52 -10.59 0.90
CA VAL F 47 -46.82 -10.95 2.13
C VAL F 47 -47.85 -11.34 3.17
N SER F 48 -47.71 -12.56 3.71
CA SER F 48 -48.52 -13.01 4.83
C SER F 48 -47.75 -12.80 6.12
N ILE F 49 -48.37 -12.10 7.06
CA ILE F 49 -47.74 -11.70 8.31
C ILE F 49 -48.44 -12.41 9.45
N LYS F 50 -47.69 -12.71 10.52
CA LYS F 50 -48.30 -13.23 11.74
C LYS F 50 -49.30 -12.23 12.31
N SER F 51 -50.29 -12.77 13.02
CA SER F 51 -51.46 -11.99 13.41
C SER F 51 -51.15 -10.94 14.46
N ASP F 52 -50.11 -11.17 15.27
CA ASP F 52 -49.76 -10.21 16.31
C ASP F 52 -49.23 -8.90 15.73
N MET F 53 -48.42 -8.99 14.68
CA MET F 53 -47.93 -7.78 14.02
C MET F 53 -49.01 -7.14 13.15
N LYS F 54 -50.00 -7.93 12.71
CA LYS F 54 -51.10 -7.40 11.91
C LYS F 54 -51.93 -6.40 12.70
N ASP F 55 -52.09 -6.64 14.00
CA ASP F 55 -52.73 -5.66 14.86
C ASP F 55 -51.85 -4.42 15.03
N ALA F 56 -50.54 -4.63 15.08
CA ALA F 56 -49.60 -3.52 15.23
C ALA F 56 -49.19 -2.90 13.89
N LEU F 57 -49.67 -3.45 12.77
CA LEU F 57 -49.36 -2.86 11.48
C LEU F 57 -50.12 -1.56 11.31
N ARG F 58 -49.43 -0.50 10.89
CA ARG F 58 -50.03 0.80 10.70
C ARG F 58 -49.55 1.39 9.38
N GLU F 59 -49.96 2.63 9.11
CA GLU F 59 -49.72 3.22 7.80
C GLU F 59 -48.28 3.68 7.61
N GLU F 60 -47.66 4.20 8.66
CA GLU F 60 -46.29 4.70 8.57
C GLU F 60 -45.27 3.57 8.80
N THR F 61 -45.41 2.52 8.00
CA THR F 61 -44.57 1.34 8.13
C THR F 61 -43.80 1.16 6.83
N GLN F 62 -42.48 1.07 6.94
CA GLN F 62 -41.59 1.09 5.79
C GLN F 62 -40.95 -0.28 5.62
N PHE F 63 -40.81 -0.70 4.36
CA PHE F 63 -40.20 -1.97 4.01
C PHE F 63 -39.00 -1.74 3.11
N TRP F 64 -38.02 -2.64 3.20
CA TRP F 64 -36.84 -2.51 2.37
C TRP F 64 -36.24 -3.90 2.15
N LEU F 65 -35.66 -4.09 0.97
CA LEU F 65 -34.99 -5.33 0.62
C LEU F 65 -33.52 -5.25 1.00
N VAL F 66 -33.02 -6.26 1.70
CA VAL F 66 -31.60 -6.34 2.01
C VAL F 66 -30.96 -7.39 1.11
N THR F 67 -29.90 -6.99 0.46
CA THR F 67 -29.03 -7.64 -0.49
C THR F 67 -27.64 -7.72 0.14
N PRO F 68 -26.83 -8.73 -0.19
CA PRO F 68 -25.41 -8.65 0.17
C PRO F 68 -24.77 -7.45 -0.49
N LYS F 69 -24.51 -6.41 0.31
CA LYS F 69 -23.95 -5.16 -0.18
C LYS F 69 -22.44 -5.26 -0.17
N ALA F 70 -21.89 -5.89 -1.22
CA ALA F 70 -20.44 -5.97 -1.37
C ALA F 70 -19.90 -4.93 -2.33
N SER F 71 -20.57 -3.78 -2.44
CA SER F 71 -20.24 -2.78 -3.45
C SER F 71 -19.07 -1.91 -3.00
N LEU F 72 -18.92 -0.75 -3.65
CA LEU F 72 -17.84 0.18 -3.34
C LEU F 72 -17.87 0.63 -1.89
N ALA F 73 -19.05 0.96 -1.38
CA ALA F 73 -19.24 1.17 0.05
C ALA F 73 -20.22 0.13 0.56
N GLY F 74 -19.72 -0.89 1.25
CA GLY F 74 -20.60 -1.85 1.88
C GLY F 74 -19.94 -3.08 2.45
N VAL F 75 -20.34 -3.45 3.66
CA VAL F 75 -20.01 -4.74 4.26
C VAL F 75 -21.27 -5.45 4.74
N SER F 76 -22.43 -4.80 4.69
CA SER F 76 -23.60 -5.14 5.49
C SER F 76 -24.42 -6.31 4.94
N GLY F 77 -23.80 -7.24 4.24
CA GLY F 77 -24.54 -8.40 3.77
C GLY F 77 -24.15 -9.66 4.50
N LEU F 78 -23.82 -9.55 5.78
CA LEU F 78 -23.37 -10.71 6.55
C LEU F 78 -24.52 -11.67 6.82
N ASP F 79 -25.67 -11.13 7.26
CA ASP F 79 -26.85 -11.96 7.43
C ASP F 79 -27.39 -12.42 6.08
N ALA F 80 -27.21 -11.61 5.04
CA ALA F 80 -27.76 -11.90 3.74
C ALA F 80 -26.98 -12.98 3.00
N LEU F 81 -25.71 -13.18 3.32
CA LEU F 81 -24.98 -14.29 2.71
C LEU F 81 -25.38 -15.62 3.33
N VAL F 82 -25.65 -15.62 4.64
CA VAL F 82 -25.94 -16.88 5.33
C VAL F 82 -27.37 -17.33 5.05
N GLY F 83 -28.34 -16.53 5.49
CA GLY F 83 -29.73 -16.91 5.35
C GLY F 83 -30.27 -16.71 3.95
N GLY F 84 -29.77 -15.72 3.26
CA GLY F 84 -30.30 -15.30 1.97
C GLY F 84 -30.89 -13.91 2.05
N ASN F 85 -31.47 -13.50 0.94
CA ASN F 85 -32.17 -12.22 0.92
C ASN F 85 -33.44 -12.30 1.75
N TYR F 86 -33.79 -11.17 2.36
CA TYR F 86 -35.05 -11.04 3.07
C TYR F 86 -35.47 -9.59 3.02
N ILE F 87 -36.59 -9.28 3.65
CA ILE F 87 -37.00 -7.88 3.78
C ILE F 87 -37.28 -7.60 5.25
N GLY F 88 -37.23 -6.31 5.60
CA GLY F 88 -37.43 -5.86 6.95
C GLY F 88 -38.56 -4.84 7.03
N MET F 89 -38.86 -4.45 8.27
CA MET F 89 -39.96 -3.53 8.50
C MET F 89 -39.67 -2.67 9.73
N MET F 90 -40.31 -1.52 9.76
CA MET F 90 -40.32 -0.63 10.92
C MET F 90 -41.72 -0.12 11.11
N PRO F 91 -42.41 -0.52 12.17
CA PRO F 91 -43.77 0.00 12.40
C PRO F 91 -43.74 1.44 12.83
N GLY F 92 -44.83 2.14 12.52
CA GLY F 92 -44.91 3.56 12.85
C GLY F 92 -46.27 3.97 13.38
N LYS F 93 -46.52 5.27 13.44
CA LYS F 93 -47.73 5.82 14.05
C LYS F 93 -48.82 6.13 13.04
N GLY F 94 -48.86 5.40 11.93
CA GLY F 94 -49.87 5.63 10.92
C GLY F 94 -51.24 5.12 11.32
N LYS F 95 -52.22 5.37 10.46
CA LYS F 95 -53.57 4.86 10.72
C LYS F 95 -53.71 3.42 10.25
N GLU F 96 -53.63 3.20 8.94
CA GLU F 96 -53.87 1.90 8.31
C GLU F 96 -53.44 1.99 6.85
N GLN F 97 -52.76 0.94 6.38
CA GLN F 97 -52.37 0.87 4.98
C GLN F 97 -52.21 -0.59 4.61
N ASP F 98 -52.68 -0.94 3.42
CA ASP F 98 -52.48 -2.26 2.86
C ASP F 98 -51.47 -2.28 1.74
N HIS F 99 -51.51 -1.27 0.86
CA HIS F 99 -50.64 -1.21 -0.31
C HIS F 99 -49.46 -0.31 0.02
N PHE F 100 -48.27 -0.88 0.12
CA PHE F 100 -47.08 -0.17 0.54
C PHE F 100 -46.13 0.04 -0.62
N VAL F 101 -45.20 0.96 -0.43
CA VAL F 101 -44.13 1.24 -1.38
C VAL F 101 -42.82 1.00 -0.65
N ALA F 102 -41.97 0.13 -1.19
CA ALA F 102 -40.75 -0.26 -0.51
C ALA F 102 -39.71 0.85 -0.61
N LEU F 103 -39.01 1.08 0.49
CA LEU F 103 -37.96 2.09 0.51
C LEU F 103 -36.71 1.54 -0.15
N ASP F 104 -36.01 2.41 -0.88
CA ASP F 104 -34.90 1.96 -1.71
C ASP F 104 -33.66 1.57 -0.91
N THR F 105 -33.55 2.02 0.33
CA THR F 105 -32.42 1.67 1.17
C THR F 105 -32.91 1.41 2.58
N GLN F 106 -32.06 0.84 3.40
CA GLN F 106 -32.41 0.58 4.79
C GLN F 106 -32.38 1.88 5.57
N PRO F 107 -33.49 2.30 6.16
CA PRO F 107 -33.51 3.59 6.85
C PRO F 107 -32.82 3.52 8.20
N LYS F 108 -32.66 4.69 8.81
CA LYS F 108 -31.94 4.82 10.06
C LYS F 108 -32.87 4.53 11.22
N TYR F 109 -32.41 3.70 12.15
CA TYR F 109 -33.26 3.16 13.21
C TYR F 109 -32.89 3.81 14.53
N ARG F 110 -33.78 4.66 15.04
CA ARG F 110 -33.63 5.21 16.37
C ARG F 110 -33.77 4.10 17.42
N LEU F 111 -32.90 4.15 18.42
CA LEU F 111 -32.98 3.19 19.51
C LEU F 111 -33.82 3.76 20.65
N ASP F 112 -34.35 2.86 21.47
CA ASP F 112 -35.27 3.26 22.52
C ASP F 112 -34.58 3.86 23.73
N ASN F 113 -33.35 3.43 24.01
CA ASN F 113 -32.63 3.84 25.22
C ASN F 113 -32.24 5.32 25.17
N GLY F 114 -31.99 5.87 26.35
CA GLY F 114 -31.60 7.26 26.45
C GLY F 114 -30.18 7.49 25.96
N ASP F 115 -30.06 8.10 24.80
CA ASP F 115 -28.78 8.40 24.19
C ASP F 115 -28.79 9.84 23.72
N LEU F 116 -27.66 10.52 23.86
CA LEU F 116 -27.60 11.92 23.52
C LEU F 116 -27.53 12.10 22.01
N MET F 117 -28.36 13.01 21.51
CA MET F 117 -28.59 13.19 20.08
C MET F 117 -28.41 14.67 19.77
N ILE F 118 -27.20 15.06 19.38
CA ILE F 118 -26.88 16.47 19.19
C ILE F 118 -26.49 16.72 17.75
N HIS F 119 -26.72 17.97 17.32
CA HIS F 119 -26.47 18.39 15.96
C HIS F 119 -25.16 19.14 15.87
N LEU F 120 -24.49 19.01 14.73
CA LEU F 120 -23.27 19.75 14.43
C LEU F 120 -23.50 20.55 13.17
N GLN F 121 -22.85 21.71 13.06
CA GLN F 121 -22.88 22.51 11.86
C GLN F 121 -21.49 22.58 11.27
N ALA F 122 -21.37 22.23 10.00
CA ALA F 122 -20.11 22.21 9.29
C ALA F 122 -20.28 22.90 7.95
N PRO F 123 -19.23 23.54 7.42
CA PRO F 123 -19.36 24.15 6.10
C PRO F 123 -19.46 23.14 4.98
N ASP F 124 -18.91 21.95 5.19
CA ASP F 124 -19.13 20.82 4.29
C ASP F 124 -18.96 19.54 5.10
N LEU F 125 -19.34 18.42 4.50
CA LEU F 125 -19.29 17.16 5.21
C LEU F 125 -17.86 16.70 5.46
N GLY F 126 -16.95 17.01 4.56
CA GLY F 126 -15.61 16.50 4.73
C GLY F 126 -15.55 15.03 4.38
N SER F 127 -14.63 14.32 5.03
CA SER F 127 -14.49 12.89 4.81
C SER F 127 -15.27 12.07 5.82
N LEU F 128 -16.40 12.58 6.30
CA LEU F 128 -17.24 11.87 7.24
C LEU F 128 -18.31 11.08 6.50
N ASN F 129 -18.62 9.89 7.00
CA ASN F 129 -19.77 9.16 6.52
C ASN F 129 -20.56 8.64 7.72
N SER F 130 -21.79 8.21 7.45
CA SER F 130 -22.60 7.61 8.49
C SER F 130 -21.99 6.27 8.89
N GLY F 131 -21.83 6.08 10.19
CA GLY F 131 -21.09 4.95 10.69
C GLY F 131 -19.66 5.27 11.08
N SER F 132 -19.18 6.48 10.80
CA SER F 132 -17.89 6.88 11.30
C SER F 132 -17.97 7.15 12.80
N LEU F 133 -16.81 7.25 13.42
CA LEU F 133 -16.67 7.07 14.84
C LEU F 133 -16.39 8.40 15.53
N VAL F 134 -16.73 8.48 16.82
CA VAL F 134 -16.55 9.70 17.60
C VAL F 134 -15.66 9.41 18.78
N TYR F 135 -14.55 10.14 18.90
CA TYR F 135 -13.55 9.87 19.92
C TYR F 135 -13.59 10.91 21.03
N PHE F 136 -13.28 10.47 22.23
CA PHE F 136 -12.96 11.35 23.36
C PHE F 136 -11.75 10.78 24.05
N ARG F 137 -10.66 11.55 24.11
CA ARG F 137 -9.33 11.09 24.50
C ARG F 137 -8.90 9.89 23.68
N LYS F 138 -9.29 9.89 22.40
CA LYS F 138 -9.15 8.77 21.45
C LYS F 138 -9.79 7.48 21.97
N ILE F 139 -10.94 7.61 22.63
CA ILE F 139 -11.78 6.48 23.00
C ILE F 139 -13.10 6.60 22.25
N PRO F 140 -13.52 5.59 21.51
CA PRO F 140 -14.81 5.65 20.83
C PRO F 140 -15.99 5.68 21.78
N VAL F 141 -16.71 6.80 21.82
CA VAL F 141 -17.83 6.97 22.73
C VAL F 141 -19.07 7.39 21.95
N GLY F 142 -19.10 7.09 20.66
CA GLY F 142 -20.27 7.39 19.88
C GLY F 142 -19.98 7.25 18.41
N LYS F 143 -20.97 7.60 17.60
CA LYS F 143 -20.82 7.47 16.16
C LYS F 143 -21.73 8.48 15.47
N VAL F 144 -21.42 8.76 14.22
CA VAL F 144 -22.22 9.69 13.43
C VAL F 144 -23.49 8.99 12.99
N TYR F 145 -24.63 9.55 13.36
CA TYR F 145 -25.90 8.92 13.06
C TYR F 145 -26.35 9.23 11.64
N ASP F 146 -26.45 10.51 11.29
CA ASP F 146 -27.02 10.90 10.02
C ASP F 146 -26.37 12.22 9.61
N TYR F 147 -26.72 12.70 8.42
CA TYR F 147 -26.28 13.99 7.93
C TYR F 147 -27.30 14.51 6.94
N ALA F 148 -27.49 15.82 6.94
CA ALA F 148 -28.54 16.40 6.12
C ALA F 148 -28.20 17.86 5.82
N ILE F 149 -28.49 18.27 4.60
CA ILE F 149 -28.28 19.66 4.20
C ILE F 149 -29.41 20.51 4.75
N ASN F 150 -29.06 21.58 5.45
CA ASN F 150 -30.02 22.56 5.92
C ASN F 150 -30.66 23.28 4.73
N PRO F 151 -31.86 23.85 4.90
CA PRO F 151 -32.53 24.53 3.78
C PRO F 151 -31.78 25.72 3.22
N ASN F 152 -31.00 26.42 4.04
CA ASN F 152 -29.98 27.31 3.50
C ASN F 152 -28.92 26.45 2.84
N LYS F 153 -28.59 26.76 1.59
CA LYS F 153 -27.74 25.87 0.81
C LYS F 153 -26.25 25.95 1.17
N GLN F 154 -25.90 26.68 2.22
CA GLN F 154 -24.49 26.93 2.53
C GLN F 154 -23.89 25.79 3.33
N GLY F 155 -24.57 25.34 4.39
CA GLY F 155 -23.99 24.47 5.37
C GLY F 155 -24.40 23.02 5.21
N VAL F 156 -23.94 22.20 6.15
CA VAL F 156 -24.30 20.80 6.27
C VAL F 156 -24.52 20.50 7.74
N VAL F 157 -25.69 19.98 8.09
CA VAL F 157 -25.99 19.62 9.47
C VAL F 157 -25.68 18.14 9.67
N ILE F 158 -24.86 17.84 10.66
CA ILE F 158 -24.50 16.49 11.02
C ILE F 158 -25.00 16.25 12.43
N ASP F 159 -25.77 15.19 12.62
CA ASP F 159 -26.23 14.84 13.96
C ASP F 159 -25.64 13.51 14.38
N VAL F 160 -25.02 13.50 15.57
CA VAL F 160 -24.27 12.35 16.05
C VAL F 160 -25.02 11.73 17.22
N LEU F 161 -24.47 10.65 17.76
CA LEU F 161 -25.18 9.84 18.75
C LEU F 161 -24.19 9.37 19.81
N ILE F 162 -24.21 10.02 20.97
CA ILE F 162 -23.38 9.63 22.09
C ILE F 162 -24.01 8.43 22.79
N GLU F 163 -23.16 7.54 23.30
CA GLU F 163 -23.59 6.40 24.11
C GLU F 163 -24.27 6.86 25.40
N ARG F 164 -24.90 5.90 26.07
CA ARG F 164 -25.72 6.20 27.24
C ARG F 164 -24.86 6.62 28.43
N ARG F 165 -23.78 5.89 28.69
CA ARG F 165 -23.00 6.18 29.89
C ARG F 165 -22.03 7.34 29.72
N PHE F 166 -21.95 7.94 28.54
CA PHE F 166 -21.03 9.04 28.31
C PHE F 166 -21.74 10.36 28.08
N THR F 167 -23.02 10.46 28.46
CA THR F 167 -23.74 11.72 28.30
C THR F 167 -23.25 12.80 29.25
N ASP F 168 -22.52 12.42 30.30
CA ASP F 168 -21.94 13.41 31.19
C ASP F 168 -20.79 14.16 30.52
N LEU F 169 -20.18 13.58 29.49
CA LEU F 169 -18.99 14.17 28.89
C LEU F 169 -19.31 15.43 28.11
N VAL F 170 -20.36 15.39 27.29
CA VAL F 170 -20.65 16.51 26.41
C VAL F 170 -21.21 17.66 27.23
N LYS F 171 -20.43 18.72 27.34
CA LYS F 171 -20.82 19.91 28.08
C LYS F 171 -21.30 20.98 27.12
N LYS F 172 -21.79 22.08 27.67
CA LYS F 172 -22.22 23.19 26.83
C LYS F 172 -21.04 23.87 26.14
N GLY F 173 -19.88 23.87 26.78
CA GLY F 173 -18.73 24.54 26.22
C GLY F 173 -17.77 23.60 25.53
N SER F 174 -18.27 22.48 25.03
CA SER F 174 -17.43 21.52 24.34
C SER F 174 -17.22 21.96 22.90
N ARG F 175 -16.08 21.60 22.33
CA ARG F 175 -15.75 21.90 20.95
C ARG F 175 -15.50 20.61 20.21
N PHE F 176 -16.01 20.53 18.98
CA PHE F 176 -15.87 19.33 18.18
C PHE F 176 -14.96 19.65 17.01
N TRP F 177 -13.91 18.86 16.82
CA TRP F 177 -13.03 19.08 15.68
C TRP F 177 -12.94 17.83 14.83
N ASN F 178 -12.58 18.03 13.58
CA ASN F 178 -12.54 16.97 12.59
C ASN F 178 -11.19 16.28 12.62
N VAL F 179 -11.21 14.97 12.51
CA VAL F 179 -10.03 14.17 12.25
C VAL F 179 -10.36 13.17 11.13
N SER F 180 -9.88 13.46 9.92
CA SER F 180 -10.16 12.61 8.77
C SER F 180 -9.10 12.87 7.71
N GLY F 181 -8.75 11.82 6.98
CA GLY F 181 -7.70 11.92 5.99
C GLY F 181 -6.32 11.91 6.61
N VAL F 182 -5.31 12.18 5.78
CA VAL F 182 -3.93 12.18 6.24
C VAL F 182 -3.13 13.15 5.37
N ASP F 183 -2.07 13.69 5.94
CA ASP F 183 -1.17 14.59 5.23
C ASP F 183 0.27 14.27 5.64
N ALA F 184 1.19 15.18 5.33
CA ALA F 184 2.57 15.06 5.78
C ALA F 184 2.95 16.33 6.51
N ASN F 185 3.66 16.18 7.64
CA ASN F 185 4.07 17.32 8.45
C ASN F 185 5.57 17.52 8.26
N VAL F 186 5.94 18.37 7.31
CA VAL F 186 7.34 18.67 7.05
C VAL F 186 7.66 20.01 7.72
N SER F 187 8.57 19.98 8.68
CA SER F 187 9.11 21.20 9.27
C SER F 187 10.57 21.34 8.85
N ILE F 188 11.22 22.37 9.36
CA ILE F 188 12.64 22.56 9.09
C ILE F 188 13.46 21.61 9.95
N SER F 189 14.65 21.28 9.46
CA SER F 189 15.60 20.33 10.07
C SER F 189 14.92 18.97 10.30
N GLY F 190 14.49 18.37 9.21
CA GLY F 190 13.85 17.07 9.33
C GLY F 190 12.35 17.15 9.35
N ALA F 191 11.72 16.07 8.88
CA ALA F 191 10.27 15.97 8.75
C ALA F 191 9.80 14.67 9.40
N LYS F 192 8.68 14.74 10.11
CA LYS F 192 8.05 13.54 10.64
C LYS F 192 6.56 13.59 10.35
N VAL F 193 6.03 12.46 9.89
CA VAL F 193 4.69 12.38 9.31
C VAL F 193 3.80 11.60 10.25
N LYS F 194 2.97 12.31 11.00
CA LYS F 194 1.91 11.71 11.80
C LYS F 194 0.70 12.63 11.74
N LEU F 195 -0.43 12.10 11.33
CA LEU F 195 -1.66 12.85 11.51
C LEU F 195 -2.66 12.12 12.39
N GLU F 196 -3.10 10.91 12.02
CA GLU F 196 -4.25 10.28 12.67
C GLU F 196 -4.04 8.77 12.77
N SER F 197 -5.01 8.09 13.37
CA SER F 197 -5.01 6.64 13.49
C SER F 197 -5.53 5.99 12.22
N LEU F 198 -5.38 4.66 12.14
CA LEU F 198 -5.73 3.97 10.90
C LEU F 198 -7.23 3.75 10.74
N ALA F 199 -8.00 3.85 11.83
CA ALA F 199 -9.44 3.69 11.71
C ALA F 199 -10.07 4.93 11.08
N ALA F 200 -9.49 6.10 11.34
CA ALA F 200 -10.05 7.35 10.86
C ALA F 200 -9.80 7.57 9.37
N LEU F 201 -8.82 6.88 8.78
CA LEU F 201 -8.43 7.17 7.40
C LEU F 201 -9.48 6.70 6.42
N VAL F 202 -10.14 5.59 6.71
CA VAL F 202 -11.00 4.95 5.73
C VAL F 202 -12.37 5.60 5.71
N ASN F 203 -12.93 5.88 6.88
CA ASN F 203 -14.32 6.31 6.96
C ASN F 203 -14.51 7.65 7.63
N GLY F 204 -13.55 8.15 8.39
CA GLY F 204 -13.66 9.45 9.03
C GLY F 204 -13.82 9.32 10.53
N ALA F 205 -13.60 10.44 11.22
CA ALA F 205 -13.72 10.47 12.67
C ALA F 205 -13.95 11.90 13.11
N ILE F 206 -14.41 12.04 14.35
CA ILE F 206 -14.62 13.33 15.00
C ILE F 206 -14.17 13.19 16.45
N ALA F 207 -13.22 14.00 16.87
CA ALA F 207 -12.84 14.00 18.27
C ALA F 207 -13.48 15.19 18.96
N PHE F 208 -13.48 15.17 20.29
CA PHE F 208 -13.98 16.33 21.02
C PHE F 208 -13.29 16.44 22.37
N ASP F 209 -13.50 17.60 22.99
CA ASP F 209 -12.93 17.93 24.28
C ASP F 209 -14.06 18.23 25.25
N SER F 210 -13.82 17.94 26.52
CA SER F 210 -14.75 18.28 27.59
C SER F 210 -14.10 19.29 28.52
N PRO F 211 -14.59 20.53 28.57
CA PRO F 211 -14.05 21.49 29.52
C PRO F 211 -14.45 21.13 30.94
N GLU F 212 -13.75 21.74 31.89
CA GLU F 212 -13.87 21.30 33.28
C GLU F 212 -15.14 21.84 33.94
N GLU F 213 -15.36 23.14 33.85
CA GLU F 213 -16.48 23.79 34.52
C GLU F 213 -17.47 24.25 33.47
N SER F 214 -18.49 23.42 33.20
CA SER F 214 -19.54 23.76 32.27
C SER F 214 -20.76 22.90 32.60
N LYS F 215 -21.93 23.41 32.24
CA LYS F 215 -23.15 22.62 32.39
C LYS F 215 -23.16 21.50 31.35
N PRO F 216 -23.73 20.35 31.68
CA PRO F 216 -23.82 19.25 30.70
C PRO F 216 -24.83 19.58 29.60
N ALA F 217 -24.43 19.35 28.37
CA ALA F 217 -25.29 19.65 27.24
C ALA F 217 -26.33 18.56 27.05
N GLU F 218 -27.41 18.91 26.38
CA GLU F 218 -28.51 17.98 26.18
C GLU F 218 -29.38 18.46 25.04
N ALA F 219 -30.19 17.53 24.52
CA ALA F 219 -31.44 17.78 23.79
C ALA F 219 -31.22 18.63 22.53
N GLU F 220 -30.49 18.03 21.58
CA GLU F 220 -30.32 18.54 20.21
C GLU F 220 -29.70 19.93 20.19
N ASP F 221 -28.68 20.14 21.02
CA ASP F 221 -27.95 21.39 21.00
C ASP F 221 -27.02 21.40 19.80
N THR F 222 -26.82 22.58 19.23
CA THR F 222 -25.93 22.71 18.09
C THR F 222 -24.49 22.94 18.55
N PHE F 223 -23.56 22.63 17.66
CA PHE F 223 -22.14 22.86 17.90
C PHE F 223 -21.48 23.16 16.57
N GLY F 224 -20.42 23.96 16.62
CA GLY F 224 -19.59 24.14 15.45
C GLY F 224 -18.59 23.01 15.30
N LEU F 225 -18.31 22.66 14.05
CA LEU F 225 -17.33 21.63 13.74
C LEU F 225 -16.09 22.33 13.19
N TYR F 226 -15.01 22.32 13.97
CA TYR F 226 -13.76 22.86 13.48
C TYR F 226 -13.07 21.84 12.61
N GLU F 227 -12.25 22.33 11.68
CA GLU F 227 -11.68 21.45 10.69
C GLU F 227 -10.33 20.87 11.09
N ASP F 228 -9.86 21.18 12.30
CA ASP F 228 -8.56 20.71 12.76
C ASP F 228 -8.52 20.88 14.27
N LEU F 229 -7.59 20.16 14.91
CA LEU F 229 -7.29 20.42 16.31
C LEU F 229 -6.73 21.83 16.51
N ALA F 230 -5.93 22.29 15.56
CA ALA F 230 -5.33 23.62 15.66
C ALA F 230 -6.38 24.71 15.55
N HIS F 231 -7.40 24.49 14.73
CA HIS F 231 -8.50 25.44 14.66
C HIS F 231 -9.45 25.33 15.84
N SER F 232 -9.30 24.32 16.68
CA SER F 232 -10.16 24.15 17.84
C SER F 232 -9.53 24.70 19.12
N GLN F 233 -8.51 25.54 18.99
CA GLN F 233 -7.87 26.11 20.17
C GLN F 233 -8.76 27.17 20.79
N ARG F 234 -8.86 27.13 22.12
CA ARG F 234 -9.52 28.20 22.84
C ARG F 234 -8.63 29.43 22.84
N GLY F 235 -9.23 30.57 23.13
CA GLY F 235 -8.49 31.81 23.18
C GLY F 235 -9.40 33.00 23.01
N VAL F 236 -8.77 34.17 22.92
CA VAL F 236 -9.47 35.43 22.78
C VAL F 236 -9.15 36.02 21.41
N ILE F 237 -10.19 36.38 20.67
CA ILE F 237 -10.00 37.01 19.38
C ILE F 237 -9.47 38.42 19.58
N ILE F 238 -8.39 38.76 18.88
CA ILE F 238 -7.82 40.10 18.89
C ILE F 238 -7.76 40.59 17.45
N LYS F 239 -8.50 41.66 17.16
CA LYS F 239 -8.50 42.20 15.81
C LYS F 239 -7.25 43.04 15.57
N LEU F 240 -6.65 42.87 14.41
CA LEU F 240 -5.46 43.62 14.02
C LEU F 240 -5.73 44.39 12.75
N GLU F 241 -5.26 45.64 12.71
CA GLU F 241 -5.33 46.46 11.52
C GLU F 241 -3.93 46.51 10.92
N LEU F 242 -3.66 45.59 10.03
CA LEU F 242 -2.33 45.38 9.49
C LEU F 242 -2.00 46.44 8.43
N PRO F 243 -0.72 46.80 8.29
CA PRO F 243 -0.36 47.75 7.24
C PRO F 243 -0.49 47.18 5.84
N SER F 244 0.12 46.02 5.59
CA SER F 244 0.02 45.33 4.32
C SER F 244 0.40 43.88 4.55
N GLY F 245 -0.44 42.96 4.11
CA GLY F 245 -0.19 41.55 4.36
C GLY F 245 0.80 41.00 3.37
N ALA F 246 2.08 41.33 3.55
CA ALA F 246 3.08 41.03 2.51
C ALA F 246 3.56 39.60 2.65
N GLY F 247 4.07 39.23 3.80
CA GLY F 247 4.59 37.89 3.99
C GLY F 247 3.78 37.11 5.01
N LEU F 248 2.57 37.58 5.27
CA LEU F 248 1.74 37.00 6.30
C LEU F 248 0.97 35.81 5.76
N THR F 249 0.83 34.78 6.59
CA THR F 249 0.17 33.54 6.22
C THR F 249 -1.09 33.41 7.07
N ALA F 250 -2.11 32.76 6.52
CA ALA F 250 -3.44 32.77 7.12
C ALA F 250 -3.49 32.05 8.46
N ASP F 251 -2.74 30.95 8.61
CA ASP F 251 -2.78 30.17 9.84
C ASP F 251 -1.39 29.77 10.32
N SER F 252 -0.33 30.42 9.82
CA SER F 252 1.02 30.00 10.14
C SER F 252 1.91 31.10 10.67
N THR F 253 1.44 32.35 10.76
CA THR F 253 2.26 33.44 11.23
C THR F 253 2.07 33.57 12.73
N PRO F 254 3.10 33.33 13.55
CA PRO F 254 2.91 33.25 14.98
C PRO F 254 3.09 34.61 15.65
N LEU F 255 2.77 34.64 16.94
CA LEU F 255 2.98 35.81 17.79
C LEU F 255 4.02 35.42 18.84
N MET F 256 5.24 35.92 18.67
CA MET F 256 6.29 35.61 19.63
C MET F 256 6.15 36.47 20.87
N TYR F 257 6.68 35.95 21.98
CA TYR F 257 6.87 36.71 23.20
C TYR F 257 7.97 36.01 23.98
N GLN F 258 9.07 36.73 24.21
CA GLN F 258 10.29 36.19 24.83
C GLN F 258 10.83 34.98 24.08
N GLY F 259 10.63 34.96 22.76
CA GLY F 259 11.01 33.84 21.92
C GLY F 259 10.02 32.70 21.87
N LEU F 260 8.98 32.71 22.70
CA LEU F 260 8.03 31.62 22.75
C LEU F 260 6.77 31.97 21.97
N GLU F 261 6.10 30.93 21.48
CA GLU F 261 4.88 31.14 20.72
C GLU F 261 3.70 31.33 21.67
N VAL F 262 3.01 32.44 21.51
CA VAL F 262 1.85 32.77 22.32
C VAL F 262 0.58 32.73 21.49
N GLY F 263 0.56 33.47 20.38
CA GLY F 263 -0.62 33.57 19.55
C GLY F 263 -0.38 32.98 18.17
N GLN F 264 -1.42 33.03 17.37
CA GLN F 264 -1.40 32.49 16.03
C GLN F 264 -2.38 33.29 15.21
N LEU F 265 -1.89 33.86 14.11
CA LEU F 265 -2.78 34.56 13.20
C LEU F 265 -3.74 33.57 12.55
N THR F 266 -5.02 33.90 12.55
CA THR F 266 -6.03 32.95 12.11
C THR F 266 -6.81 33.38 10.89
N LYS F 267 -7.07 34.66 10.72
CA LYS F 267 -7.85 35.11 9.58
C LYS F 267 -7.17 36.34 8.99
N LEU F 268 -7.18 36.45 7.67
CA LEU F 268 -6.54 37.56 6.98
C LEU F 268 -7.45 38.00 5.86
N ASP F 269 -7.81 39.28 5.85
CA ASP F 269 -8.87 39.77 4.98
C ASP F 269 -8.41 40.99 4.21
N LEU F 270 -9.04 41.22 3.07
CA LEU F 270 -8.85 42.44 2.29
C LEU F 270 -10.17 43.20 2.33
N ASN F 271 -10.26 44.18 3.21
CA ASN F 271 -11.44 45.00 3.28
C ASN F 271 -11.48 45.95 2.07
N PRO F 272 -12.67 46.38 1.65
CA PRO F 272 -12.74 47.40 0.60
C PRO F 272 -12.18 48.73 1.09
N GLY F 273 -11.58 49.47 0.17
CA GLY F 273 -10.81 50.63 0.52
C GLY F 273 -9.34 50.37 0.70
N GLY F 274 -8.88 49.14 0.49
CA GLY F 274 -7.47 48.82 0.57
C GLY F 274 -6.96 48.79 2.00
N LYS F 275 -7.67 48.09 2.88
CA LYS F 275 -7.29 47.98 4.29
C LYS F 275 -7.15 46.50 4.62
N VAL F 276 -5.92 46.03 4.72
CA VAL F 276 -5.67 44.63 5.07
C VAL F 276 -5.82 44.49 6.57
N THR F 277 -6.89 43.83 7.01
CA THR F 277 -7.15 43.60 8.41
C THR F 277 -7.23 42.10 8.68
N GLY F 278 -6.80 41.71 9.88
CA GLY F 278 -6.86 40.32 10.29
C GLY F 278 -7.22 40.21 11.75
N GLU F 279 -7.24 38.98 12.23
CA GLU F 279 -7.57 38.74 13.63
C GLU F 279 -6.76 37.55 14.12
N MET F 280 -6.61 37.47 15.44
CA MET F 280 -5.64 36.58 16.04
C MET F 280 -6.21 35.94 17.29
N THR F 281 -5.93 34.66 17.49
CA THR F 281 -6.21 33.98 18.73
C THR F 281 -4.95 33.97 19.58
N VAL F 282 -5.11 34.06 20.90
CA VAL F 282 -3.99 34.08 21.83
C VAL F 282 -4.19 33.01 22.89
N ASP F 283 -3.12 32.74 23.61
CA ASP F 283 -3.19 31.93 24.82
C ASP F 283 -3.98 32.71 25.87
N PRO F 284 -4.94 32.08 26.55
CA PRO F 284 -5.65 32.79 27.63
C PRO F 284 -4.80 33.14 28.84
N SER F 285 -3.60 32.58 28.97
CA SER F 285 -2.72 32.98 30.07
C SER F 285 -2.12 34.36 29.86
N VAL F 286 -2.10 34.86 28.62
CA VAL F 286 -1.38 36.07 28.27
C VAL F 286 -2.35 37.24 28.08
N VAL F 287 -3.66 37.01 28.23
CA VAL F 287 -4.68 38.05 28.06
C VAL F 287 -4.52 39.15 29.10
N THR F 288 -3.99 38.81 30.28
CA THR F 288 -3.71 39.82 31.30
C THR F 288 -2.66 40.82 30.85
N LEU F 289 -1.74 40.42 29.97
CA LEU F 289 -0.79 41.36 29.41
C LEU F 289 -1.41 42.25 28.33
N LEU F 290 -2.48 41.80 27.69
CA LEU F 290 -3.13 42.60 26.66
C LEU F 290 -3.94 43.71 27.31
N ARG F 291 -3.41 44.93 27.28
CA ARG F 291 -4.05 46.07 27.91
C ARG F 291 -3.97 47.25 26.95
N GLU F 292 -4.25 48.44 27.47
CA GLU F 292 -3.92 49.66 26.75
C GLU F 292 -2.40 49.81 26.63
N ASN F 293 -2.01 50.73 25.74
CA ASN F 293 -0.64 51.04 25.26
C ASN F 293 0.25 49.79 25.13
N THR F 294 -0.33 48.75 24.51
CA THR F 294 0.32 47.48 24.26
C THR F 294 0.59 47.38 22.77
N ARG F 295 1.85 47.22 22.40
CA ARG F 295 2.25 47.33 21.00
C ARG F 295 2.52 45.97 20.38
N ILE F 296 2.10 45.82 19.13
CA ILE F 296 2.36 44.63 18.32
C ILE F 296 3.03 45.10 17.03
N GLU F 297 4.31 44.81 16.89
CA GLU F 297 5.05 45.14 15.68
C GLU F 297 5.70 43.88 15.10
N LEU F 298 5.89 43.88 13.79
CA LEU F 298 6.41 42.71 13.10
C LEU F 298 7.93 42.79 12.93
N ARG F 299 8.60 41.68 13.16
CA ARG F 299 10.04 41.56 13.02
C ARG F 299 10.38 40.82 11.75
N ASN F 300 11.37 41.32 11.02
CA ASN F 300 11.82 40.67 9.81
C ASN F 300 12.81 39.55 10.14
N PRO F 301 12.89 38.51 9.30
CA PRO F 301 13.94 37.49 9.49
C PRO F 301 15.29 37.97 8.94
N LYS F 302 15.88 38.92 9.64
CA LYS F 302 17.07 39.62 9.16
C LYS F 302 18.31 38.74 9.28
N LEU F 303 19.27 39.00 8.39
CA LEU F 303 20.56 38.31 8.41
C LEU F 303 21.47 39.01 9.40
N SER F 304 21.63 38.42 10.58
CA SER F 304 22.47 38.98 11.63
C SER F 304 23.88 38.42 11.50
N LEU F 305 24.87 39.31 11.54
CA LEU F 305 26.26 38.90 11.35
C LEU F 305 26.80 38.12 12.53
N SER F 306 26.25 38.34 13.73
CA SER F 306 26.72 37.65 14.93
C SER F 306 25.97 36.34 15.17
N ASP F 307 24.64 36.35 15.03
CA ASP F 307 23.82 35.16 15.22
C ASP F 307 23.24 34.77 13.86
N ALA F 308 23.95 33.89 13.16
CA ALA F 308 23.51 33.42 11.85
C ALA F 308 22.66 32.17 12.07
N ASN F 309 21.35 32.33 11.98
CA ASN F 309 20.41 31.25 12.20
C ASN F 309 19.68 30.89 10.91
N LEU F 310 19.68 29.60 10.58
CA LEU F 310 19.00 29.18 9.36
C LEU F 310 17.51 29.03 9.57
N SER F 311 17.08 28.79 10.81
CA SER F 311 15.69 28.46 11.06
C SER F 311 14.78 29.69 10.95
N ALA F 312 15.28 30.85 11.35
CA ALA F 312 14.44 32.05 11.35
C ALA F 312 14.21 32.55 9.93
N LEU F 313 15.20 32.40 9.05
CA LEU F 313 15.05 32.91 7.69
C LEU F 313 14.08 32.09 6.85
N LEU F 314 13.78 30.85 7.26
CA LEU F 314 12.75 30.09 6.57
C LEU F 314 11.35 30.50 7.00
N THR F 315 11.20 30.99 8.23
CA THR F 315 9.87 31.28 8.76
C THR F 315 9.26 32.52 8.13
N GLY F 316 10.03 33.60 8.01
CA GLY F 316 9.51 34.81 7.40
C GLY F 316 9.09 35.83 8.42
N LYS F 317 7.97 36.52 8.15
CA LYS F 317 7.47 37.56 9.03
C LYS F 317 7.05 36.99 10.38
N THR F 318 7.21 37.81 11.41
CA THR F 318 7.05 37.31 12.77
C THR F 318 6.48 38.43 13.64
N PHE F 319 5.33 38.19 14.24
CA PHE F 319 4.71 39.18 15.11
C PHE F 319 5.31 39.13 16.50
N GLU F 320 5.64 40.30 17.03
CA GLU F 320 6.25 40.45 18.34
C GLU F 320 5.28 41.18 19.26
N LEU F 321 5.18 40.71 20.50
CA LEU F 321 4.31 41.32 21.50
C LEU F 321 5.16 41.90 22.63
N VAL F 322 4.94 43.16 22.94
CA VAL F 322 5.52 43.78 24.13
C VAL F 322 4.36 44.18 25.05
N PRO F 323 4.48 43.96 26.36
CA PRO F 323 3.33 44.18 27.25
C PRO F 323 3.07 45.66 27.50
N GLY F 324 1.90 45.93 28.08
CA GLY F 324 1.52 47.27 28.43
C GLY F 324 0.64 47.27 29.67
N ASP F 325 0.30 48.46 30.13
CA ASP F 325 -0.51 48.62 31.32
C ASP F 325 -1.74 49.48 31.01
N GLY F 326 -2.76 49.33 31.85
CA GLY F 326 -3.96 50.11 31.70
C GLY F 326 -5.20 49.26 31.54
N GLU F 327 -6.20 49.82 30.88
CA GLU F 327 -7.45 49.11 30.68
C GLU F 327 -7.24 48.01 29.64
N PRO F 328 -7.83 46.83 29.84
CA PRO F 328 -7.73 45.78 28.82
C PRO F 328 -8.55 46.13 27.58
N ARG F 329 -7.86 46.23 26.45
CA ARG F 329 -8.49 46.41 25.15
C ARG F 329 -8.29 45.16 24.32
N LYS F 330 -9.14 44.99 23.31
CA LYS F 330 -9.19 43.75 22.56
C LYS F 330 -8.85 43.94 21.08
N GLU F 331 -8.30 45.09 20.72
CA GLU F 331 -7.91 45.31 19.34
C GLU F 331 -6.67 46.20 19.30
N PHE F 332 -5.88 46.03 18.26
CA PHE F 332 -4.66 46.80 18.11
C PHE F 332 -4.46 47.16 16.65
N VAL F 333 -3.58 48.12 16.42
CA VAL F 333 -3.24 48.57 15.08
C VAL F 333 -1.74 48.39 14.90
N VAL F 334 -1.35 47.61 13.91
CA VAL F 334 0.06 47.38 13.60
C VAL F 334 0.51 48.42 12.59
N VAL F 335 1.60 49.12 12.91
CA VAL F 335 2.16 50.14 12.02
C VAL F 335 3.26 49.56 11.16
#